data_5SXY
#
_entry.id   5SXY
#
_entity_poly.entity_id   1
_entity_poly.type   'polypeptide(L)'
_entity_poly.pdbx_seq_one_letter_code
;MEPTAFSGSDVPRLPRGVRLRFDEVRNKHVLLAPERTFDLDDNAVAVLKLVDGRNTVSQIAQILGQTYDADPAIIEADIL
PMLAGLAQKRVLER
;
_entity_poly.pdbx_strand_id   A
#
# COMPACT_ATOMS: atom_id res chain seq x y z
N MET A 1 15.55 12.89 3.39
CA MET A 1 16.38 12.84 2.17
C MET A 1 16.65 11.38 1.79
N GLU A 2 15.82 10.48 2.32
CA GLU A 2 15.96 9.05 2.03
C GLU A 2 14.72 8.30 2.50
N PRO A 3 13.55 8.69 2.06
CA PRO A 3 12.27 8.02 2.46
C PRO A 3 12.17 6.61 1.90
N THR A 4 12.98 6.32 0.87
CA THR A 4 12.96 5.00 0.25
C THR A 4 13.71 4.01 1.11
N ALA A 5 13.07 3.60 2.21
CA ALA A 5 13.69 2.65 3.12
C ALA A 5 12.67 2.08 4.09
N PHE A 6 11.67 1.37 3.56
CA PHE A 6 10.63 0.75 4.38
C PHE A 6 11.04 -0.67 4.79
N SER A 7 11.19 -0.88 6.10
CA SER A 7 11.58 -2.19 6.63
C SER A 7 10.34 -2.98 7.01
N GLY A 8 10.55 -4.20 7.52
CA GLY A 8 9.43 -5.05 7.93
C GLY A 8 8.68 -4.43 9.10
N SER A 9 9.42 -3.85 10.05
CA SER A 9 8.82 -3.24 11.22
C SER A 9 8.12 -1.92 10.85
N ASP A 10 8.45 -1.39 9.67
CA ASP A 10 7.84 -0.14 9.22
C ASP A 10 6.39 -0.38 8.84
N VAL A 11 5.47 0.23 9.59
CA VAL A 11 4.03 0.06 9.34
C VAL A 11 3.49 1.20 8.44
N PRO A 12 2.83 0.92 7.32
CA PRO A 12 2.28 2.00 6.45
C PRO A 12 0.98 2.58 7.01
N ARG A 13 0.72 3.84 6.70
CA ARG A 13 -0.50 4.51 7.16
C ARG A 13 -0.82 5.69 6.24
N LEU A 14 -2.07 5.76 5.78
CA LEU A 14 -2.50 6.83 4.88
C LEU A 14 -2.57 8.17 5.64
N PRO A 15 -1.96 9.25 5.15
CA PRO A 15 -2.00 10.56 5.86
C PRO A 15 -3.37 11.24 5.71
N ARG A 16 -3.70 12.12 6.66
CA ARG A 16 -4.97 12.82 6.64
C ARG A 16 -5.17 13.54 5.31
N GLY A 17 -6.43 13.71 4.92
CA GLY A 17 -6.75 14.38 3.66
C GLY A 17 -6.61 13.44 2.48
N VAL A 18 -6.60 12.13 2.77
CA VAL A 18 -6.47 11.10 1.73
C VAL A 18 -7.47 9.98 1.95
N ARG A 19 -8.16 9.58 0.88
CA ARG A 19 -9.15 8.52 0.94
C ARG A 19 -9.00 7.57 -0.24
N LEU A 20 -9.47 6.34 -0.07
CA LEU A 20 -9.38 5.33 -1.13
C LEU A 20 -10.66 5.35 -1.97
N ARG A 21 -10.51 5.11 -3.28
CA ARG A 21 -11.66 5.10 -4.19
C ARG A 21 -11.51 3.97 -5.21
N PHE A 22 -12.62 3.31 -5.54
CA PHE A 22 -12.63 2.21 -6.49
C PHE A 22 -13.26 2.64 -7.81
N ASP A 23 -12.50 2.54 -8.90
CA ASP A 23 -12.99 2.92 -10.23
C ASP A 23 -13.64 1.73 -10.91
N GLU A 24 -14.97 1.71 -10.93
CA GLU A 24 -15.70 0.62 -11.56
C GLU A 24 -15.43 0.59 -13.06
N VAL A 25 -15.33 1.77 -13.67
CA VAL A 25 -15.08 1.85 -15.10
C VAL A 25 -13.72 1.24 -15.45
N ARG A 26 -12.70 1.55 -14.66
CA ARG A 26 -11.35 1.02 -14.89
C ARG A 26 -11.12 -0.27 -14.11
N ASN A 27 -12.07 -0.61 -13.23
CA ASN A 27 -11.96 -1.83 -12.43
C ASN A 27 -10.66 -1.87 -11.65
N LYS A 28 -10.22 -0.72 -11.14
CA LYS A 28 -8.98 -0.63 -10.36
C LYS A 28 -9.13 0.41 -9.26
N HIS A 29 -8.31 0.30 -8.22
CA HIS A 29 -8.34 1.24 -7.11
C HIS A 29 -7.35 2.38 -7.35
N VAL A 30 -7.69 3.56 -6.84
CA VAL A 30 -6.83 4.74 -7.00
C VAL A 30 -6.75 5.49 -5.68
N LEU A 31 -5.65 6.23 -5.49
CA LEU A 31 -5.45 7.01 -4.26
C LEU A 31 -5.73 8.48 -4.53
N LEU A 32 -6.64 9.06 -3.76
CA LEU A 32 -6.98 10.47 -3.93
C LEU A 32 -5.89 11.32 -3.28
N ALA A 33 -4.99 11.87 -4.10
CA ALA A 33 -3.89 12.70 -3.58
C ALA A 33 -4.26 14.19 -3.69
N PRO A 34 -3.92 15.02 -2.72
CA PRO A 34 -4.25 16.48 -2.82
C PRO A 34 -3.96 17.06 -4.20
N GLU A 35 -2.94 16.53 -4.87
CA GLU A 35 -2.56 17.01 -6.19
C GLU A 35 -3.62 16.62 -7.22
N ARG A 36 -3.96 15.33 -7.24
CA ARG A 36 -4.96 14.82 -8.17
C ARG A 36 -5.28 13.35 -7.85
N THR A 37 -4.67 12.43 -8.58
CA THR A 37 -4.88 11.00 -8.38
C THR A 37 -3.83 10.20 -9.12
N PHE A 38 -3.53 8.99 -8.61
CA PHE A 38 -2.53 8.12 -9.23
C PHE A 38 -3.12 6.74 -9.50
N ASP A 39 -2.85 6.21 -10.69
CA ASP A 39 -3.35 4.89 -11.06
C ASP A 39 -2.62 3.80 -10.28
N LEU A 40 -3.38 3.03 -9.49
CA LEU A 40 -2.81 1.96 -8.67
C LEU A 40 -3.65 0.69 -8.81
N ASP A 41 -3.04 -0.46 -8.52
CA ASP A 41 -3.73 -1.74 -8.62
C ASP A 41 -4.49 -2.02 -7.33
N ASP A 42 -5.50 -2.87 -7.43
CA ASP A 42 -6.31 -3.22 -6.26
C ASP A 42 -5.45 -3.89 -5.20
N ASN A 43 -4.47 -4.68 -5.63
CA ASN A 43 -3.59 -5.38 -4.71
C ASN A 43 -2.78 -4.40 -3.87
N ALA A 44 -2.32 -3.32 -4.50
CA ALA A 44 -1.53 -2.31 -3.80
C ALA A 44 -2.39 -1.55 -2.80
N VAL A 45 -3.65 -1.31 -3.17
CA VAL A 45 -4.58 -0.59 -2.29
C VAL A 45 -5.28 -1.57 -1.34
N ALA A 46 -5.29 -2.85 -1.70
CA ALA A 46 -5.93 -3.87 -0.88
C ALA A 46 -5.34 -3.88 0.52
N VAL A 47 -4.01 -3.93 0.59
CA VAL A 47 -3.33 -3.95 1.87
C VAL A 47 -3.61 -2.66 2.64
N LEU A 48 -3.64 -1.54 1.92
CA LEU A 48 -3.91 -0.25 2.55
C LEU A 48 -5.35 -0.17 3.02
N LYS A 49 -6.25 -0.85 2.30
CA LYS A 49 -7.68 -0.86 2.67
C LYS A 49 -7.96 -1.97 3.68
N LEU A 50 -7.20 -3.06 3.61
CA LEU A 50 -7.41 -4.20 4.51
C LEU A 50 -6.92 -3.86 5.92
N VAL A 51 -5.89 -3.02 6.02
CA VAL A 51 -5.36 -2.63 7.31
C VAL A 51 -6.29 -1.63 8.00
N ASP A 52 -6.67 -1.94 9.24
CA ASP A 52 -7.55 -1.06 10.00
C ASP A 52 -6.81 0.24 10.36
N GLY A 53 -5.54 0.10 10.77
CA GLY A 53 -4.71 1.26 11.15
C GLY A 53 -3.25 1.02 10.76
N ARG A 54 -2.43 0.62 11.74
CA ARG A 54 -1.01 0.35 11.50
C ARG A 54 -0.70 -1.14 11.71
N ASN A 55 -0.53 -1.88 10.61
CA ASN A 55 -0.18 -3.31 10.66
C ASN A 55 1.18 -3.55 10.02
N THR A 56 1.83 -4.64 10.42
CA THR A 56 3.14 -4.99 9.86
C THR A 56 2.94 -5.67 8.51
N VAL A 57 3.82 -5.36 7.56
CA VAL A 57 3.72 -5.95 6.23
C VAL A 57 3.70 -7.48 6.32
N SER A 58 4.56 -8.02 7.17
CA SER A 58 4.63 -9.47 7.34
C SER A 58 3.28 -10.04 7.76
N GLN A 59 2.60 -9.36 8.67
CA GLN A 59 1.30 -9.81 9.14
C GLN A 59 0.29 -9.81 8.00
N ILE A 60 0.24 -8.70 7.26
CA ILE A 60 -0.67 -8.58 6.14
C ILE A 60 -0.37 -9.65 5.10
N ALA A 61 0.92 -9.85 4.85
CA ALA A 61 1.36 -10.84 3.87
C ALA A 61 0.77 -12.21 4.19
N GLN A 62 0.67 -12.55 5.47
CA GLN A 62 0.11 -13.84 5.86
C GLN A 62 -1.35 -13.94 5.46
N ILE A 63 -2.15 -12.95 5.87
CA ILE A 63 -3.56 -12.96 5.55
C ILE A 63 -3.78 -12.85 4.05
N LEU A 64 -3.10 -11.90 3.42
CA LEU A 64 -3.22 -11.72 1.98
C LEU A 64 -2.60 -12.92 1.24
N GLY A 65 -1.50 -13.43 1.76
CA GLY A 65 -0.82 -14.55 1.14
C GLY A 65 -1.74 -15.77 1.06
N GLN A 66 -2.49 -16.02 2.13
CA GLN A 66 -3.41 -17.15 2.15
C GLN A 66 -4.53 -16.94 1.12
N THR A 67 -4.88 -15.69 0.88
CA THR A 67 -5.94 -15.40 -0.09
C THR A 67 -5.54 -15.88 -1.48
N TYR A 68 -4.33 -15.52 -1.91
CA TYR A 68 -3.82 -15.94 -3.22
C TYR A 68 -2.98 -17.21 -3.09
N ASP A 69 -2.82 -17.70 -1.87
CA ASP A 69 -2.04 -18.92 -1.63
C ASP A 69 -0.67 -18.82 -2.28
N ALA A 70 0.13 -17.84 -1.83
CA ALA A 70 1.48 -17.62 -2.36
C ALA A 70 2.46 -17.35 -1.23
N ASP A 71 3.74 -17.58 -1.49
CA ASP A 71 4.77 -17.36 -0.48
C ASP A 71 4.71 -15.92 0.05
N PRO A 72 4.37 -15.70 1.32
CA PRO A 72 4.29 -14.31 1.87
C PRO A 72 5.54 -13.48 1.55
N ALA A 73 6.69 -14.14 1.49
CA ALA A 73 7.95 -13.44 1.19
C ALA A 73 7.81 -12.62 -0.09
N ILE A 74 7.13 -13.18 -1.07
CA ILE A 74 6.92 -12.48 -2.34
C ILE A 74 5.92 -11.34 -2.15
N ILE A 75 4.86 -11.60 -1.40
CA ILE A 75 3.83 -10.60 -1.17
C ILE A 75 4.39 -9.38 -0.45
N GLU A 76 5.12 -9.60 0.65
CA GLU A 76 5.69 -8.49 1.40
C GLU A 76 6.72 -7.75 0.55
N ALA A 77 7.55 -8.52 -0.15
CA ALA A 77 8.58 -7.96 -1.01
C ALA A 77 7.97 -7.17 -2.16
N ASP A 78 6.70 -7.47 -2.48
CA ASP A 78 6.02 -6.78 -3.58
C ASP A 78 5.55 -5.39 -3.15
N ILE A 79 4.84 -5.33 -2.03
CA ILE A 79 4.33 -4.05 -1.52
C ILE A 79 5.45 -3.21 -0.89
N LEU A 80 6.39 -3.85 -0.20
CA LEU A 80 7.50 -3.14 0.44
C LEU A 80 8.08 -2.04 -0.47
N PRO A 81 8.59 -2.36 -1.65
CA PRO A 81 9.16 -1.34 -2.58
C PRO A 81 8.11 -0.31 -3.04
N MET A 82 6.84 -0.70 -2.99
CA MET A 82 5.76 0.20 -3.40
C MET A 82 5.66 1.39 -2.45
N LEU A 83 5.91 1.14 -1.17
CA LEU A 83 5.82 2.20 -0.16
C LEU A 83 6.81 3.32 -0.47
N ALA A 84 8.02 2.94 -0.88
CA ALA A 84 9.04 3.94 -1.22
C ALA A 84 8.57 4.80 -2.39
N GLY A 85 7.94 4.15 -3.37
CA GLY A 85 7.44 4.86 -4.55
C GLY A 85 6.35 5.85 -4.18
N LEU A 86 5.48 5.44 -3.27
CA LEU A 86 4.37 6.30 -2.83
C LEU A 86 4.92 7.51 -2.06
N ALA A 87 5.92 7.27 -1.22
CA ALA A 87 6.50 8.36 -0.43
C ALA A 87 6.98 9.50 -1.33
N GLN A 88 7.52 9.15 -2.49
CA GLN A 88 8.01 10.15 -3.43
C GLN A 88 6.88 11.05 -3.92
N LYS A 89 5.64 10.57 -3.79
CA LYS A 89 4.46 11.34 -4.24
C LYS A 89 3.91 12.17 -3.09
N ARG A 90 4.53 12.04 -1.92
CA ARG A 90 4.11 12.78 -0.73
C ARG A 90 2.68 12.40 -0.34
N VAL A 91 2.45 11.11 -0.13
CA VAL A 91 1.13 10.61 0.25
C VAL A 91 1.24 9.48 1.27
N LEU A 92 2.47 9.21 1.72
CA LEU A 92 2.71 8.15 2.71
C LEU A 92 3.79 8.58 3.70
N GLU A 93 3.56 8.28 4.98
CA GLU A 93 4.52 8.62 6.03
C GLU A 93 4.41 7.62 7.18
N ARG A 94 5.57 7.18 7.67
CA ARG A 94 5.58 6.20 8.76
C ARG A 94 4.98 6.81 10.02
N MET A 1 19.06 11.06 3.58
CA MET A 1 18.93 9.77 2.85
C MET A 1 17.62 9.75 2.07
N GLU A 2 17.56 8.96 1.01
CA GLU A 2 16.36 8.88 0.19
C GLU A 2 15.25 8.12 0.94
N PRO A 3 14.00 8.45 0.71
CA PRO A 3 12.85 7.76 1.39
C PRO A 3 12.69 6.31 0.92
N THR A 4 13.31 5.97 -0.21
CA THR A 4 13.21 4.62 -0.76
C THR A 4 14.08 3.67 0.04
N ALA A 5 13.66 3.39 1.27
CA ALA A 5 14.40 2.48 2.14
C ALA A 5 13.56 2.08 3.34
N PHE A 6 12.35 1.58 3.08
CA PHE A 6 11.46 1.15 4.17
C PHE A 6 11.81 -0.27 4.60
N SER A 7 11.88 -0.49 5.91
CA SER A 7 12.19 -1.80 6.46
C SER A 7 10.90 -2.56 6.75
N GLY A 8 11.05 -3.78 7.27
CA GLY A 8 9.89 -4.61 7.59
C GLY A 8 9.17 -4.08 8.83
N SER A 9 9.92 -3.45 9.72
CA SER A 9 9.34 -2.91 10.95
C SER A 9 8.46 -1.70 10.65
N ASP A 10 8.63 -1.13 9.47
CA ASP A 10 7.84 0.02 9.06
C ASP A 10 6.39 -0.41 8.84
N VAL A 11 5.45 0.51 9.08
CA VAL A 11 4.03 0.21 8.92
C VAL A 11 3.34 1.27 8.05
N PRO A 12 2.57 0.89 7.04
CA PRO A 12 1.87 1.88 6.17
C PRO A 12 0.62 2.45 6.84
N ARG A 13 0.32 3.72 6.57
CA ARG A 13 -0.85 4.37 7.13
C ARG A 13 -1.24 5.55 6.27
N LEU A 14 -2.49 5.56 5.81
CA LEU A 14 -2.97 6.66 4.96
C LEU A 14 -3.08 7.96 5.76
N PRO A 15 -2.36 9.03 5.39
CA PRO A 15 -2.43 10.32 6.13
C PRO A 15 -3.71 11.09 5.84
N ARG A 16 -4.06 12.00 6.72
CA ARG A 16 -5.27 12.79 6.55
C ARG A 16 -5.24 13.52 5.20
N GLY A 17 -6.43 13.76 4.66
CA GLY A 17 -6.55 14.44 3.38
C GLY A 17 -6.37 13.46 2.22
N VAL A 18 -6.46 12.17 2.54
CA VAL A 18 -6.30 11.10 1.53
C VAL A 18 -7.37 10.05 1.72
N ARG A 19 -8.03 9.68 0.62
CA ARG A 19 -9.10 8.67 0.64
C ARG A 19 -8.98 7.74 -0.54
N LEU A 20 -9.52 6.52 -0.41
CA LEU A 20 -9.47 5.53 -1.48
C LEU A 20 -10.72 5.63 -2.34
N ARG A 21 -10.60 6.25 -3.51
CA ARG A 21 -11.73 6.41 -4.43
C ARG A 21 -11.79 5.22 -5.37
N PHE A 22 -13.01 4.81 -5.71
CA PHE A 22 -13.23 3.68 -6.61
C PHE A 22 -13.63 4.18 -7.99
N ASP A 23 -12.73 4.02 -8.96
CA ASP A 23 -12.99 4.46 -10.34
C ASP A 23 -13.66 3.33 -11.12
N GLU A 24 -14.99 3.33 -11.14
CA GLU A 24 -15.73 2.30 -11.85
C GLU A 24 -15.41 2.35 -13.34
N VAL A 25 -15.15 3.56 -13.84
CA VAL A 25 -14.84 3.74 -15.25
C VAL A 25 -13.53 3.01 -15.60
N ARG A 26 -12.53 3.13 -14.73
CA ARG A 26 -11.24 2.48 -14.95
C ARG A 26 -11.22 1.10 -14.31
N ASN A 27 -12.27 0.79 -13.54
CA ASN A 27 -12.37 -0.51 -12.89
C ASN A 27 -11.14 -0.80 -12.03
N LYS A 28 -10.58 0.27 -11.45
CA LYS A 28 -9.40 0.13 -10.58
C LYS A 28 -9.48 1.14 -9.45
N HIS A 29 -8.75 0.87 -8.37
CA HIS A 29 -8.72 1.78 -7.22
C HIS A 29 -7.63 2.81 -7.42
N VAL A 30 -7.83 3.99 -6.85
CA VAL A 30 -6.85 5.07 -6.96
C VAL A 30 -6.70 5.78 -5.63
N LEU A 31 -5.55 6.42 -5.43
CA LEU A 31 -5.28 7.15 -4.18
C LEU A 31 -5.42 8.64 -4.43
N LEU A 32 -6.29 9.29 -3.66
CA LEU A 32 -6.48 10.73 -3.80
C LEU A 32 -5.34 11.45 -3.11
N ALA A 33 -4.33 11.87 -3.88
CA ALA A 33 -3.18 12.57 -3.30
C ALA A 33 -3.37 14.09 -3.44
N PRO A 34 -2.89 14.89 -2.51
CA PRO A 34 -3.04 16.38 -2.61
C PRO A 34 -2.63 16.92 -3.99
N GLU A 35 -1.61 16.31 -4.59
CA GLU A 35 -1.14 16.77 -5.90
C GLU A 35 -2.09 16.36 -7.00
N ARG A 36 -2.43 15.07 -7.04
CA ARG A 36 -3.35 14.55 -8.07
C ARG A 36 -3.65 13.08 -7.83
N THR A 37 -4.73 12.59 -8.43
CA THR A 37 -5.10 11.18 -8.29
C THR A 37 -4.15 10.31 -9.11
N PHE A 38 -3.53 9.33 -8.44
CA PHE A 38 -2.59 8.41 -9.11
C PHE A 38 -3.27 7.07 -9.39
N ASP A 39 -3.10 6.57 -10.60
CA ASP A 39 -3.70 5.30 -11.00
C ASP A 39 -2.97 4.14 -10.32
N LEU A 40 -3.70 3.36 -9.54
CA LEU A 40 -3.13 2.21 -8.82
C LEU A 40 -4.01 0.98 -8.99
N ASP A 41 -3.42 -0.20 -8.79
CA ASP A 41 -4.15 -1.46 -8.93
C ASP A 41 -4.91 -1.76 -7.65
N ASP A 42 -6.01 -2.49 -7.78
CA ASP A 42 -6.83 -2.83 -6.64
C ASP A 42 -6.00 -3.61 -5.61
N ASN A 43 -5.12 -4.46 -6.11
CA ASN A 43 -4.27 -5.25 -5.22
C ASN A 43 -3.35 -4.34 -4.41
N ALA A 44 -2.84 -3.29 -5.05
CA ALA A 44 -1.95 -2.37 -4.37
C ALA A 44 -2.69 -1.56 -3.30
N VAL A 45 -3.91 -1.14 -3.64
CA VAL A 45 -4.73 -0.37 -2.70
C VAL A 45 -5.35 -1.29 -1.66
N ALA A 46 -5.63 -2.52 -2.08
CA ALA A 46 -6.24 -3.50 -1.17
C ALA A 46 -5.41 -3.63 0.10
N VAL A 47 -4.09 -3.57 -0.05
CA VAL A 47 -3.20 -3.68 1.10
C VAL A 47 -3.46 -2.54 2.09
N LEU A 48 -3.56 -1.32 1.57
CA LEU A 48 -3.79 -0.15 2.42
C LEU A 48 -5.24 -0.08 2.87
N LYS A 49 -6.10 -0.82 2.20
CA LYS A 49 -7.53 -0.85 2.54
C LYS A 49 -7.82 -1.99 3.51
N LEU A 50 -7.06 -3.09 3.39
CA LEU A 50 -7.26 -4.25 4.25
C LEU A 50 -6.77 -3.96 5.67
N VAL A 51 -5.73 -3.13 5.77
CA VAL A 51 -5.17 -2.79 7.07
C VAL A 51 -6.11 -1.85 7.82
N ASP A 52 -6.45 -2.22 9.05
CA ASP A 52 -7.33 -1.41 9.87
C ASP A 52 -6.63 -0.12 10.29
N GLY A 53 -5.35 -0.24 10.68
CA GLY A 53 -4.55 0.91 11.13
C GLY A 53 -3.09 0.73 10.71
N ARG A 54 -2.25 0.35 11.68
CA ARG A 54 -0.82 0.13 11.41
C ARG A 54 -0.46 -1.35 11.61
N ASN A 55 -0.27 -2.06 10.49
CA ASN A 55 0.10 -3.49 10.53
C ASN A 55 1.47 -3.67 9.87
N THR A 56 2.21 -4.66 10.35
CA THR A 56 3.53 -4.95 9.78
C THR A 56 3.39 -5.78 8.51
N VAL A 57 4.31 -5.60 7.58
CA VAL A 57 4.26 -6.33 6.32
C VAL A 57 4.25 -7.83 6.59
N SER A 58 5.02 -8.26 7.58
CA SER A 58 5.09 -9.67 7.92
C SER A 58 3.72 -10.21 8.27
N GLN A 59 2.98 -9.47 9.08
CA GLN A 59 1.64 -9.89 9.47
C GLN A 59 0.69 -9.89 8.28
N ILE A 60 0.74 -8.82 7.49
CA ILE A 60 -0.11 -8.70 6.33
C ILE A 60 0.19 -9.83 5.34
N ALA A 61 1.48 -10.09 5.15
CA ALA A 61 1.89 -11.14 4.23
C ALA A 61 1.20 -12.46 4.55
N GLN A 62 1.13 -12.77 5.84
CA GLN A 62 0.49 -14.02 6.28
C GLN A 62 -1.00 -14.03 5.93
N ILE A 63 -1.71 -13.03 6.41
CA ILE A 63 -3.15 -12.95 6.15
C ILE A 63 -3.42 -12.79 4.66
N LEU A 64 -2.72 -11.84 4.04
CA LEU A 64 -2.90 -11.59 2.62
C LEU A 64 -2.40 -12.77 1.79
N GLY A 65 -1.32 -13.40 2.26
CA GLY A 65 -0.74 -14.54 1.54
C GLY A 65 -1.77 -15.65 1.40
N GLN A 66 -2.55 -15.88 2.44
CA GLN A 66 -3.57 -16.93 2.42
C GLN A 66 -4.65 -16.59 1.39
N THR A 67 -4.96 -15.31 1.24
CA THR A 67 -5.99 -14.89 0.29
C THR A 67 -5.59 -15.29 -1.13
N TYR A 68 -4.34 -14.99 -1.50
CA TYR A 68 -3.82 -15.31 -2.83
C TYR A 68 -3.10 -16.65 -2.82
N ASP A 69 -3.03 -17.28 -1.64
CA ASP A 69 -2.37 -18.58 -1.52
C ASP A 69 -0.98 -18.54 -2.15
N ALA A 70 -0.10 -17.69 -1.62
CA ALA A 70 1.26 -17.56 -2.14
C ALA A 70 2.25 -17.40 -1.00
N ASP A 71 3.52 -17.64 -1.29
CA ASP A 71 4.56 -17.54 -0.26
C ASP A 71 4.54 -16.14 0.39
N PRO A 72 4.22 -16.02 1.67
CA PRO A 72 4.19 -14.68 2.34
C PRO A 72 5.46 -13.87 2.08
N ALA A 73 6.59 -14.56 1.99
CA ALA A 73 7.88 -13.89 1.76
C ALA A 73 7.83 -13.01 0.52
N ILE A 74 7.16 -13.48 -0.53
CA ILE A 74 7.04 -12.72 -1.77
C ILE A 74 6.08 -11.55 -1.59
N ILE A 75 5.02 -11.76 -0.80
CA ILE A 75 4.02 -10.72 -0.58
C ILE A 75 4.62 -9.49 0.07
N GLU A 76 5.40 -9.70 1.13
CA GLU A 76 6.03 -8.58 1.84
C GLU A 76 6.97 -7.83 0.89
N ALA A 77 7.76 -8.59 0.14
CA ALA A 77 8.71 -8.01 -0.81
C ALA A 77 7.99 -7.30 -1.94
N ASP A 78 6.72 -7.62 -2.14
CA ASP A 78 5.93 -7.00 -3.21
C ASP A 78 5.42 -5.61 -2.79
N ILE A 79 4.87 -5.52 -1.57
CA ILE A 79 4.34 -4.26 -1.05
C ILE A 79 5.46 -3.36 -0.53
N LEU A 80 6.50 -3.96 0.03
CA LEU A 80 7.62 -3.18 0.55
C LEU A 80 8.09 -2.13 -0.47
N PRO A 81 8.49 -2.51 -1.66
CA PRO A 81 8.96 -1.52 -2.70
C PRO A 81 7.87 -0.51 -3.05
N MET A 82 6.61 -0.89 -2.85
CA MET A 82 5.50 0.00 -3.16
C MET A 82 5.52 1.23 -2.25
N LEU A 83 5.91 1.02 -1.00
CA LEU A 83 5.96 2.13 -0.04
C LEU A 83 6.96 3.19 -0.50
N ALA A 84 8.08 2.75 -1.07
CA ALA A 84 9.08 3.68 -1.56
C ALA A 84 8.49 4.56 -2.66
N GLY A 85 7.69 3.96 -3.52
CA GLY A 85 7.07 4.69 -4.63
C GLY A 85 6.05 5.70 -4.11
N LEU A 86 5.28 5.30 -3.11
CA LEU A 86 4.26 6.19 -2.53
C LEU A 86 4.92 7.37 -1.84
N ALA A 87 6.01 7.12 -1.13
CA ALA A 87 6.71 8.19 -0.42
C ALA A 87 7.07 9.32 -1.38
N GLN A 88 7.44 8.95 -2.61
CA GLN A 88 7.80 9.94 -3.62
C GLN A 88 6.61 10.85 -3.94
N LYS A 89 5.40 10.36 -3.68
CA LYS A 89 4.18 11.13 -3.95
C LYS A 89 3.79 11.94 -2.74
N ARG A 90 4.49 11.71 -1.63
CA ARG A 90 4.22 12.43 -0.39
C ARG A 90 2.80 12.11 0.09
N VAL A 91 2.49 10.82 0.21
CA VAL A 91 1.17 10.37 0.66
C VAL A 91 1.31 9.30 1.72
N LEU A 92 2.54 8.92 2.06
CA LEU A 92 2.79 7.89 3.08
C LEU A 92 3.27 8.55 4.36
N GLU A 93 2.88 7.95 5.48
CA GLU A 93 3.24 8.46 6.79
C GLU A 93 3.35 7.31 7.78
N ARG A 94 4.56 7.09 8.29
CA ARG A 94 4.78 6.03 9.25
C ARG A 94 4.00 6.29 10.52
N MET A 1 16.31 9.73 -5.06
CA MET A 1 17.43 9.14 -4.29
C MET A 1 17.12 9.23 -2.81
N GLU A 2 17.85 8.46 -2.00
CA GLU A 2 17.65 8.46 -0.56
C GLU A 2 16.17 8.22 -0.22
N PRO A 3 15.65 7.06 -0.56
CA PRO A 3 14.22 6.72 -0.29
C PRO A 3 13.98 6.39 1.18
N THR A 4 12.71 6.30 1.56
CA THR A 4 12.36 5.99 2.94
C THR A 4 12.63 4.52 3.24
N ALA A 5 12.40 3.68 2.24
CA ALA A 5 12.62 2.23 2.40
C ALA A 5 12.02 1.74 3.72
N PHE A 6 10.78 1.27 3.66
CA PHE A 6 10.10 0.77 4.86
C PHE A 6 10.57 -0.64 5.18
N SER A 7 10.87 -0.89 6.45
CA SER A 7 11.33 -2.21 6.89
C SER A 7 10.16 -3.03 7.41
N GLY A 8 10.46 -4.22 7.92
CA GLY A 8 9.42 -5.11 8.44
C GLY A 8 8.74 -4.50 9.66
N SER A 9 9.53 -3.82 10.49
CA SER A 9 9.01 -3.20 11.71
C SER A 9 8.18 -1.96 11.37
N ASP A 10 8.48 -1.36 10.22
CA ASP A 10 7.75 -0.17 9.80
C ASP A 10 6.32 -0.53 9.45
N VAL A 11 5.41 0.42 9.63
CA VAL A 11 3.98 0.19 9.36
C VAL A 11 3.41 1.29 8.44
N PRO A 12 2.74 0.93 7.35
CA PRO A 12 2.14 1.93 6.42
C PRO A 12 0.85 2.53 6.99
N ARG A 13 0.62 3.81 6.71
CA ARG A 13 -0.59 4.49 7.18
C ARG A 13 -0.87 5.71 6.32
N LEU A 14 -2.08 5.79 5.80
CA LEU A 14 -2.46 6.91 4.94
C LEU A 14 -2.52 8.21 5.76
N PRO A 15 -1.92 9.30 5.28
CA PRO A 15 -1.94 10.60 6.01
C PRO A 15 -3.29 11.30 5.88
N ARG A 16 -3.57 12.21 6.80
CA ARG A 16 -4.82 12.95 6.78
C ARG A 16 -4.98 13.67 5.44
N GLY A 17 -6.23 13.74 4.98
CA GLY A 17 -6.53 14.41 3.70
C GLY A 17 -6.40 13.44 2.54
N VAL A 18 -6.29 12.14 2.84
CA VAL A 18 -6.18 11.10 1.82
C VAL A 18 -7.14 9.96 2.12
N ARG A 19 -7.90 9.57 1.10
CA ARG A 19 -8.88 8.47 1.23
C ARG A 19 -8.85 7.59 -0.01
N LEU A 20 -9.31 6.36 0.15
CA LEU A 20 -9.34 5.41 -0.96
C LEU A 20 -10.68 5.48 -1.67
N ARG A 21 -10.65 5.41 -3.00
CA ARG A 21 -11.87 5.48 -3.81
C ARG A 21 -11.79 4.47 -4.94
N PHE A 22 -12.95 3.92 -5.31
CA PHE A 22 -13.04 2.95 -6.40
C PHE A 22 -13.58 3.61 -7.66
N ASP A 23 -12.75 3.61 -8.71
CA ASP A 23 -13.15 4.19 -9.99
C ASP A 23 -13.82 3.12 -10.85
N GLU A 24 -15.14 3.18 -10.95
CA GLU A 24 -15.90 2.22 -11.73
C GLU A 24 -15.52 2.33 -13.21
N VAL A 25 -15.28 3.56 -13.65
CA VAL A 25 -14.92 3.81 -15.05
C VAL A 25 -13.61 3.12 -15.39
N ARG A 26 -12.63 3.22 -14.49
CA ARG A 26 -11.32 2.60 -14.71
C ARG A 26 -11.33 1.14 -14.25
N ASN A 27 -12.30 0.81 -13.41
CA ASN A 27 -12.45 -0.56 -12.89
C ASN A 27 -11.31 -0.91 -11.94
N LYS A 28 -10.69 0.11 -11.36
CA LYS A 28 -9.58 -0.08 -10.42
C LYS A 28 -9.62 0.99 -9.34
N HIS A 29 -8.89 0.75 -8.25
CA HIS A 29 -8.83 1.68 -7.13
C HIS A 29 -7.69 2.67 -7.34
N VAL A 30 -7.85 3.86 -6.81
CA VAL A 30 -6.83 4.91 -6.94
C VAL A 30 -6.71 5.68 -5.64
N LEU A 31 -5.57 6.33 -5.44
CA LEU A 31 -5.35 7.11 -4.22
C LEU A 31 -5.56 8.58 -4.53
N LEU A 32 -6.57 9.18 -3.89
CA LEU A 32 -6.84 10.60 -4.10
C LEU A 32 -5.83 11.43 -3.34
N ALA A 33 -4.81 11.92 -4.04
CA ALA A 33 -3.78 12.74 -3.40
C ALA A 33 -4.08 14.25 -3.60
N PRO A 34 -3.74 15.11 -2.68
CA PRO A 34 -3.97 16.59 -2.82
C PRO A 34 -3.47 17.12 -4.17
N GLU A 35 -2.32 16.59 -4.62
CA GLU A 35 -1.74 17.05 -5.87
C GLU A 35 -2.52 16.53 -7.07
N ARG A 36 -2.73 15.21 -7.10
CA ARG A 36 -3.47 14.58 -8.20
C ARG A 36 -3.68 13.10 -7.93
N THR A 37 -4.76 12.56 -8.46
CA THR A 37 -5.06 11.14 -8.28
C THR A 37 -4.06 10.28 -9.04
N PHE A 38 -3.52 9.25 -8.38
CA PHE A 38 -2.54 8.36 -8.99
C PHE A 38 -3.20 7.03 -9.36
N ASP A 39 -2.93 6.56 -10.57
CA ASP A 39 -3.49 5.30 -11.06
C ASP A 39 -2.84 4.13 -10.33
N LEU A 40 -3.64 3.37 -9.59
CA LEU A 40 -3.14 2.20 -8.85
C LEU A 40 -4.04 1.00 -9.07
N ASP A 41 -3.50 -0.19 -8.86
CA ASP A 41 -4.24 -1.43 -9.03
C ASP A 41 -5.00 -1.77 -7.76
N ASP A 42 -6.10 -2.49 -7.91
CA ASP A 42 -6.91 -2.87 -6.76
C ASP A 42 -6.08 -3.70 -5.78
N ASN A 43 -5.23 -4.57 -6.31
CA ASN A 43 -4.40 -5.42 -5.47
C ASN A 43 -3.43 -4.58 -4.65
N ALA A 44 -2.87 -3.54 -5.28
CA ALA A 44 -1.92 -2.68 -4.59
C ALA A 44 -2.60 -1.84 -3.53
N VAL A 45 -3.80 -1.35 -3.84
CA VAL A 45 -4.56 -0.54 -2.90
C VAL A 45 -5.22 -1.41 -1.85
N ALA A 46 -5.56 -2.64 -2.24
CA ALA A 46 -6.21 -3.56 -1.31
C ALA A 46 -5.37 -3.70 -0.04
N VAL A 47 -4.05 -3.67 -0.19
CA VAL A 47 -3.16 -3.80 0.95
C VAL A 47 -3.39 -2.66 1.95
N LEU A 48 -3.48 -1.44 1.43
CA LEU A 48 -3.68 -0.26 2.28
C LEU A 48 -5.13 -0.18 2.75
N LYS A 49 -6.01 -0.90 2.06
CA LYS A 49 -7.42 -0.91 2.43
C LYS A 49 -7.71 -2.04 3.41
N LEU A 50 -6.93 -3.11 3.32
CA LEU A 50 -7.14 -4.27 4.20
C LEU A 50 -6.73 -3.93 5.62
N VAL A 51 -5.71 -3.09 5.76
CA VAL A 51 -5.22 -2.68 7.08
C VAL A 51 -6.18 -1.71 7.73
N ASP A 52 -6.60 -2.01 8.95
CA ASP A 52 -7.51 -1.14 9.67
C ASP A 52 -6.80 0.15 10.10
N GLY A 53 -5.57 0.01 10.61
CA GLY A 53 -4.78 1.16 11.05
C GLY A 53 -3.30 0.95 10.73
N ARG A 54 -2.52 0.55 11.75
CA ARG A 54 -1.09 0.30 11.55
C ARG A 54 -0.77 -1.17 11.77
N ASN A 55 -0.54 -1.89 10.67
CA ASN A 55 -0.19 -3.32 10.72
C ASN A 55 1.20 -3.54 10.14
N THR A 56 1.86 -4.60 10.58
CA THR A 56 3.19 -4.93 10.08
C THR A 56 3.07 -5.64 8.74
N VAL A 57 3.93 -5.25 7.80
CA VAL A 57 3.91 -5.85 6.47
C VAL A 57 4.03 -7.36 6.56
N SER A 58 4.87 -7.83 7.50
CA SER A 58 5.06 -9.26 7.68
C SER A 58 3.75 -9.93 8.04
N GLN A 59 2.99 -9.32 8.96
CA GLN A 59 1.72 -9.88 9.40
C GLN A 59 0.72 -9.92 8.24
N ILE A 60 0.67 -8.85 7.48
CA ILE A 60 -0.26 -8.77 6.35
C ILE A 60 0.06 -9.87 5.35
N ALA A 61 1.34 -10.06 5.08
CA ALA A 61 1.77 -11.08 4.12
C ALA A 61 1.15 -12.43 4.43
N GLN A 62 1.00 -12.71 5.72
CA GLN A 62 0.43 -13.98 6.13
C GLN A 62 -1.02 -14.10 5.65
N ILE A 63 -1.83 -13.11 5.99
CA ILE A 63 -3.23 -13.13 5.59
C ILE A 63 -3.37 -13.01 4.08
N LEU A 64 -2.67 -12.04 3.51
CA LEU A 64 -2.74 -11.81 2.07
C LEU A 64 -2.11 -12.97 1.32
N GLY A 65 -1.02 -13.49 1.84
CA GLY A 65 -0.32 -14.59 1.19
C GLY A 65 -1.26 -15.76 0.95
N GLN A 66 -2.11 -16.05 1.93
CA GLN A 66 -3.07 -17.14 1.80
C GLN A 66 -4.08 -16.84 0.70
N THR A 67 -4.39 -15.56 0.50
CA THR A 67 -5.35 -15.17 -0.52
C THR A 67 -4.86 -15.58 -1.91
N TYR A 68 -3.59 -15.31 -2.19
CA TYR A 68 -2.99 -15.64 -3.48
C TYR A 68 -2.37 -17.03 -3.43
N ASP A 69 -2.50 -17.69 -2.28
CA ASP A 69 -1.95 -19.03 -2.13
C ASP A 69 -0.46 -19.04 -2.46
N ALA A 70 0.28 -18.10 -1.89
CA ALA A 70 1.72 -18.00 -2.14
C ALA A 70 2.46 -17.63 -0.87
N ASP A 71 3.75 -17.89 -0.84
CA ASP A 71 4.56 -17.59 0.33
C ASP A 71 4.43 -16.11 0.71
N PRO A 72 4.43 -15.78 1.99
CA PRO A 72 4.30 -14.36 2.45
C PRO A 72 5.53 -13.52 2.09
N ALA A 73 6.71 -14.14 2.11
CA ALA A 73 7.94 -13.43 1.80
C ALA A 73 7.84 -12.74 0.45
N ILE A 74 7.09 -13.34 -0.46
CA ILE A 74 6.92 -12.77 -1.80
C ILE A 74 6.10 -11.48 -1.73
N ILE A 75 5.05 -11.50 -0.92
CA ILE A 75 4.19 -10.33 -0.79
C ILE A 75 5.01 -9.14 -0.27
N GLU A 76 5.89 -9.41 0.66
CA GLU A 76 6.69 -8.35 1.24
C GLU A 76 7.47 -7.61 0.17
N ALA A 77 8.41 -8.30 -0.45
CA ALA A 77 9.24 -7.70 -1.48
C ALA A 77 8.38 -7.09 -2.58
N ASP A 78 7.10 -7.49 -2.61
CA ASP A 78 6.18 -6.98 -3.63
C ASP A 78 5.64 -5.60 -3.24
N ILE A 79 5.10 -5.50 -2.03
CA ILE A 79 4.52 -4.24 -1.54
C ILE A 79 5.60 -3.29 -1.03
N LEU A 80 6.65 -3.87 -0.46
CA LEU A 80 7.76 -3.07 0.07
C LEU A 80 8.16 -1.97 -0.93
N PRO A 81 8.56 -2.32 -2.13
CA PRO A 81 8.96 -1.30 -3.15
C PRO A 81 7.80 -0.37 -3.50
N MET A 82 6.58 -0.89 -3.42
CA MET A 82 5.41 -0.08 -3.75
C MET A 82 5.24 1.06 -2.75
N LEU A 83 5.46 0.76 -1.48
CA LEU A 83 5.31 1.76 -0.43
C LEU A 83 6.31 2.89 -0.64
N ALA A 84 7.53 2.53 -1.01
CA ALA A 84 8.57 3.53 -1.25
C ALA A 84 8.18 4.43 -2.41
N GLY A 85 7.55 3.85 -3.43
CA GLY A 85 7.14 4.61 -4.60
C GLY A 85 6.12 5.68 -4.22
N LEU A 86 5.20 5.31 -3.32
CA LEU A 86 4.16 6.23 -2.87
C LEU A 86 4.77 7.37 -2.07
N ALA A 87 5.76 7.05 -1.24
CA ALA A 87 6.41 8.06 -0.42
C ALA A 87 6.92 9.21 -1.29
N GLN A 88 7.41 8.88 -2.48
CA GLN A 88 7.92 9.89 -3.39
C GLN A 88 6.81 10.87 -3.79
N LYS A 89 5.56 10.43 -3.67
CA LYS A 89 4.42 11.27 -4.04
C LYS A 89 3.92 12.06 -2.83
N ARG A 90 4.57 11.83 -1.69
CA ARG A 90 4.21 12.53 -0.46
C ARG A 90 2.78 12.20 -0.06
N VAL A 91 2.49 10.91 0.11
CA VAL A 91 1.15 10.47 0.50
C VAL A 91 1.23 9.31 1.47
N LEU A 92 2.43 9.07 1.99
CA LEU A 92 2.66 7.97 2.95
C LEU A 92 3.61 8.42 4.04
N GLU A 93 3.32 8.01 5.27
CA GLU A 93 4.16 8.34 6.42
C GLU A 93 4.10 7.23 7.47
N ARG A 94 5.23 6.96 8.10
CA ARG A 94 5.30 5.94 9.13
C ARG A 94 4.43 6.32 10.33
N MET A 1 19.15 8.11 -4.20
CA MET A 1 20.22 7.32 -3.55
C MET A 1 19.65 6.56 -2.36
N GLU A 2 19.85 5.26 -2.34
CA GLU A 2 19.35 4.42 -1.26
C GLU A 2 17.87 4.72 -0.98
N PRO A 3 16.99 4.31 -1.86
CA PRO A 3 15.52 4.54 -1.71
C PRO A 3 14.99 3.98 -0.39
N THR A 4 13.95 4.62 0.15
CA THR A 4 13.35 4.18 1.40
C THR A 4 12.43 2.99 1.16
N ALA A 5 13.02 1.80 1.12
CA ALA A 5 12.26 0.57 0.89
C ALA A 5 11.50 0.17 2.15
N PHE A 6 11.73 0.91 3.24
CA PHE A 6 11.10 0.64 4.52
C PHE A 6 11.42 -0.79 4.98
N SER A 7 11.53 -0.97 6.30
CA SER A 7 11.84 -2.28 6.86
C SER A 7 10.56 -3.03 7.20
N GLY A 8 10.70 -4.22 7.77
CA GLY A 8 9.54 -5.03 8.15
C GLY A 8 8.83 -4.42 9.36
N SER A 9 9.60 -3.78 10.22
CA SER A 9 9.05 -3.18 11.43
C SER A 9 8.20 -1.96 11.08
N ASP A 10 8.38 -1.45 9.88
CA ASP A 10 7.61 -0.28 9.44
C ASP A 10 6.15 -0.66 9.28
N VAL A 11 5.27 0.29 9.56
CA VAL A 11 3.83 0.06 9.45
C VAL A 11 3.17 1.20 8.62
N PRO A 12 2.84 0.94 7.37
CA PRO A 12 2.17 1.97 6.50
C PRO A 12 0.87 2.51 7.13
N ARG A 13 0.61 3.79 6.95
CA ARG A 13 -0.61 4.42 7.48
C ARG A 13 -1.04 5.58 6.61
N LEU A 14 -2.27 5.52 6.11
CA LEU A 14 -2.78 6.58 5.25
C LEU A 14 -3.02 7.87 6.04
N PRO A 15 -2.35 8.97 5.71
CA PRO A 15 -2.54 10.27 6.43
C PRO A 15 -3.80 10.99 5.98
N ARG A 16 -4.19 12.01 6.74
CA ARG A 16 -5.38 12.79 6.42
C ARG A 16 -5.25 13.35 5.00
N GLY A 17 -6.40 13.62 4.38
CA GLY A 17 -6.43 14.17 3.03
C GLY A 17 -6.31 13.08 1.98
N VAL A 18 -5.89 11.88 2.42
CA VAL A 18 -5.74 10.73 1.51
C VAL A 18 -6.88 9.75 1.70
N ARG A 19 -7.54 9.40 0.59
CA ARG A 19 -8.68 8.47 0.62
C ARG A 19 -8.59 7.50 -0.55
N LEU A 20 -9.17 6.32 -0.37
CA LEU A 20 -9.16 5.29 -1.41
C LEU A 20 -10.48 5.32 -2.19
N ARG A 21 -10.46 5.96 -3.35
CA ARG A 21 -11.66 6.05 -4.19
C ARG A 21 -11.67 4.93 -5.21
N PHE A 22 -12.87 4.40 -5.49
CA PHE A 22 -13.02 3.32 -6.46
C PHE A 22 -13.55 3.89 -7.78
N ASP A 23 -12.77 3.72 -8.84
CA ASP A 23 -13.16 4.22 -10.17
C ASP A 23 -13.99 3.17 -10.90
N GLU A 24 -15.30 3.43 -10.99
CA GLU A 24 -16.20 2.50 -11.66
C GLU A 24 -15.88 2.42 -13.14
N VAL A 25 -15.51 3.54 -13.73
CA VAL A 25 -15.19 3.58 -15.16
C VAL A 25 -13.99 2.69 -15.47
N ARG A 26 -12.97 2.75 -14.62
CA ARG A 26 -11.76 1.93 -14.81
C ARG A 26 -11.90 0.60 -14.09
N ASN A 27 -12.93 0.48 -13.25
CA ASN A 27 -13.16 -0.74 -12.50
C ASN A 27 -11.93 -1.10 -11.68
N LYS A 28 -11.26 -0.10 -11.13
CA LYS A 28 -10.07 -0.31 -10.31
C LYS A 28 -10.02 0.73 -9.19
N HIS A 29 -9.14 0.51 -8.21
CA HIS A 29 -8.98 1.45 -7.10
C HIS A 29 -7.85 2.42 -7.41
N VAL A 30 -7.96 3.65 -6.89
CA VAL A 30 -6.94 4.68 -7.12
C VAL A 30 -6.72 5.47 -5.84
N LEU A 31 -5.51 6.02 -5.69
CA LEU A 31 -5.17 6.82 -4.51
C LEU A 31 -5.27 8.29 -4.84
N LEU A 32 -6.17 8.99 -4.17
CA LEU A 32 -6.33 10.42 -4.38
C LEU A 32 -5.24 11.18 -3.64
N ALA A 33 -4.17 11.55 -4.36
CA ALA A 33 -3.07 12.27 -3.74
C ALA A 33 -3.27 13.80 -3.91
N PRO A 34 -2.82 14.61 -2.96
CA PRO A 34 -2.95 16.09 -3.06
C PRO A 34 -2.58 16.61 -4.45
N GLU A 35 -1.61 15.97 -5.09
CA GLU A 35 -1.16 16.40 -6.41
C GLU A 35 -2.15 15.98 -7.50
N ARG A 36 -2.50 14.70 -7.50
CA ARG A 36 -3.45 14.17 -8.50
C ARG A 36 -3.73 12.69 -8.23
N THR A 37 -4.78 12.17 -8.86
CA THR A 37 -5.14 10.76 -8.69
C THR A 37 -4.21 9.89 -9.54
N PHE A 38 -3.60 8.87 -8.89
CA PHE A 38 -2.69 7.95 -9.58
C PHE A 38 -3.40 6.62 -9.81
N ASP A 39 -3.17 6.06 -11.01
CA ASP A 39 -3.78 4.78 -11.37
C ASP A 39 -3.09 3.63 -10.65
N LEU A 40 -3.85 2.90 -9.84
CA LEU A 40 -3.32 1.76 -9.08
C LEU A 40 -4.26 0.57 -9.19
N ASP A 41 -3.72 -0.63 -8.97
CA ASP A 41 -4.52 -1.84 -9.05
C ASP A 41 -5.22 -2.10 -7.72
N ASP A 42 -6.25 -2.93 -7.76
CA ASP A 42 -7.01 -3.25 -6.56
C ASP A 42 -6.10 -3.92 -5.52
N ASN A 43 -5.22 -4.79 -6.01
CA ASN A 43 -4.31 -5.50 -5.12
C ASN A 43 -3.37 -4.52 -4.42
N ALA A 44 -2.96 -3.48 -5.14
CA ALA A 44 -2.05 -2.49 -4.56
C ALA A 44 -2.74 -1.66 -3.48
N VAL A 45 -3.98 -1.24 -3.75
CA VAL A 45 -4.74 -0.45 -2.78
C VAL A 45 -5.32 -1.35 -1.69
N ALA A 46 -5.65 -2.57 -2.05
CA ALA A 46 -6.22 -3.51 -1.09
C ALA A 46 -5.33 -3.63 0.13
N VAL A 47 -4.02 -3.56 -0.08
CA VAL A 47 -3.07 -3.67 1.02
C VAL A 47 -3.27 -2.54 2.03
N LEU A 48 -3.37 -1.30 1.52
CA LEU A 48 -3.54 -0.14 2.37
C LEU A 48 -4.97 -0.03 2.86
N LYS A 49 -5.87 -0.77 2.24
CA LYS A 49 -7.28 -0.76 2.63
C LYS A 49 -7.55 -1.85 3.66
N LEU A 50 -6.80 -2.94 3.57
CA LEU A 50 -7.00 -4.06 4.49
C LEU A 50 -6.52 -3.70 5.88
N VAL A 51 -5.50 -2.86 5.97
CA VAL A 51 -4.97 -2.43 7.25
C VAL A 51 -5.91 -1.45 7.93
N ASP A 52 -6.30 -1.76 9.16
CA ASP A 52 -7.20 -0.90 9.91
C ASP A 52 -6.45 0.35 10.40
N GLY A 53 -5.21 0.15 10.86
CA GLY A 53 -4.38 1.26 11.36
C GLY A 53 -2.92 1.04 11.00
N ARG A 54 -2.13 0.54 11.95
CA ARG A 54 -0.71 0.25 11.71
C ARG A 54 -0.44 -1.24 11.80
N ASN A 55 -0.27 -1.87 10.64
CA ASN A 55 0.03 -3.31 10.56
C ASN A 55 1.40 -3.53 9.93
N THR A 56 2.11 -4.55 10.37
CA THR A 56 3.42 -4.87 9.82
C THR A 56 3.24 -5.62 8.50
N VAL A 57 4.11 -5.32 7.53
CA VAL A 57 4.04 -5.96 6.23
C VAL A 57 4.06 -7.47 6.39
N SER A 58 4.88 -7.96 7.31
CA SER A 58 5.00 -9.38 7.56
C SER A 58 3.63 -9.96 7.94
N GLN A 59 2.92 -9.26 8.80
CA GLN A 59 1.61 -9.71 9.26
C GLN A 59 0.62 -9.75 8.09
N ILE A 60 0.57 -8.67 7.33
CA ILE A 60 -0.34 -8.57 6.19
C ILE A 60 -0.02 -9.67 5.18
N ALA A 61 1.27 -9.88 4.93
CA ALA A 61 1.68 -10.89 3.96
C ALA A 61 1.06 -12.24 4.29
N GLN A 62 1.02 -12.59 5.57
CA GLN A 62 0.45 -13.85 5.99
C GLN A 62 -1.03 -13.93 5.66
N ILE A 63 -1.78 -12.93 6.11
CA ILE A 63 -3.22 -12.90 5.86
C ILE A 63 -3.51 -12.74 4.37
N LEU A 64 -2.82 -11.80 3.74
CA LEU A 64 -3.01 -11.53 2.33
C LEU A 64 -2.49 -12.71 1.51
N GLY A 65 -1.39 -13.29 1.95
CA GLY A 65 -0.79 -14.42 1.25
C GLY A 65 -1.78 -15.56 1.11
N GLN A 66 -2.56 -15.80 2.16
CA GLN A 66 -3.56 -16.85 2.14
C GLN A 66 -4.66 -16.53 1.13
N THR A 67 -4.95 -15.24 0.97
CA THR A 67 -5.99 -14.83 0.03
C THR A 67 -5.62 -15.23 -1.39
N TYR A 68 -4.39 -14.94 -1.79
CA TYR A 68 -3.91 -15.27 -3.14
C TYR A 68 -3.17 -16.61 -3.12
N ASP A 69 -3.03 -17.18 -1.94
CA ASP A 69 -2.35 -18.47 -1.80
C ASP A 69 -0.96 -18.41 -2.43
N ALA A 70 -0.10 -17.54 -1.89
CA ALA A 70 1.28 -17.39 -2.41
C ALA A 70 2.26 -17.20 -1.27
N ASP A 71 3.53 -17.45 -1.55
CA ASP A 71 4.56 -17.32 -0.53
C ASP A 71 4.53 -15.92 0.11
N PRO A 72 4.20 -15.79 1.38
CA PRO A 72 4.15 -14.45 2.07
C PRO A 72 5.42 -13.62 1.82
N ALA A 73 6.57 -14.31 1.78
CA ALA A 73 7.84 -13.63 1.58
C ALA A 73 7.81 -12.75 0.33
N ILE A 74 7.15 -13.24 -0.72
CA ILE A 74 7.02 -12.51 -1.97
C ILE A 74 6.05 -11.33 -1.79
N ILE A 75 4.98 -11.56 -1.05
CA ILE A 75 3.96 -10.54 -0.84
C ILE A 75 4.55 -9.30 -0.18
N GLU A 76 5.29 -9.50 0.91
CA GLU A 76 5.90 -8.38 1.62
C GLU A 76 6.88 -7.64 0.72
N ALA A 77 7.70 -8.41 0.00
CA ALA A 77 8.70 -7.85 -0.91
C ALA A 77 8.03 -7.14 -2.07
N ASP A 78 6.77 -7.48 -2.33
CA ASP A 78 6.02 -6.87 -3.44
C ASP A 78 5.48 -5.50 -3.05
N ILE A 79 4.87 -5.40 -1.85
CA ILE A 79 4.30 -4.14 -1.38
C ILE A 79 5.37 -3.21 -0.83
N LEU A 80 6.41 -3.79 -0.25
CA LEU A 80 7.50 -2.99 0.31
C LEU A 80 7.99 -1.92 -0.70
N PRO A 81 8.45 -2.30 -1.86
CA PRO A 81 8.95 -1.33 -2.88
C PRO A 81 7.87 -0.32 -3.28
N MET A 82 6.61 -0.71 -3.14
CA MET A 82 5.50 0.17 -3.51
C MET A 82 5.47 1.40 -2.59
N LEU A 83 5.80 1.20 -1.33
CA LEU A 83 5.81 2.29 -0.36
C LEU A 83 6.83 3.35 -0.74
N ALA A 84 7.98 2.93 -1.24
CA ALA A 84 9.01 3.87 -1.64
C ALA A 84 8.50 4.76 -2.77
N GLY A 85 7.72 4.19 -3.67
CA GLY A 85 7.17 4.96 -4.78
C GLY A 85 6.20 6.03 -4.29
N LEU A 86 5.37 5.68 -3.32
CA LEU A 86 4.40 6.61 -2.77
C LEU A 86 5.09 7.69 -1.94
N ALA A 87 6.13 7.28 -1.21
CA ALA A 87 6.87 8.21 -0.38
C ALA A 87 7.33 9.42 -1.19
N GLN A 88 7.45 9.22 -2.50
CA GLN A 88 7.89 10.31 -3.38
C GLN A 88 6.91 11.47 -3.32
N LYS A 89 5.63 11.15 -3.08
CA LYS A 89 4.57 12.18 -3.02
C LYS A 89 4.31 12.58 -1.56
N ARG A 90 5.04 11.95 -0.64
CA ARG A 90 4.89 12.24 0.77
C ARG A 90 3.44 12.03 1.21
N VAL A 91 2.87 10.88 0.82
CA VAL A 91 1.48 10.55 1.17
C VAL A 91 1.46 9.48 2.25
N LEU A 92 2.65 9.08 2.71
CA LEU A 92 2.78 8.06 3.76
C LEU A 92 3.09 8.70 5.10
N GLU A 93 2.91 7.93 6.15
CA GLU A 93 3.15 8.41 7.51
C GLU A 93 3.49 7.24 8.42
N ARG A 94 4.60 7.38 9.15
CA ARG A 94 5.05 6.35 10.08
C ARG A 94 5.87 6.98 11.20
N MET A 1 14.54 7.74 -5.74
CA MET A 1 14.97 8.97 -5.03
C MET A 1 14.52 8.91 -3.58
N GLU A 2 15.46 8.61 -2.68
CA GLU A 2 15.16 8.51 -1.26
C GLU A 2 14.06 7.47 -1.02
N PRO A 3 14.26 6.24 -1.45
CA PRO A 3 13.25 5.16 -1.26
C PRO A 3 13.13 4.74 0.20
N THR A 4 14.10 5.17 1.02
CA THR A 4 14.13 4.84 2.44
C THR A 4 14.23 3.33 2.64
N ALA A 5 14.19 2.58 1.55
CA ALA A 5 14.28 1.12 1.59
C ALA A 5 13.01 0.52 2.22
N PHE A 6 12.52 1.17 3.26
CA PHE A 6 11.32 0.69 3.95
C PHE A 6 11.53 -0.74 4.45
N SER A 7 11.69 -0.89 5.75
CA SER A 7 11.89 -2.21 6.35
C SER A 7 10.57 -2.85 6.73
N GLY A 8 10.62 -4.07 7.22
CA GLY A 8 9.42 -4.79 7.62
C GLY A 8 8.83 -4.20 8.90
N SER A 9 9.69 -3.59 9.72
CA SER A 9 9.24 -3.00 10.98
C SER A 9 8.41 -1.75 10.71
N ASP A 10 8.59 -1.16 9.54
CA ASP A 10 7.84 0.03 9.16
C ASP A 10 6.39 -0.36 8.95
N VAL A 11 5.45 0.57 9.21
CA VAL A 11 4.01 0.31 9.07
C VAL A 11 3.34 1.39 8.20
N PRO A 12 2.60 1.04 7.15
CA PRO A 12 1.93 2.06 6.29
C PRO A 12 0.67 2.64 6.94
N ARG A 13 0.40 3.91 6.65
CA ARG A 13 -0.77 4.61 7.17
C ARG A 13 -1.09 5.80 6.28
N LEU A 14 -2.32 5.86 5.77
CA LEU A 14 -2.73 6.96 4.90
C LEU A 14 -2.85 8.28 5.69
N PRO A 15 -2.23 9.37 5.26
CA PRO A 15 -2.32 10.67 6.00
C PRO A 15 -3.68 11.33 5.83
N ARG A 16 -4.00 12.22 6.76
CA ARG A 16 -5.28 12.92 6.71
C ARG A 16 -5.44 13.67 5.39
N GLY A 17 -6.67 13.79 4.94
CA GLY A 17 -6.97 14.49 3.68
C GLY A 17 -6.78 13.57 2.48
N VAL A 18 -6.65 12.26 2.76
CA VAL A 18 -6.47 11.26 1.69
C VAL A 18 -7.41 10.09 1.90
N ARG A 19 -8.11 9.70 0.83
CA ARG A 19 -9.05 8.58 0.89
C ARG A 19 -8.89 7.70 -0.33
N LEU A 20 -9.36 6.46 -0.22
CA LEU A 20 -9.27 5.50 -1.32
C LEU A 20 -10.51 5.56 -2.18
N ARG A 21 -10.34 5.41 -3.49
CA ARG A 21 -11.46 5.45 -4.44
C ARG A 21 -11.30 4.36 -5.48
N PHE A 22 -12.41 3.71 -5.83
CA PHE A 22 -12.42 2.64 -6.82
C PHE A 22 -12.86 3.17 -8.18
N ASP A 23 -11.99 3.04 -9.18
CA ASP A 23 -12.29 3.50 -10.54
C ASP A 23 -13.02 2.40 -11.29
N GLU A 24 -14.32 2.58 -11.49
CA GLU A 24 -15.13 1.59 -12.20
C GLU A 24 -14.69 1.48 -13.66
N VAL A 25 -14.33 2.61 -14.25
CA VAL A 25 -13.91 2.62 -15.65
C VAL A 25 -12.65 1.77 -15.85
N ARG A 26 -11.69 1.95 -14.96
CA ARG A 26 -10.44 1.22 -15.03
C ARG A 26 -10.49 -0.04 -14.17
N ASN A 27 -11.56 -0.17 -13.39
CA ASN A 27 -11.72 -1.34 -12.53
C ASN A 27 -10.50 -1.56 -11.64
N LYS A 28 -9.96 -0.47 -11.10
CA LYS A 28 -8.79 -0.54 -10.23
C LYS A 28 -8.90 0.51 -9.13
N HIS A 29 -8.11 0.36 -8.08
CA HIS A 29 -8.12 1.31 -6.96
C HIS A 29 -7.03 2.35 -7.18
N VAL A 30 -7.28 3.57 -6.70
CA VAL A 30 -6.33 4.67 -6.85
C VAL A 30 -6.28 5.49 -5.56
N LEU A 31 -5.19 6.23 -5.37
CA LEU A 31 -5.03 7.07 -4.18
C LEU A 31 -5.28 8.53 -4.55
N LEU A 32 -6.28 9.15 -3.90
CA LEU A 32 -6.58 10.55 -4.16
C LEU A 32 -5.61 11.41 -3.39
N ALA A 33 -4.55 11.88 -4.06
CA ALA A 33 -3.54 12.72 -3.40
C ALA A 33 -3.83 14.21 -3.67
N PRO A 34 -3.54 15.12 -2.76
CA PRO A 34 -3.78 16.57 -3.00
C PRO A 34 -3.27 17.05 -4.37
N GLU A 35 -2.11 16.51 -4.78
CA GLU A 35 -1.52 16.93 -6.05
C GLU A 35 -2.31 16.36 -7.23
N ARG A 36 -2.54 15.04 -7.22
CA ARG A 36 -3.28 14.38 -8.29
C ARG A 36 -3.46 12.90 -7.98
N THR A 37 -4.54 12.32 -8.49
CA THR A 37 -4.80 10.90 -8.27
C THR A 37 -3.80 10.06 -9.05
N PHE A 38 -3.19 9.09 -8.37
CA PHE A 38 -2.19 8.20 -8.99
C PHE A 38 -2.81 6.84 -9.29
N ASP A 39 -2.47 6.28 -10.45
CA ASP A 39 -2.99 4.97 -10.84
C ASP A 39 -2.28 3.87 -10.05
N LEU A 40 -3.07 3.11 -9.29
CA LEU A 40 -2.53 2.01 -8.46
C LEU A 40 -3.33 0.73 -8.69
N ASP A 41 -2.72 -0.41 -8.37
CA ASP A 41 -3.38 -1.71 -8.53
C ASP A 41 -4.22 -2.04 -7.31
N ASP A 42 -5.26 -2.84 -7.52
CA ASP A 42 -6.15 -3.22 -6.42
C ASP A 42 -5.37 -3.93 -5.33
N ASN A 43 -4.46 -4.80 -5.73
CA ASN A 43 -3.65 -5.55 -4.77
C ASN A 43 -2.78 -4.61 -3.95
N ALA A 44 -2.27 -3.56 -4.59
CA ALA A 44 -1.42 -2.61 -3.90
C ALA A 44 -2.22 -1.81 -2.87
N VAL A 45 -3.46 -1.47 -3.22
CA VAL A 45 -4.33 -0.71 -2.30
C VAL A 45 -5.07 -1.65 -1.35
N ALA A 46 -5.14 -2.93 -1.73
CA ALA A 46 -5.83 -3.92 -0.91
C ALA A 46 -5.23 -3.95 0.49
N VAL A 47 -3.91 -4.06 0.55
CA VAL A 47 -3.22 -4.10 1.82
C VAL A 47 -3.44 -2.80 2.59
N LEU A 48 -3.46 -1.68 1.88
CA LEU A 48 -3.67 -0.38 2.52
C LEU A 48 -5.10 -0.27 3.03
N LYS A 49 -6.03 -0.90 2.34
CA LYS A 49 -7.45 -0.88 2.74
C LYS A 49 -7.76 -2.01 3.73
N LEU A 50 -7.03 -3.11 3.63
CA LEU A 50 -7.26 -4.27 4.51
C LEU A 50 -6.79 -3.96 5.93
N VAL A 51 -5.75 -3.14 6.04
CA VAL A 51 -5.22 -2.78 7.37
C VAL A 51 -6.17 -1.81 8.07
N ASP A 52 -6.50 -2.12 9.32
CA ASP A 52 -7.38 -1.27 10.11
C ASP A 52 -6.69 0.05 10.46
N GLY A 53 -5.41 -0.06 10.85
CA GLY A 53 -4.60 1.12 11.22
C GLY A 53 -3.15 0.93 10.81
N ARG A 54 -2.29 0.56 11.76
CA ARG A 54 -0.87 0.33 11.48
C ARG A 54 -0.51 -1.14 11.70
N ASN A 55 -0.34 -1.87 10.60
CA ASN A 55 0.04 -3.30 10.65
C ASN A 55 1.39 -3.49 9.96
N THR A 56 2.11 -4.52 10.39
CA THR A 56 3.41 -4.82 9.78
C THR A 56 3.18 -5.57 8.47
N VAL A 57 3.97 -5.25 7.45
CA VAL A 57 3.83 -5.90 6.16
C VAL A 57 3.89 -7.42 6.31
N SER A 58 4.75 -7.88 7.22
CA SER A 58 4.89 -9.31 7.46
C SER A 58 3.55 -9.92 7.87
N GLN A 59 2.83 -9.24 8.76
CA GLN A 59 1.55 -9.74 9.25
C GLN A 59 0.52 -9.77 8.12
N ILE A 60 0.46 -8.68 7.36
CA ILE A 60 -0.49 -8.60 6.25
C ILE A 60 -0.21 -9.69 5.23
N ALA A 61 1.07 -9.89 4.93
CA ALA A 61 1.46 -10.90 3.95
C ALA A 61 0.84 -12.25 4.28
N GLN A 62 0.77 -12.58 5.56
CA GLN A 62 0.18 -13.85 5.98
C GLN A 62 -1.30 -13.91 5.61
N ILE A 63 -2.04 -12.86 5.95
CA ILE A 63 -3.47 -12.82 5.66
C ILE A 63 -3.71 -12.81 4.15
N LEU A 64 -3.04 -11.90 3.46
CA LEU A 64 -3.21 -11.79 2.01
C LEU A 64 -2.58 -13.00 1.31
N GLY A 65 -1.48 -13.49 1.86
CA GLY A 65 -0.79 -14.63 1.28
C GLY A 65 -1.74 -15.81 1.11
N GLN A 66 -2.61 -16.01 2.09
CA GLN A 66 -3.57 -17.11 2.03
C GLN A 66 -4.58 -16.87 0.90
N THR A 67 -4.89 -15.62 0.63
CA THR A 67 -5.84 -15.29 -0.43
C THR A 67 -5.33 -15.76 -1.78
N TYR A 68 -4.07 -15.46 -2.08
CA TYR A 68 -3.46 -15.88 -3.35
C TYR A 68 -2.75 -17.22 -3.19
N ASP A 69 -2.74 -17.74 -1.97
CA ASP A 69 -2.09 -19.03 -1.70
C ASP A 69 -0.67 -19.05 -2.24
N ALA A 70 0.17 -18.15 -1.71
CA ALA A 70 1.57 -18.05 -2.14
C ALA A 70 2.46 -17.69 -0.97
N ASP A 71 3.76 -17.87 -1.12
CA ASP A 71 4.72 -17.57 -0.06
C ASP A 71 4.56 -16.10 0.39
N PRO A 72 4.10 -15.82 1.60
CA PRO A 72 3.93 -14.40 2.08
C PRO A 72 5.16 -13.53 1.83
N ALA A 73 6.35 -14.13 1.92
CA ALA A 73 7.60 -13.39 1.70
C ALA A 73 7.55 -12.62 0.38
N ILE A 74 6.92 -13.21 -0.63
CA ILE A 74 6.82 -12.58 -1.94
C ILE A 74 5.83 -11.40 -1.89
N ILE A 75 4.72 -11.58 -1.17
CA ILE A 75 3.70 -10.54 -1.07
C ILE A 75 4.28 -9.27 -0.45
N GLU A 76 5.00 -9.41 0.66
CA GLU A 76 5.56 -8.24 1.32
C GLU A 76 6.55 -7.53 0.40
N ALA A 77 7.43 -8.31 -0.22
CA ALA A 77 8.43 -7.77 -1.14
C ALA A 77 7.77 -7.15 -2.37
N ASP A 78 6.54 -7.55 -2.66
CA ASP A 78 5.81 -7.05 -3.82
C ASP A 78 5.24 -5.66 -3.54
N ILE A 79 4.49 -5.54 -2.43
CA ILE A 79 3.88 -4.27 -2.06
C ILE A 79 4.92 -3.26 -1.56
N LEU A 80 5.90 -3.74 -0.77
CA LEU A 80 6.96 -2.86 -0.24
C LEU A 80 7.43 -1.86 -1.32
N PRO A 81 7.96 -2.31 -2.44
CA PRO A 81 8.40 -1.39 -3.55
C PRO A 81 7.45 -0.22 -3.75
N MET A 82 6.15 -0.52 -3.71
CA MET A 82 5.14 0.52 -3.90
C MET A 82 5.19 1.53 -2.76
N LEU A 83 5.34 1.03 -1.53
CA LEU A 83 5.37 1.92 -0.38
C LEU A 83 6.56 2.88 -0.47
N ALA A 84 7.70 2.36 -0.90
CA ALA A 84 8.89 3.19 -1.04
C ALA A 84 8.65 4.27 -2.09
N GLY A 85 7.99 3.90 -3.17
CA GLY A 85 7.70 4.83 -4.26
C GLY A 85 6.70 5.91 -3.82
N LEU A 86 5.69 5.51 -3.06
CA LEU A 86 4.68 6.45 -2.58
C LEU A 86 5.28 7.46 -1.60
N ALA A 87 6.18 6.98 -0.74
CA ALA A 87 6.82 7.85 0.25
C ALA A 87 7.44 9.06 -0.44
N GLN A 88 7.94 8.86 -1.65
CA GLN A 88 8.56 9.93 -2.41
C GLN A 88 7.56 11.03 -2.72
N LYS A 89 6.27 10.68 -2.69
CA LYS A 89 5.19 11.64 -3.00
C LYS A 89 4.68 12.28 -1.70
N ARG A 90 5.22 11.82 -0.57
CA ARG A 90 4.83 12.35 0.72
C ARG A 90 3.35 12.05 1.01
N VAL A 91 2.84 10.98 0.41
CA VAL A 91 1.44 10.58 0.61
C VAL A 91 1.34 9.45 1.63
N LEU A 92 2.50 9.03 2.16
CA LEU A 92 2.56 7.96 3.17
C LEU A 92 2.99 8.51 4.50
N GLU A 93 2.49 7.91 5.58
CA GLU A 93 2.79 8.34 6.94
C GLU A 93 3.08 7.13 7.80
N ARG A 94 3.86 7.35 8.85
CA ARG A 94 4.24 6.28 9.75
C ARG A 94 4.99 6.85 10.96
N MET A 1 14.50 10.38 -5.42
CA MET A 1 15.54 9.32 -5.33
C MET A 1 15.93 9.14 -3.86
N GLU A 2 16.93 8.30 -3.62
CA GLU A 2 17.39 8.04 -2.26
C GLU A 2 16.22 7.64 -1.36
N PRO A 3 15.51 6.59 -1.72
CA PRO A 3 14.34 6.11 -0.91
C PRO A 3 14.78 5.48 0.40
N THR A 4 13.84 5.41 1.35
CA THR A 4 14.12 4.84 2.67
C THR A 4 14.04 3.32 2.61
N ALA A 5 13.30 2.81 1.64
CA ALA A 5 13.12 1.37 1.46
C ALA A 5 12.28 0.77 2.60
N PHE A 6 12.23 1.47 3.73
CA PHE A 6 11.47 1.01 4.88
C PHE A 6 11.86 -0.43 5.24
N SER A 7 11.30 -0.95 6.33
CA SER A 7 11.58 -2.31 6.80
C SER A 7 10.29 -3.04 7.15
N GLY A 8 10.42 -4.29 7.58
CA GLY A 8 9.27 -5.08 7.96
C GLY A 8 8.59 -4.49 9.20
N SER A 9 9.39 -3.90 10.08
CA SER A 9 8.87 -3.31 11.31
C SER A 9 8.07 -2.05 11.01
N ASP A 10 8.33 -1.42 9.87
CA ASP A 10 7.62 -0.21 9.50
C ASP A 10 6.17 -0.55 9.19
N VAL A 11 5.26 0.39 9.51
CA VAL A 11 3.82 0.18 9.29
C VAL A 11 3.25 1.30 8.40
N PRO A 12 2.60 1.01 7.29
CA PRO A 12 2.04 2.08 6.40
C PRO A 12 0.74 2.64 6.98
N ARG A 13 0.45 3.90 6.68
CA ARG A 13 -0.76 4.55 7.15
C ARG A 13 -1.08 5.74 6.26
N LEU A 14 -2.32 5.80 5.76
CA LEU A 14 -2.72 6.90 4.89
C LEU A 14 -2.79 8.23 5.67
N PRO A 15 -2.04 9.26 5.28
CA PRO A 15 -2.08 10.56 6.02
C PRO A 15 -3.34 11.37 5.70
N ARG A 16 -3.62 12.37 6.52
CA ARG A 16 -4.79 13.20 6.32
C ARG A 16 -4.82 13.77 4.91
N GLY A 17 -6.01 13.88 4.32
CA GLY A 17 -6.14 14.43 2.97
C GLY A 17 -5.96 13.32 1.93
N VAL A 18 -5.84 12.08 2.41
CA VAL A 18 -5.65 10.93 1.51
C VAL A 18 -6.60 9.79 1.89
N ARG A 19 -7.34 9.29 0.90
CA ARG A 19 -8.29 8.20 1.11
C ARG A 19 -8.33 7.28 -0.10
N LEU A 20 -8.91 6.10 0.07
CA LEU A 20 -9.00 5.13 -1.01
C LEU A 20 -10.36 5.26 -1.71
N ARG A 21 -10.32 5.17 -3.05
CA ARG A 21 -11.54 5.28 -3.86
C ARG A 21 -11.51 4.27 -4.99
N PHE A 22 -12.69 3.79 -5.38
CA PHE A 22 -12.80 2.80 -6.47
C PHE A 22 -13.15 3.50 -7.77
N ASP A 23 -12.26 3.36 -8.76
CA ASP A 23 -12.49 3.96 -10.08
C ASP A 23 -13.23 2.98 -10.99
N GLU A 24 -14.51 3.25 -11.21
CA GLU A 24 -15.32 2.40 -12.05
C GLU A 24 -14.81 2.40 -13.49
N VAL A 25 -14.36 3.57 -13.93
CA VAL A 25 -13.84 3.72 -15.30
C VAL A 25 -12.59 2.85 -15.49
N ARG A 26 -11.67 2.87 -14.52
CA ARG A 26 -10.44 2.10 -14.61
C ARG A 26 -10.64 0.69 -14.04
N ASN A 27 -11.75 0.53 -13.31
CA ASN A 27 -12.11 -0.76 -12.70
C ASN A 27 -11.07 -1.19 -11.66
N LYS A 28 -10.41 -0.21 -11.04
CA LYS A 28 -9.39 -0.49 -10.01
C LYS A 28 -9.42 0.61 -8.96
N HIS A 29 -8.69 0.39 -7.86
CA HIS A 29 -8.62 1.37 -6.77
C HIS A 29 -7.43 2.30 -6.97
N VAL A 30 -7.56 3.54 -6.49
CA VAL A 30 -6.50 4.54 -6.63
C VAL A 30 -6.34 5.32 -5.33
N LEU A 31 -5.20 5.98 -5.18
CA LEU A 31 -4.94 6.78 -3.99
C LEU A 31 -5.23 8.25 -4.29
N LEU A 32 -6.25 8.80 -3.65
CA LEU A 32 -6.60 10.20 -3.87
C LEU A 32 -5.64 11.08 -3.09
N ALA A 33 -4.58 11.55 -3.76
CA ALA A 33 -3.57 12.40 -3.12
C ALA A 33 -3.88 13.87 -3.43
N PRO A 34 -3.47 14.80 -2.59
CA PRO A 34 -3.72 16.26 -2.83
C PRO A 34 -3.01 16.75 -4.09
N GLU A 35 -1.91 16.09 -4.45
CA GLU A 35 -1.14 16.48 -5.63
C GLU A 35 -1.79 15.93 -6.91
N ARG A 36 -2.06 14.62 -6.92
CA ARG A 36 -2.66 13.97 -8.08
C ARG A 36 -2.98 12.51 -7.78
N THR A 37 -4.06 12.01 -8.38
CA THR A 37 -4.46 10.62 -8.19
C THR A 37 -3.54 9.70 -8.98
N PHE A 38 -3.00 8.67 -8.31
CA PHE A 38 -2.09 7.72 -8.96
C PHE A 38 -2.82 6.42 -9.27
N ASP A 39 -2.52 5.84 -10.43
CA ASP A 39 -3.14 4.58 -10.85
C ASP A 39 -2.55 3.42 -10.05
N LEU A 40 -3.40 2.74 -9.28
CA LEU A 40 -2.97 1.60 -8.45
C LEU A 40 -3.90 0.43 -8.67
N ASP A 41 -3.38 -0.79 -8.44
CA ASP A 41 -4.17 -2.00 -8.61
C ASP A 41 -4.91 -2.33 -7.33
N ASP A 42 -5.96 -3.14 -7.45
CA ASP A 42 -6.75 -3.52 -6.29
C ASP A 42 -5.88 -4.26 -5.27
N ASN A 43 -5.01 -5.11 -5.77
CA ASN A 43 -4.12 -5.89 -4.89
C ASN A 43 -3.18 -4.97 -4.12
N ALA A 44 -2.68 -3.94 -4.80
CA ALA A 44 -1.77 -3.00 -4.17
C ALA A 44 -2.49 -2.17 -3.12
N VAL A 45 -3.75 -1.86 -3.37
CA VAL A 45 -4.55 -1.07 -2.42
C VAL A 45 -5.23 -1.99 -1.41
N ALA A 46 -5.32 -3.28 -1.74
CA ALA A 46 -5.96 -4.24 -0.87
C ALA A 46 -5.30 -4.23 0.51
N VAL A 47 -3.98 -4.27 0.51
CA VAL A 47 -3.24 -4.26 1.77
C VAL A 47 -3.52 -2.99 2.55
N LEU A 48 -3.54 -1.85 1.84
CA LEU A 48 -3.79 -0.57 2.48
C LEU A 48 -5.25 -0.47 2.95
N LYS A 49 -6.14 -1.15 2.23
CA LYS A 49 -7.56 -1.16 2.57
C LYS A 49 -7.87 -2.25 3.60
N LEU A 50 -7.08 -3.32 3.58
CA LEU A 50 -7.31 -4.44 4.50
C LEU A 50 -6.89 -4.04 5.92
N VAL A 51 -5.87 -3.20 6.02
CA VAL A 51 -5.40 -2.76 7.33
C VAL A 51 -6.37 -1.74 7.95
N ASP A 52 -6.75 -2.00 9.20
CA ASP A 52 -7.66 -1.11 9.90
C ASP A 52 -6.94 0.19 10.29
N GLY A 53 -5.68 0.06 10.73
CA GLY A 53 -4.86 1.21 11.12
C GLY A 53 -3.40 0.99 10.75
N ARG A 54 -2.58 0.60 11.74
CA ARG A 54 -1.15 0.34 11.50
C ARG A 54 -0.83 -1.14 11.73
N ASN A 55 -0.64 -1.88 10.62
CA ASN A 55 -0.29 -3.30 10.67
C ASN A 55 1.08 -3.52 10.04
N THR A 56 1.75 -4.59 10.46
CA THR A 56 3.06 -4.94 9.90
C THR A 56 2.87 -5.63 8.56
N VAL A 57 3.69 -5.26 7.58
CA VAL A 57 3.60 -5.85 6.25
C VAL A 57 3.69 -7.36 6.34
N SER A 58 4.52 -7.85 7.25
CA SER A 58 4.70 -9.29 7.43
C SER A 58 3.37 -9.95 7.79
N GLN A 59 2.63 -9.31 8.70
CA GLN A 59 1.33 -9.86 9.11
C GLN A 59 0.35 -9.88 7.94
N ILE A 60 0.30 -8.78 7.20
CA ILE A 60 -0.60 -8.68 6.07
C ILE A 60 -0.25 -9.74 5.03
N ALA A 61 1.04 -9.89 4.78
CA ALA A 61 1.51 -10.86 3.80
C ALA A 61 0.95 -12.24 4.07
N GLN A 62 0.82 -12.59 5.35
CA GLN A 62 0.29 -13.90 5.71
C GLN A 62 -1.16 -14.04 5.24
N ILE A 63 -2.00 -13.07 5.61
CA ILE A 63 -3.40 -13.12 5.22
C ILE A 63 -3.56 -13.02 3.71
N LEU A 64 -2.91 -12.04 3.11
CA LEU A 64 -2.99 -11.83 1.66
C LEU A 64 -2.32 -12.99 0.92
N GLY A 65 -1.19 -13.45 1.45
CA GLY A 65 -0.46 -14.54 0.82
C GLY A 65 -1.35 -15.77 0.65
N GLN A 66 -2.15 -16.07 1.66
CA GLN A 66 -3.05 -17.22 1.59
C GLN A 66 -4.10 -17.01 0.52
N THR A 67 -4.49 -15.75 0.29
CA THR A 67 -5.49 -15.46 -0.73
C THR A 67 -5.02 -15.89 -2.10
N TYR A 68 -3.76 -15.54 -2.43
CA TYR A 68 -3.18 -15.90 -3.73
C TYR A 68 -2.41 -17.21 -3.63
N ASP A 69 -2.43 -17.82 -2.46
CA ASP A 69 -1.74 -19.09 -2.26
C ASP A 69 -0.27 -18.98 -2.66
N ALA A 70 0.43 -18.00 -2.10
CA ALA A 70 1.85 -17.78 -2.40
C ALA A 70 2.60 -17.38 -1.13
N ASP A 71 3.92 -17.56 -1.14
CA ASP A 71 4.74 -17.21 0.02
C ASP A 71 4.53 -15.74 0.41
N PRO A 72 4.49 -15.40 1.69
CA PRO A 72 4.28 -13.99 2.15
C PRO A 72 5.46 -13.08 1.80
N ALA A 73 6.66 -13.65 1.74
CA ALA A 73 7.84 -12.88 1.42
C ALA A 73 7.67 -12.15 0.08
N ILE A 74 6.96 -12.79 -0.83
CA ILE A 74 6.73 -12.22 -2.15
C ILE A 74 5.79 -11.01 -2.06
N ILE A 75 4.71 -11.15 -1.29
CA ILE A 75 3.73 -10.06 -1.17
C ILE A 75 4.35 -8.81 -0.56
N GLU A 76 5.02 -8.98 0.58
CA GLU A 76 5.62 -7.83 1.25
C GLU A 76 6.64 -7.17 0.35
N ALA A 77 7.51 -7.98 -0.25
CA ALA A 77 8.55 -7.48 -1.13
C ALA A 77 7.94 -6.82 -2.37
N ASP A 78 6.71 -7.21 -2.71
CA ASP A 78 6.03 -6.66 -3.89
C ASP A 78 5.45 -5.27 -3.61
N ILE A 79 4.68 -5.16 -2.53
CA ILE A 79 4.05 -3.89 -2.16
C ILE A 79 5.08 -2.89 -1.64
N LEU A 80 6.03 -3.36 -0.81
CA LEU A 80 7.08 -2.48 -0.26
C LEU A 80 7.59 -1.49 -1.33
N PRO A 81 8.15 -1.95 -2.44
CA PRO A 81 8.64 -1.06 -3.54
C PRO A 81 7.70 0.14 -3.77
N MET A 82 6.39 -0.14 -3.76
CA MET A 82 5.40 0.90 -3.97
C MET A 82 5.40 1.90 -2.82
N LEU A 83 5.52 1.40 -1.60
CA LEU A 83 5.50 2.27 -0.44
C LEU A 83 6.69 3.22 -0.48
N ALA A 84 7.84 2.70 -0.90
CA ALA A 84 9.04 3.51 -1.00
C ALA A 84 8.84 4.62 -2.02
N GLY A 85 8.21 4.28 -3.14
CA GLY A 85 7.96 5.26 -4.20
C GLY A 85 7.00 6.35 -3.74
N LEU A 86 5.97 5.94 -3.01
CA LEU A 86 4.96 6.88 -2.51
C LEU A 86 5.57 7.84 -1.49
N ALA A 87 6.42 7.31 -0.61
CA ALA A 87 7.05 8.15 0.40
C ALA A 87 7.78 9.31 -0.26
N GLN A 88 8.41 9.05 -1.40
CA GLN A 88 9.13 10.08 -2.13
C GLN A 88 8.18 11.18 -2.63
N LYS A 89 6.89 10.84 -2.74
CA LYS A 89 5.89 11.80 -3.22
C LYS A 89 5.27 12.55 -2.05
N ARG A 90 5.69 12.20 -0.84
CA ARG A 90 5.19 12.84 0.37
C ARG A 90 3.69 12.63 0.52
N VAL A 91 3.27 11.36 0.51
CA VAL A 91 1.85 11.01 0.65
C VAL A 91 1.68 9.77 1.52
N LEU A 92 2.80 9.27 2.06
CA LEU A 92 2.78 8.08 2.93
C LEU A 92 3.76 8.26 4.08
N GLU A 93 3.29 7.99 5.29
CA GLU A 93 4.12 8.10 6.49
C GLU A 93 3.60 7.16 7.58
N ARG A 94 4.51 6.65 8.39
CA ARG A 94 4.14 5.74 9.47
C ARG A 94 3.24 6.46 10.47
N MET A 1 18.16 13.58 -0.54
CA MET A 1 18.42 12.59 0.54
C MET A 1 18.15 11.19 0.00
N GLU A 2 18.77 10.19 0.62
CA GLU A 2 18.59 8.82 0.19
C GLU A 2 17.19 8.31 0.54
N PRO A 3 16.61 7.43 -0.26
CA PRO A 3 15.24 6.87 0.02
C PRO A 3 15.06 6.51 1.50
N THR A 4 13.80 6.51 1.94
CA THR A 4 13.49 6.18 3.33
C THR A 4 13.61 4.68 3.57
N ALA A 5 13.41 3.91 2.50
CA ALA A 5 13.52 2.45 2.61
C ALA A 5 12.66 1.93 3.75
N PHE A 6 11.47 1.43 3.42
CA PHE A 6 10.56 0.90 4.43
C PHE A 6 10.99 -0.51 4.82
N SER A 7 11.13 -0.74 6.13
CA SER A 7 11.53 -2.05 6.65
C SER A 7 10.30 -2.87 7.03
N GLY A 8 10.53 -4.09 7.46
CA GLY A 8 9.43 -4.96 7.86
C GLY A 8 8.71 -4.42 9.09
N SER A 9 9.48 -3.85 10.02
CA SER A 9 8.91 -3.29 11.24
C SER A 9 8.17 -1.99 10.94
N ASP A 10 8.46 -1.40 9.79
CA ASP A 10 7.82 -0.14 9.40
C ASP A 10 6.37 -0.40 9.04
N VAL A 11 5.45 0.18 9.81
CA VAL A 11 4.01 -0.01 9.55
C VAL A 11 3.44 1.13 8.70
N PRO A 12 2.85 0.85 7.54
CA PRO A 12 2.27 1.92 6.68
C PRO A 12 0.94 2.43 7.21
N ARG A 13 0.58 3.67 6.88
CA ARG A 13 -0.68 4.25 7.32
C ARG A 13 -1.07 5.40 6.39
N LEU A 14 -2.33 5.41 5.98
CA LEU A 14 -2.80 6.44 5.07
C LEU A 14 -2.81 7.82 5.75
N PRO A 15 -2.12 8.81 5.22
CA PRO A 15 -2.09 10.17 5.84
C PRO A 15 -3.37 10.95 5.58
N ARG A 16 -3.66 11.89 6.47
CA ARG A 16 -4.86 12.70 6.34
C ARG A 16 -4.86 13.42 5.00
N GLY A 17 -6.06 13.70 4.48
CA GLY A 17 -6.20 14.37 3.20
C GLY A 17 -6.11 13.39 2.05
N VAL A 18 -6.26 12.10 2.36
CA VAL A 18 -6.21 11.04 1.34
C VAL A 18 -7.34 10.04 1.55
N ARG A 19 -8.03 9.69 0.47
CA ARG A 19 -9.14 8.73 0.53
C ARG A 19 -9.05 7.75 -0.61
N LEU A 20 -9.60 6.56 -0.41
CA LEU A 20 -9.58 5.51 -1.42
C LEU A 20 -10.88 5.53 -2.22
N ARG A 21 -10.79 5.16 -3.50
CA ARG A 21 -11.97 5.16 -4.38
C ARG A 21 -11.92 3.92 -5.27
N PHE A 22 -13.10 3.34 -5.52
CA PHE A 22 -13.21 2.16 -6.36
C PHE A 22 -13.67 2.54 -7.77
N ASP A 23 -12.75 2.43 -8.73
CA ASP A 23 -13.07 2.76 -10.12
C ASP A 23 -13.60 1.52 -10.84
N GLU A 24 -14.91 1.35 -10.83
CA GLU A 24 -15.54 0.21 -11.48
C GLU A 24 -15.20 0.21 -12.96
N VAL A 25 -15.09 1.40 -13.53
CA VAL A 25 -14.79 1.54 -14.95
C VAL A 25 -13.40 0.97 -15.25
N ARG A 26 -12.43 1.29 -14.39
CA ARG A 26 -11.05 0.81 -14.57
C ARG A 26 -10.88 -0.57 -13.95
N ASN A 27 -11.80 -0.92 -13.05
CA ASN A 27 -11.77 -2.22 -12.36
C ASN A 27 -10.60 -2.32 -11.41
N LYS A 28 -10.10 -1.17 -10.95
CA LYS A 28 -8.97 -1.12 -10.02
C LYS A 28 -9.14 0.05 -9.05
N HIS A 29 -8.33 0.06 -8.00
CA HIS A 29 -8.38 1.11 -7.00
C HIS A 29 -7.44 2.24 -7.38
N VAL A 30 -7.67 3.42 -6.80
CA VAL A 30 -6.84 4.58 -7.09
C VAL A 30 -6.66 5.39 -5.81
N LEU A 31 -5.50 6.03 -5.68
CA LEU A 31 -5.20 6.85 -4.51
C LEU A 31 -5.38 8.33 -4.86
N LEU A 32 -6.40 8.96 -4.29
CA LEU A 32 -6.63 10.38 -4.55
C LEU A 32 -5.67 11.21 -3.72
N ALA A 33 -4.54 11.60 -4.31
CA ALA A 33 -3.55 12.41 -3.58
C ALA A 33 -3.79 13.90 -3.86
N PRO A 34 -3.56 14.78 -2.90
CA PRO A 34 -3.76 16.25 -3.11
C PRO A 34 -3.18 16.74 -4.44
N GLU A 35 -2.04 16.16 -4.84
CA GLU A 35 -1.38 16.57 -6.08
C GLU A 35 -2.13 16.03 -7.30
N ARG A 36 -2.38 14.72 -7.30
CA ARG A 36 -3.08 14.09 -8.41
C ARG A 36 -3.36 12.63 -8.11
N THR A 37 -4.44 12.10 -8.69
CA THR A 37 -4.80 10.71 -8.48
C THR A 37 -3.79 9.80 -9.18
N PHE A 38 -3.31 8.78 -8.46
CA PHE A 38 -2.33 7.85 -9.01
C PHE A 38 -2.99 6.50 -9.31
N ASP A 39 -2.78 6.01 -10.53
CA ASP A 39 -3.34 4.73 -10.94
C ASP A 39 -2.60 3.59 -10.26
N LEU A 40 -3.30 2.84 -9.40
CA LEU A 40 -2.69 1.73 -8.66
C LEU A 40 -3.61 0.51 -8.74
N ASP A 41 -3.03 -0.67 -8.48
CA ASP A 41 -3.80 -1.91 -8.52
C ASP A 41 -4.52 -2.13 -7.20
N ASP A 42 -5.56 -2.96 -7.25
CA ASP A 42 -6.34 -3.24 -6.05
C ASP A 42 -5.47 -3.89 -4.98
N ASN A 43 -4.52 -4.72 -5.42
CA ASN A 43 -3.63 -5.41 -4.48
C ASN A 43 -2.79 -4.41 -3.70
N ALA A 44 -2.33 -3.36 -4.38
CA ALA A 44 -1.51 -2.34 -3.73
C ALA A 44 -2.34 -1.53 -2.73
N VAL A 45 -3.61 -1.30 -3.07
CA VAL A 45 -4.51 -0.53 -2.20
C VAL A 45 -5.22 -1.46 -1.20
N ALA A 46 -5.26 -2.75 -1.53
CA ALA A 46 -5.92 -3.72 -0.66
C ALA A 46 -5.28 -3.72 0.72
N VAL A 47 -3.97 -3.78 0.76
CA VAL A 47 -3.25 -3.79 2.03
C VAL A 47 -3.51 -2.49 2.80
N LEU A 48 -3.57 -1.38 2.07
CA LEU A 48 -3.82 -0.08 2.70
C LEU A 48 -5.25 0.00 3.21
N LYS A 49 -6.16 -0.68 2.53
CA LYS A 49 -7.56 -0.68 2.93
C LYS A 49 -7.83 -1.82 3.92
N LEU A 50 -7.03 -2.88 3.83
CA LEU A 50 -7.22 -4.03 4.73
C LEU A 50 -6.76 -3.70 6.14
N VAL A 51 -5.74 -2.85 6.24
CA VAL A 51 -5.22 -2.46 7.54
C VAL A 51 -6.15 -1.48 8.24
N ASP A 52 -6.55 -1.83 9.47
CA ASP A 52 -7.43 -0.97 10.24
C ASP A 52 -6.69 0.27 10.73
N GLY A 53 -5.45 0.06 11.19
CA GLY A 53 -4.61 1.17 11.69
C GLY A 53 -3.15 0.94 11.31
N ARG A 54 -2.36 0.42 12.27
CA ARG A 54 -0.94 0.15 12.01
C ARG A 54 -0.66 -1.34 12.07
N ASN A 55 -0.50 -1.96 10.90
CA ASN A 55 -0.18 -3.39 10.78
C ASN A 55 1.18 -3.58 10.12
N THR A 56 1.83 -4.70 10.44
CA THR A 56 3.14 -5.01 9.85
C THR A 56 2.94 -5.65 8.48
N VAL A 57 3.80 -5.28 7.53
CA VAL A 57 3.70 -5.82 6.19
C VAL A 57 3.76 -7.35 6.22
N SER A 58 4.64 -7.88 7.07
CA SER A 58 4.78 -9.33 7.17
C SER A 58 3.46 -9.97 7.58
N GLN A 59 2.78 -9.36 8.55
CA GLN A 59 1.50 -9.89 9.02
C GLN A 59 0.47 -9.84 7.91
N ILE A 60 0.42 -8.72 7.20
CA ILE A 60 -0.54 -8.56 6.11
C ILE A 60 -0.28 -9.60 5.02
N ALA A 61 1.00 -9.79 4.70
CA ALA A 61 1.39 -10.74 3.67
C ALA A 61 0.77 -12.11 3.93
N GLN A 62 0.72 -12.50 5.19
CA GLN A 62 0.14 -13.79 5.55
C GLN A 62 -1.34 -13.83 5.19
N ILE A 63 -2.08 -12.82 5.62
CA ILE A 63 -3.51 -12.77 5.33
C ILE A 63 -3.75 -12.64 3.83
N LEU A 64 -3.06 -11.70 3.20
CA LEU A 64 -3.22 -11.47 1.78
C LEU A 64 -2.64 -12.64 0.99
N GLY A 65 -1.55 -13.21 1.48
CA GLY A 65 -0.91 -14.33 0.80
C GLY A 65 -1.86 -15.52 0.67
N GLN A 66 -2.62 -15.79 1.71
CA GLN A 66 -3.57 -16.90 1.69
C GLN A 66 -4.67 -16.64 0.67
N THR A 67 -5.01 -15.37 0.48
CA THR A 67 -6.05 -15.01 -0.47
C THR A 67 -5.65 -15.42 -1.89
N TYR A 68 -4.42 -15.08 -2.28
CA TYR A 68 -3.90 -15.43 -3.62
C TYR A 68 -3.11 -16.74 -3.55
N ASP A 69 -2.96 -17.28 -2.35
CA ASP A 69 -2.22 -18.52 -2.17
C ASP A 69 -0.83 -18.42 -2.78
N ALA A 70 -0.02 -17.51 -2.26
CA ALA A 70 1.34 -17.30 -2.78
C ALA A 70 2.32 -17.09 -1.61
N ASP A 71 3.60 -17.30 -1.89
CA ASP A 71 4.62 -17.16 -0.85
C ASP A 71 4.54 -15.74 -0.22
N PRO A 72 4.20 -15.62 1.05
CA PRO A 72 4.11 -14.28 1.71
C PRO A 72 5.35 -13.41 1.46
N ALA A 73 6.52 -14.03 1.40
CA ALA A 73 7.77 -13.31 1.17
C ALA A 73 7.67 -12.42 -0.07
N ILE A 74 7.02 -12.94 -1.11
CA ILE A 74 6.86 -12.19 -2.35
C ILE A 74 5.86 -11.05 -2.17
N ILE A 75 4.78 -11.32 -1.43
CA ILE A 75 3.76 -10.31 -1.20
C ILE A 75 4.32 -9.08 -0.51
N GLU A 76 5.07 -9.29 0.58
CA GLU A 76 5.66 -8.18 1.30
C GLU A 76 6.70 -7.47 0.43
N ALA A 77 7.50 -8.26 -0.28
CA ALA A 77 8.53 -7.71 -1.16
C ALA A 77 7.90 -6.95 -2.33
N ASP A 78 6.64 -7.23 -2.61
CA ASP A 78 5.93 -6.57 -3.72
C ASP A 78 5.48 -5.17 -3.32
N ILE A 79 4.83 -5.05 -2.15
CA ILE A 79 4.33 -3.77 -1.66
C ILE A 79 5.45 -2.92 -1.06
N LEU A 80 6.39 -3.58 -0.39
CA LEU A 80 7.52 -2.88 0.22
C LEU A 80 8.09 -1.82 -0.74
N PRO A 81 8.57 -2.20 -1.90
CA PRO A 81 9.14 -1.22 -2.89
C PRO A 81 8.08 -0.21 -3.33
N MET A 82 6.82 -0.64 -3.39
CA MET A 82 5.74 0.25 -3.80
C MET A 82 5.53 1.36 -2.79
N LEU A 83 5.57 1.01 -1.51
CA LEU A 83 5.36 2.00 -0.46
C LEU A 83 6.47 3.06 -0.49
N ALA A 84 7.69 2.61 -0.71
CA ALA A 84 8.82 3.54 -0.77
C ALA A 84 8.67 4.49 -1.95
N GLY A 85 8.16 3.97 -3.07
CA GLY A 85 7.98 4.79 -4.26
C GLY A 85 6.93 5.88 -4.01
N LEU A 86 5.86 5.51 -3.32
CA LEU A 86 4.79 6.45 -3.03
C LEU A 86 5.27 7.51 -2.04
N ALA A 87 6.05 7.10 -1.06
CA ALA A 87 6.57 8.04 -0.06
C ALA A 87 7.26 9.22 -0.75
N GLN A 88 7.92 8.95 -1.87
CA GLN A 88 8.61 10.00 -2.61
C GLN A 88 7.62 11.05 -3.12
N LYS A 89 6.34 10.67 -3.21
CA LYS A 89 5.29 11.57 -3.70
C LYS A 89 4.63 12.30 -2.54
N ARG A 90 5.10 12.00 -1.33
CA ARG A 90 4.57 12.63 -0.13
C ARG A 90 3.09 12.30 0.03
N VAL A 91 2.78 11.00 0.10
CA VAL A 91 1.39 10.55 0.26
C VAL A 91 1.33 9.35 1.19
N LEU A 92 2.44 9.08 1.89
CA LEU A 92 2.52 7.95 2.82
C LEU A 92 3.15 8.38 4.13
N GLU A 93 2.69 7.76 5.21
CA GLU A 93 3.19 8.06 6.54
C GLU A 93 3.16 6.80 7.42
N ARG A 94 4.20 6.64 8.22
CA ARG A 94 4.31 5.50 9.10
C ARG A 94 3.17 5.52 10.12
N MET A 1 21.48 13.30 -0.89
CA MET A 1 20.12 12.84 -0.49
C MET A 1 20.02 11.33 -0.72
N GLU A 2 18.83 10.78 -0.46
CA GLU A 2 18.62 9.36 -0.64
C GLU A 2 17.12 9.02 -0.51
N PRO A 3 16.63 8.03 -1.23
CA PRO A 3 15.19 7.63 -1.14
C PRO A 3 14.85 6.95 0.17
N THR A 4 13.57 6.91 0.49
CA THR A 4 13.10 6.29 1.73
C THR A 4 13.03 4.78 1.57
N ALA A 5 12.89 4.07 2.68
CA ALA A 5 12.82 2.62 2.65
C ALA A 5 12.27 2.08 3.96
N PHE A 6 11.02 1.63 3.92
CA PHE A 6 10.35 1.10 5.12
C PHE A 6 10.79 -0.34 5.37
N SER A 7 11.08 -0.64 6.64
CA SER A 7 11.52 -1.99 7.03
C SER A 7 10.33 -2.84 7.46
N GLY A 8 10.62 -4.04 7.95
CA GLY A 8 9.56 -4.95 8.39
C GLY A 8 8.84 -4.39 9.61
N SER A 9 9.60 -3.80 10.52
CA SER A 9 9.03 -3.23 11.75
C SER A 9 8.22 -1.98 11.44
N ASP A 10 8.56 -1.32 10.34
CA ASP A 10 7.87 -0.10 9.93
C ASP A 10 6.44 -0.46 9.52
N VAL A 11 5.51 0.47 9.76
CA VAL A 11 4.08 0.25 9.43
C VAL A 11 3.53 1.43 8.60
N PRO A 12 2.91 1.19 7.46
CA PRO A 12 2.35 2.30 6.62
C PRO A 12 1.03 2.84 7.18
N ARG A 13 0.72 4.10 6.86
CA ARG A 13 -0.53 4.71 7.31
C ARG A 13 -0.93 5.86 6.37
N LEU A 14 -2.21 5.87 5.95
CA LEU A 14 -2.71 6.89 5.04
C LEU A 14 -2.79 8.26 5.74
N PRO A 15 -1.99 9.25 5.33
CA PRO A 15 -2.03 10.62 5.97
C PRO A 15 -3.38 11.32 5.85
N ARG A 16 -3.66 12.21 6.79
CA ARG A 16 -4.90 12.97 6.78
C ARG A 16 -5.13 13.64 5.41
N GLY A 17 -6.35 13.48 4.90
CA GLY A 17 -6.73 14.06 3.60
C GLY A 17 -6.56 13.03 2.49
N VAL A 18 -5.99 11.87 2.86
CA VAL A 18 -5.77 10.77 1.91
C VAL A 18 -6.77 9.65 2.20
N ARG A 19 -7.48 9.23 1.16
CA ARG A 19 -8.48 8.17 1.26
C ARG A 19 -8.45 7.29 0.02
N LEU A 20 -8.98 6.07 0.14
CA LEU A 20 -8.99 5.12 -0.97
C LEU A 20 -10.33 5.19 -1.71
N ARG A 21 -10.30 5.75 -2.93
CA ARG A 21 -11.51 5.86 -3.75
C ARG A 21 -11.55 4.74 -4.79
N PHE A 22 -12.73 4.16 -4.97
CA PHE A 22 -12.92 3.08 -5.95
C PHE A 22 -13.53 3.61 -7.23
N ASP A 23 -12.77 3.55 -8.32
CA ASP A 23 -13.24 4.04 -9.62
C ASP A 23 -13.98 2.93 -10.35
N GLU A 24 -15.29 2.87 -10.17
CA GLU A 24 -16.11 1.85 -10.81
C GLU A 24 -15.99 1.97 -12.32
N VAL A 25 -15.86 3.20 -12.81
CA VAL A 25 -15.74 3.45 -14.24
C VAL A 25 -14.47 2.80 -14.79
N ARG A 26 -13.35 2.95 -14.07
CA ARG A 26 -12.08 2.37 -14.50
C ARG A 26 -11.94 0.94 -13.98
N ASN A 27 -12.86 0.54 -13.11
CA ASN A 27 -12.86 -0.80 -12.52
C ASN A 27 -11.59 -1.07 -11.72
N LYS A 28 -11.03 -0.01 -11.14
CA LYS A 28 -9.82 -0.14 -10.31
C LYS A 28 -9.87 0.88 -9.17
N HIS A 29 -8.96 0.72 -8.22
CA HIS A 29 -8.89 1.63 -7.07
C HIS A 29 -7.80 2.66 -7.30
N VAL A 30 -7.99 3.85 -6.73
CA VAL A 30 -7.02 4.95 -6.88
C VAL A 30 -6.81 5.65 -5.55
N LEU A 31 -5.66 6.28 -5.39
CA LEU A 31 -5.34 7.01 -4.15
C LEU A 31 -5.51 8.51 -4.38
N LEU A 32 -6.37 9.12 -3.58
CA LEU A 32 -6.60 10.57 -3.69
C LEU A 32 -5.44 11.32 -3.05
N ALA A 33 -4.52 11.80 -3.87
CA ALA A 33 -3.36 12.54 -3.35
C ALA A 33 -3.64 14.05 -3.41
N PRO A 34 -3.15 14.84 -2.47
CA PRO A 34 -3.39 16.32 -2.50
C PRO A 34 -3.12 16.91 -3.89
N GLU A 35 -2.09 16.41 -4.57
CA GLU A 35 -1.73 16.94 -5.88
C GLU A 35 -2.72 16.49 -6.97
N ARG A 36 -2.96 15.18 -7.05
CA ARG A 36 -3.88 14.64 -8.05
C ARG A 36 -4.06 13.13 -7.87
N THR A 37 -5.20 12.61 -8.30
CA THR A 37 -5.47 11.19 -8.18
C THR A 37 -4.54 10.40 -9.10
N PHE A 38 -3.94 9.33 -8.56
CA PHE A 38 -3.01 8.48 -9.31
C PHE A 38 -3.63 7.12 -9.62
N ASP A 39 -3.37 6.62 -10.82
CA ASP A 39 -3.88 5.31 -11.24
C ASP A 39 -3.14 4.20 -10.51
N LEU A 40 -3.89 3.38 -9.76
CA LEU A 40 -3.32 2.26 -9.01
C LEU A 40 -4.21 1.02 -9.18
N ASP A 41 -3.61 -0.15 -8.96
CA ASP A 41 -4.34 -1.42 -9.10
C ASP A 41 -5.06 -1.74 -7.80
N ASP A 42 -6.14 -2.52 -7.91
CA ASP A 42 -6.92 -2.91 -6.75
C ASP A 42 -6.06 -3.69 -5.76
N ASN A 43 -5.18 -4.53 -6.29
CA ASN A 43 -4.30 -5.33 -5.44
C ASN A 43 -3.37 -4.43 -4.62
N ALA A 44 -2.88 -3.36 -5.24
CA ALA A 44 -1.98 -2.45 -4.56
C ALA A 44 -2.72 -1.66 -3.47
N VAL A 45 -3.94 -1.23 -3.77
CA VAL A 45 -4.74 -0.48 -2.80
C VAL A 45 -5.37 -1.42 -1.78
N ALA A 46 -5.63 -2.66 -2.22
CA ALA A 46 -6.24 -3.64 -1.33
C ALA A 46 -5.43 -3.78 -0.05
N VAL A 47 -4.11 -3.73 -0.19
CA VAL A 47 -3.23 -3.85 0.96
C VAL A 47 -3.49 -2.70 1.95
N LEU A 48 -3.55 -1.49 1.41
CA LEU A 48 -3.78 -0.31 2.24
C LEU A 48 -5.21 -0.30 2.76
N LYS A 49 -6.12 -0.89 1.97
CA LYS A 49 -7.53 -0.96 2.36
C LYS A 49 -7.78 -2.11 3.33
N LEU A 50 -6.97 -3.17 3.22
CA LEU A 50 -7.14 -4.33 4.08
C LEU A 50 -6.70 -4.03 5.51
N VAL A 51 -5.71 -3.15 5.65
CA VAL A 51 -5.22 -2.76 6.98
C VAL A 51 -6.16 -1.77 7.63
N ASP A 52 -6.56 -2.05 8.86
CA ASP A 52 -7.46 -1.17 9.60
C ASP A 52 -6.74 0.13 9.97
N GLY A 53 -5.48 0.00 10.42
CA GLY A 53 -4.67 1.17 10.81
C GLY A 53 -3.21 0.92 10.49
N ARG A 54 -2.43 0.50 11.50
CA ARG A 54 -1.01 0.21 11.32
C ARG A 54 -0.72 -1.28 11.52
N ASN A 55 -0.50 -2.00 10.42
CA ASN A 55 -0.17 -3.44 10.46
C ASN A 55 1.23 -3.66 9.89
N THR A 56 1.93 -4.66 10.40
CA THR A 56 3.26 -4.98 9.92
C THR A 56 3.17 -5.77 8.61
N VAL A 57 4.08 -5.50 7.69
CA VAL A 57 4.07 -6.18 6.40
C VAL A 57 4.12 -7.69 6.60
N SER A 58 4.90 -8.12 7.59
CA SER A 58 5.01 -9.54 7.86
C SER A 58 3.65 -10.15 8.19
N GLN A 59 2.89 -9.45 9.03
CA GLN A 59 1.56 -9.93 9.42
C GLN A 59 0.62 -9.97 8.21
N ILE A 60 0.62 -8.90 7.43
CA ILE A 60 -0.24 -8.82 6.25
C ILE A 60 0.11 -9.94 5.29
N ALA A 61 1.40 -10.16 5.11
CA ALA A 61 1.86 -11.19 4.19
C ALA A 61 1.20 -12.54 4.48
N GLN A 62 1.03 -12.86 5.76
CA GLN A 62 0.41 -14.10 6.14
C GLN A 62 -1.04 -14.15 5.66
N ILE A 63 -1.80 -13.11 5.98
CA ILE A 63 -3.20 -13.05 5.59
C ILE A 63 -3.35 -12.98 4.07
N LEU A 64 -2.62 -12.05 3.45
CA LEU A 64 -2.69 -11.87 2.00
C LEU A 64 -2.05 -13.06 1.28
N GLY A 65 -1.00 -13.61 1.88
CA GLY A 65 -0.31 -14.74 1.27
C GLY A 65 -1.27 -15.91 1.07
N GLN A 66 -2.09 -16.17 2.07
CA GLN A 66 -3.06 -17.27 1.99
C GLN A 66 -4.13 -16.97 0.93
N THR A 67 -4.56 -15.72 0.85
CA THR A 67 -5.58 -15.34 -0.12
C THR A 67 -5.09 -15.55 -1.54
N TYR A 68 -3.81 -15.26 -1.78
CA TYR A 68 -3.20 -15.43 -3.11
C TYR A 68 -2.53 -16.80 -3.21
N ASP A 69 -2.61 -17.58 -2.14
CA ASP A 69 -2.01 -18.91 -2.13
C ASP A 69 -0.55 -18.85 -2.54
N ALA A 70 0.20 -17.92 -1.94
CA ALA A 70 1.63 -17.74 -2.25
C ALA A 70 2.41 -17.44 -0.98
N ASP A 71 3.72 -17.69 -1.04
CA ASP A 71 4.58 -17.47 0.12
C ASP A 71 4.45 -16.01 0.60
N PRO A 72 4.52 -15.76 1.90
CA PRO A 72 4.41 -14.36 2.46
C PRO A 72 5.61 -13.50 2.08
N ALA A 73 6.78 -14.13 1.95
CA ALA A 73 7.99 -13.39 1.61
C ALA A 73 7.78 -12.59 0.34
N ILE A 74 6.98 -13.13 -0.57
CA ILE A 74 6.70 -12.47 -1.85
C ILE A 74 5.86 -11.21 -1.65
N ILE A 75 4.82 -11.31 -0.80
CA ILE A 75 3.93 -10.16 -0.58
C ILE A 75 4.69 -8.98 0.01
N GLU A 76 5.47 -9.23 1.05
CA GLU A 76 6.19 -8.14 1.70
C GLU A 76 7.14 -7.49 0.70
N ALA A 77 7.87 -8.31 -0.03
CA ALA A 77 8.82 -7.82 -1.03
C ALA A 77 8.08 -7.10 -2.16
N ASP A 78 6.81 -7.44 -2.36
CA ASP A 78 6.02 -6.83 -3.43
C ASP A 78 5.54 -5.43 -3.05
N ILE A 79 4.97 -5.30 -1.86
CA ILE A 79 4.45 -4.01 -1.38
C ILE A 79 5.58 -3.09 -0.92
N LEU A 80 6.62 -3.67 -0.29
CA LEU A 80 7.76 -2.88 0.19
C LEU A 80 8.19 -1.83 -0.87
N PRO A 81 8.58 -2.24 -2.06
CA PRO A 81 9.01 -1.28 -3.12
C PRO A 81 7.87 -0.34 -3.53
N MET A 82 6.64 -0.84 -3.46
CA MET A 82 5.48 -0.02 -3.84
C MET A 82 5.32 1.13 -2.84
N LEU A 83 5.48 0.83 -1.56
CA LEU A 83 5.33 1.83 -0.52
C LEU A 83 6.39 2.91 -0.69
N ALA A 84 7.62 2.51 -0.99
CA ALA A 84 8.71 3.45 -1.18
C ALA A 84 8.42 4.34 -2.39
N GLY A 85 7.83 3.76 -3.43
CA GLY A 85 7.51 4.51 -4.62
C GLY A 85 6.49 5.61 -4.34
N LEU A 86 5.52 5.30 -3.49
CA LEU A 86 4.48 6.26 -3.13
C LEU A 86 5.08 7.41 -2.33
N ALA A 87 6.05 7.09 -1.47
CA ALA A 87 6.69 8.11 -0.64
C ALA A 87 7.22 9.26 -1.50
N GLN A 88 7.53 8.97 -2.75
CA GLN A 88 8.04 9.98 -3.67
C GLN A 88 7.00 11.08 -3.87
N LYS A 89 5.73 10.73 -3.70
CA LYS A 89 4.63 11.69 -3.87
C LYS A 89 4.26 12.31 -2.53
N ARG A 90 4.94 11.86 -1.47
CA ARG A 90 4.69 12.37 -0.13
C ARG A 90 3.24 12.10 0.26
N VAL A 91 2.72 10.93 -0.11
CA VAL A 91 1.35 10.53 0.20
C VAL A 91 1.34 9.41 1.24
N LEU A 92 2.54 8.94 1.62
CA LEU A 92 2.68 7.86 2.60
C LEU A 92 3.35 8.36 3.87
N GLU A 93 2.90 7.82 5.00
CA GLU A 93 3.45 8.19 6.31
C GLU A 93 3.30 7.03 7.28
N ARG A 94 4.22 6.95 8.21
CA ARG A 94 4.19 5.91 9.21
C ARG A 94 2.93 6.04 10.07
N MET A 1 14.04 12.27 -4.70
CA MET A 1 15.38 11.63 -4.80
C MET A 1 15.66 10.87 -3.51
N GLU A 2 16.67 10.01 -3.55
CA GLU A 2 17.05 9.22 -2.38
C GLU A 2 15.81 8.61 -1.71
N PRO A 3 15.21 7.61 -2.31
CA PRO A 3 14.00 6.94 -1.75
C PRO A 3 14.23 6.39 -0.34
N THR A 4 13.22 6.51 0.51
CA THR A 4 13.31 6.01 1.89
C THR A 4 12.99 4.52 1.93
N ALA A 5 14.00 3.71 2.25
CA ALA A 5 13.82 2.25 2.32
C ALA A 5 13.09 1.88 3.61
N PHE A 6 11.83 1.47 3.48
CA PHE A 6 11.02 1.06 4.63
C PHE A 6 11.35 -0.37 5.02
N SER A 7 11.50 -0.60 6.34
CA SER A 7 11.81 -1.94 6.85
C SER A 7 10.54 -2.69 7.21
N GLY A 8 10.69 -3.93 7.66
CA GLY A 8 9.55 -4.74 8.03
C GLY A 8 8.83 -4.16 9.24
N SER A 9 9.59 -3.54 10.14
CA SER A 9 9.04 -2.96 11.36
C SER A 9 8.22 -1.71 11.05
N ASP A 10 8.46 -1.11 9.90
CA ASP A 10 7.73 0.10 9.51
C ASP A 10 6.30 -0.27 9.17
N VAL A 11 5.34 0.39 9.83
CA VAL A 11 3.91 0.08 9.63
C VAL A 11 3.18 1.11 8.71
N PRO A 12 2.67 0.73 7.53
CA PRO A 12 1.92 1.69 6.64
C PRO A 12 0.69 2.32 7.31
N ARG A 13 0.45 3.61 7.00
CA ARG A 13 -0.73 4.34 7.50
C ARG A 13 -1.02 5.52 6.59
N LEU A 14 -2.23 5.56 6.03
CA LEU A 14 -2.63 6.64 5.13
C LEU A 14 -2.73 7.97 5.89
N PRO A 15 -1.99 9.01 5.51
CA PRO A 15 -2.04 10.32 6.22
C PRO A 15 -3.27 11.12 5.84
N ARG A 16 -3.63 12.09 6.68
CA ARG A 16 -4.79 12.94 6.41
C ARG A 16 -4.70 13.55 5.02
N GLY A 17 -5.86 13.83 4.43
CA GLY A 17 -5.92 14.43 3.10
C GLY A 17 -5.74 13.38 2.01
N VAL A 18 -5.70 12.10 2.42
CA VAL A 18 -5.54 10.98 1.48
C VAL A 18 -6.62 9.93 1.74
N ARG A 19 -7.36 9.59 0.69
CA ARG A 19 -8.43 8.58 0.79
C ARG A 19 -8.39 7.66 -0.43
N LEU A 20 -8.98 6.48 -0.29
CA LEU A 20 -9.01 5.50 -1.38
C LEU A 20 -10.31 5.63 -2.17
N ARG A 21 -10.21 6.25 -3.35
CA ARG A 21 -11.38 6.42 -4.22
C ARG A 21 -11.48 5.28 -5.21
N PHE A 22 -12.71 4.81 -5.44
CA PHE A 22 -12.96 3.72 -6.38
C PHE A 22 -13.51 4.25 -7.69
N ASP A 23 -12.75 4.07 -8.77
CA ASP A 23 -13.16 4.55 -10.09
C ASP A 23 -14.01 3.50 -10.78
N GLU A 24 -15.32 3.63 -10.65
CA GLU A 24 -16.24 2.68 -11.27
C GLU A 24 -16.07 2.67 -12.78
N VAL A 25 -15.80 3.84 -13.35
CA VAL A 25 -15.62 3.96 -14.79
C VAL A 25 -14.40 3.15 -15.25
N ARG A 26 -13.30 3.24 -14.50
CA ARG A 26 -12.07 2.50 -14.82
C ARG A 26 -12.04 1.16 -14.11
N ASN A 27 -13.02 0.94 -13.23
CA ASN A 27 -13.11 -0.32 -12.48
C ASN A 27 -11.82 -0.61 -11.73
N LYS A 28 -11.19 0.43 -11.20
CA LYS A 28 -9.93 0.28 -10.44
C LYS A 28 -9.89 1.30 -9.31
N HIS A 29 -9.08 1.01 -8.29
CA HIS A 29 -8.94 1.92 -7.15
C HIS A 29 -7.76 2.84 -7.35
N VAL A 30 -7.86 4.07 -6.81
CA VAL A 30 -6.78 5.06 -6.94
C VAL A 30 -6.56 5.76 -5.61
N LEU A 31 -5.35 6.32 -5.44
CA LEU A 31 -5.00 7.02 -4.21
C LEU A 31 -5.11 8.53 -4.41
N LEU A 32 -5.92 9.17 -3.58
CA LEU A 32 -6.10 10.62 -3.65
C LEU A 32 -4.89 11.31 -3.04
N ALA A 33 -3.97 11.75 -3.89
CA ALA A 33 -2.76 12.42 -3.42
C ALA A 33 -2.96 13.95 -3.42
N PRO A 34 -2.35 14.70 -2.52
CA PRO A 34 -2.51 16.18 -2.49
C PRO A 34 -2.35 16.80 -3.89
N GLU A 35 -1.48 16.21 -4.70
CA GLU A 35 -1.23 16.74 -6.05
C GLU A 35 -2.44 16.49 -6.95
N ARG A 36 -2.91 15.24 -7.00
CA ARG A 36 -4.06 14.89 -7.83
C ARG A 36 -4.49 13.45 -7.55
N THR A 37 -4.05 12.52 -8.40
CA THR A 37 -4.41 11.12 -8.25
C THR A 37 -3.49 10.25 -9.10
N PHE A 38 -3.28 9.01 -8.68
CA PHE A 38 -2.41 8.07 -9.40
C PHE A 38 -3.15 6.78 -9.70
N ASP A 39 -2.97 6.26 -10.92
CA ASP A 39 -3.62 5.03 -11.34
C ASP A 39 -3.00 3.84 -10.62
N LEU A 40 -3.82 3.14 -9.82
CA LEU A 40 -3.37 1.97 -9.06
C LEU A 40 -4.37 0.83 -9.21
N ASP A 41 -3.90 -0.40 -9.02
CA ASP A 41 -4.75 -1.57 -9.14
C ASP A 41 -5.49 -1.83 -7.82
N ASP A 42 -6.64 -2.48 -7.91
CA ASP A 42 -7.43 -2.79 -6.73
C ASP A 42 -6.63 -3.65 -5.76
N ASN A 43 -5.85 -4.57 -6.30
CA ASN A 43 -5.03 -5.45 -5.47
C ASN A 43 -3.99 -4.64 -4.70
N ALA A 44 -3.40 -3.64 -5.35
CA ALA A 44 -2.39 -2.81 -4.71
C ALA A 44 -3.00 -1.95 -3.62
N VAL A 45 -4.19 -1.41 -3.88
CA VAL A 45 -4.87 -0.56 -2.90
C VAL A 45 -5.54 -1.42 -1.83
N ALA A 46 -5.88 -2.64 -2.19
CA ALA A 46 -6.52 -3.55 -1.24
C ALA A 46 -5.64 -3.75 -0.02
N VAL A 47 -4.33 -3.78 -0.24
CA VAL A 47 -3.37 -3.97 0.85
C VAL A 47 -3.51 -2.86 1.87
N LEU A 48 -3.56 -1.62 1.40
CA LEU A 48 -3.68 -0.46 2.28
C LEU A 48 -5.08 -0.41 2.89
N LYS A 49 -6.06 -0.92 2.15
CA LYS A 49 -7.44 -0.92 2.63
C LYS A 49 -7.69 -2.12 3.54
N LEU A 50 -6.88 -3.16 3.40
CA LEU A 50 -7.06 -4.37 4.22
C LEU A 50 -6.66 -4.09 5.66
N VAL A 51 -5.67 -3.21 5.84
CA VAL A 51 -5.20 -2.85 7.19
C VAL A 51 -6.21 -1.93 7.89
N ASP A 52 -6.57 -2.29 9.12
CA ASP A 52 -7.51 -1.48 9.89
C ASP A 52 -6.87 -0.16 10.32
N GLY A 53 -5.61 -0.24 10.80
CA GLY A 53 -4.87 0.96 11.25
C GLY A 53 -3.40 0.83 10.89
N ARG A 54 -2.58 0.37 11.85
CA ARG A 54 -1.14 0.19 11.62
C ARG A 54 -0.78 -1.29 11.72
N ASN A 55 -0.55 -1.92 10.57
CA ASN A 55 -0.15 -3.35 10.50
C ASN A 55 1.22 -3.48 9.87
N THR A 56 2.01 -4.45 10.34
CA THR A 56 3.34 -4.68 9.78
C THR A 56 3.22 -5.42 8.46
N VAL A 57 4.04 -5.04 7.49
CA VAL A 57 4.00 -5.68 6.18
C VAL A 57 4.12 -7.20 6.33
N SER A 58 4.96 -7.63 7.25
CA SER A 58 5.16 -9.05 7.50
C SER A 58 3.85 -9.72 7.91
N GLN A 59 3.10 -9.07 8.79
CA GLN A 59 1.83 -9.63 9.27
C GLN A 59 0.83 -9.72 8.13
N ILE A 60 0.72 -8.65 7.35
CA ILE A 60 -0.22 -8.63 6.23
C ILE A 60 0.13 -9.73 5.24
N ALA A 61 1.42 -9.88 4.96
CA ALA A 61 1.89 -10.89 4.03
C ALA A 61 1.33 -12.26 4.38
N GLN A 62 1.26 -12.56 5.69
CA GLN A 62 0.73 -13.85 6.12
C GLN A 62 -0.73 -14.00 5.72
N ILE A 63 -1.55 -13.01 6.06
CA ILE A 63 -2.97 -13.06 5.74
C ILE A 63 -3.18 -13.06 4.24
N LEU A 64 -2.52 -12.12 3.55
CA LEU A 64 -2.64 -12.01 2.10
C LEU A 64 -1.96 -13.20 1.42
N GLY A 65 -0.90 -13.70 2.04
CA GLY A 65 -0.18 -14.82 1.47
C GLY A 65 -1.07 -16.06 1.38
N GLN A 66 -1.86 -16.29 2.42
CA GLN A 66 -2.77 -17.43 2.42
C GLN A 66 -3.86 -17.26 1.36
N THR A 67 -4.33 -16.03 1.20
CA THR A 67 -5.37 -15.77 0.20
C THR A 67 -4.85 -16.04 -1.21
N TYR A 68 -3.58 -15.67 -1.46
CA TYR A 68 -2.96 -15.89 -2.78
C TYR A 68 -2.14 -17.18 -2.76
N ASP A 69 -2.10 -17.85 -1.60
CA ASP A 69 -1.36 -19.10 -1.47
C ASP A 69 0.06 -18.97 -2.05
N ALA A 70 0.84 -18.06 -1.47
CA ALA A 70 2.22 -17.82 -1.93
C ALA A 70 3.13 -17.51 -0.75
N ASP A 71 4.43 -17.68 -0.96
CA ASP A 71 5.41 -17.41 0.09
C ASP A 71 5.25 -15.99 0.64
N PRO A 72 4.85 -15.80 1.89
CA PRO A 72 4.68 -14.42 2.47
C PRO A 72 5.89 -13.51 2.22
N ALA A 73 7.09 -14.09 2.28
CA ALA A 73 8.31 -13.31 2.07
C ALA A 73 8.26 -12.52 0.76
N ILE A 74 7.71 -13.14 -0.28
CA ILE A 74 7.60 -12.47 -1.58
C ILE A 74 6.54 -11.38 -1.51
N ILE A 75 5.45 -11.66 -0.82
CA ILE A 75 4.35 -10.71 -0.70
C ILE A 75 4.82 -9.41 -0.06
N GLU A 76 5.52 -9.49 1.06
CA GLU A 76 5.99 -8.28 1.73
C GLU A 76 6.94 -7.52 0.81
N ALA A 77 7.86 -8.26 0.19
CA ALA A 77 8.83 -7.65 -0.71
C ALA A 77 8.15 -7.09 -1.96
N ASP A 78 6.94 -7.58 -2.24
CA ASP A 78 6.19 -7.11 -3.42
C ASP A 78 5.51 -5.76 -3.17
N ILE A 79 4.79 -5.67 -2.04
CA ILE A 79 4.08 -4.44 -1.68
C ILE A 79 5.05 -3.33 -1.25
N LEU A 80 6.09 -3.71 -0.50
CA LEU A 80 7.08 -2.74 -0.03
C LEU A 80 7.47 -1.75 -1.16
N PRO A 81 8.00 -2.22 -2.27
CA PRO A 81 8.36 -1.35 -3.42
C PRO A 81 7.32 -0.25 -3.66
N MET A 82 6.05 -0.63 -3.58
CA MET A 82 4.97 0.32 -3.81
C MET A 82 4.98 1.39 -2.73
N LEU A 83 5.21 0.98 -1.49
CA LEU A 83 5.22 1.93 -0.39
C LEU A 83 6.34 2.94 -0.59
N ALA A 84 7.50 2.47 -1.05
CA ALA A 84 8.64 3.35 -1.29
C ALA A 84 8.30 4.36 -2.38
N GLY A 85 7.62 3.88 -3.42
CA GLY A 85 7.24 4.75 -4.54
C GLY A 85 6.21 5.78 -4.10
N LEU A 86 5.24 5.34 -3.31
CA LEU A 86 4.19 6.23 -2.81
C LEU A 86 4.77 7.29 -1.87
N ALA A 87 5.71 6.87 -1.03
CA ALA A 87 6.31 7.80 -0.07
C ALA A 87 6.86 9.03 -0.79
N GLN A 88 7.38 8.83 -1.99
CA GLN A 88 7.92 9.93 -2.79
C GLN A 88 6.82 10.93 -3.13
N LYS A 89 5.56 10.50 -3.04
CA LYS A 89 4.42 11.36 -3.37
C LYS A 89 3.89 12.05 -2.11
N ARG A 90 4.54 11.78 -0.99
CA ARG A 90 4.15 12.38 0.29
C ARG A 90 2.71 11.96 0.64
N VAL A 91 2.47 10.66 0.75
CA VAL A 91 1.15 10.13 1.08
C VAL A 91 1.28 8.93 2.00
N LEU A 92 2.46 8.77 2.60
CA LEU A 92 2.73 7.64 3.52
C LEU A 92 3.54 8.11 4.71
N GLU A 93 3.24 7.54 5.88
CA GLU A 93 3.93 7.88 7.12
C GLU A 93 3.99 6.67 8.04
N ARG A 94 4.71 6.82 9.15
CA ARG A 94 4.87 5.73 10.11
C ARG A 94 5.57 6.22 11.36
N MET A 1 19.96 5.86 -7.06
CA MET A 1 19.01 6.71 -6.30
C MET A 1 19.20 6.46 -4.80
N GLU A 2 18.23 6.90 -4.01
CA GLU A 2 18.29 6.72 -2.56
C GLU A 2 16.92 7.01 -1.92
N PRO A 3 15.91 6.25 -2.27
CA PRO A 3 14.54 6.43 -1.72
C PRO A 3 14.44 5.94 -0.27
N THR A 4 13.35 6.33 0.39
CA THR A 4 13.14 5.94 1.79
C THR A 4 12.60 4.51 1.85
N ALA A 5 13.53 3.55 1.95
CA ALA A 5 13.14 2.15 2.01
C ALA A 5 12.61 1.82 3.40
N PHE A 6 11.37 1.36 3.45
CA PHE A 6 10.75 1.01 4.73
C PHE A 6 11.20 -0.39 5.17
N SER A 7 11.36 -0.57 6.49
CA SER A 7 11.79 -1.85 7.02
C SER A 7 10.59 -2.76 7.30
N GLY A 8 10.86 -3.99 7.70
CA GLY A 8 9.79 -4.94 7.99
C GLY A 8 8.98 -4.50 9.22
N SER A 9 9.68 -3.96 10.21
CA SER A 9 9.04 -3.51 11.44
C SER A 9 8.21 -2.25 11.17
N ASP A 10 8.48 -1.59 10.06
CA ASP A 10 7.75 -0.38 9.70
C ASP A 10 6.30 -0.73 9.42
N VAL A 11 5.40 0.24 9.63
CA VAL A 11 3.96 0.01 9.40
C VAL A 11 3.37 1.14 8.52
N PRO A 12 2.75 0.83 7.37
CA PRO A 12 2.18 1.89 6.49
C PRO A 12 0.85 2.42 7.05
N ARG A 13 0.56 3.69 6.75
CA ARG A 13 -0.69 4.30 7.21
C ARG A 13 -1.03 5.50 6.33
N LEU A 14 -2.27 5.56 5.87
CA LEU A 14 -2.69 6.64 5.00
C LEU A 14 -2.72 7.98 5.77
N PRO A 15 -1.99 9.00 5.34
CA PRO A 15 -1.98 10.32 6.06
C PRO A 15 -3.24 11.13 5.77
N ARG A 16 -3.52 12.10 6.63
CA ARG A 16 -4.69 12.95 6.46
C ARG A 16 -4.70 13.59 5.07
N GLY A 17 -5.88 13.92 4.57
CA GLY A 17 -6.00 14.55 3.26
C GLY A 17 -5.89 13.52 2.14
N VAL A 18 -5.96 12.24 2.51
CA VAL A 18 -5.87 11.14 1.53
C VAL A 18 -6.96 10.11 1.79
N ARG A 19 -7.69 9.76 0.73
CA ARG A 19 -8.78 8.78 0.83
C ARG A 19 -8.77 7.86 -0.38
N LEU A 20 -9.35 6.68 -0.24
CA LEU A 20 -9.41 5.71 -1.33
C LEU A 20 -10.75 5.83 -2.06
N ARG A 21 -10.72 6.44 -3.24
CA ARG A 21 -11.93 6.61 -4.05
C ARG A 21 -12.12 5.42 -4.97
N PHE A 22 -13.37 5.00 -5.14
CA PHE A 22 -13.69 3.87 -6.02
C PHE A 22 -14.16 4.37 -7.37
N ASP A 23 -13.28 4.28 -8.37
CA ASP A 23 -13.61 4.72 -9.73
C ASP A 23 -14.24 3.56 -10.50
N GLU A 24 -15.56 3.52 -10.49
CA GLU A 24 -16.29 2.45 -11.20
C GLU A 24 -16.01 2.55 -12.70
N VAL A 25 -15.86 3.78 -13.18
CA VAL A 25 -15.58 3.99 -14.60
C VAL A 25 -14.25 3.37 -14.99
N ARG A 26 -13.23 3.53 -14.15
CA ARG A 26 -11.90 2.98 -14.42
C ARG A 26 -11.85 1.51 -14.04
N ASN A 27 -12.82 1.08 -13.23
CA ASN A 27 -12.90 -0.31 -12.78
C ASN A 27 -11.73 -0.66 -11.86
N LYS A 28 -11.10 0.36 -11.30
CA LYS A 28 -9.97 0.17 -10.38
C LYS A 28 -9.99 1.23 -9.29
N HIS A 29 -9.21 1.00 -8.24
CA HIS A 29 -9.13 1.94 -7.13
C HIS A 29 -8.04 2.97 -7.42
N VAL A 30 -8.17 4.14 -6.81
CA VAL A 30 -7.21 5.22 -7.00
C VAL A 30 -6.92 5.90 -5.68
N LEU A 31 -5.77 6.55 -5.59
CA LEU A 31 -5.38 7.27 -4.37
C LEU A 31 -5.43 8.77 -4.63
N LEU A 32 -6.25 9.47 -3.85
CA LEU A 32 -6.36 10.92 -4.00
C LEU A 32 -5.16 11.57 -3.34
N ALA A 33 -4.13 11.89 -4.12
CA ALA A 33 -2.93 12.52 -3.57
C ALA A 33 -3.03 14.05 -3.73
N PRO A 34 -2.50 14.84 -2.81
CA PRO A 34 -2.56 16.33 -2.93
C PRO A 34 -2.17 16.83 -4.33
N GLU A 35 -1.22 16.14 -4.96
CA GLU A 35 -0.75 16.56 -6.28
C GLU A 35 -1.77 16.21 -7.36
N ARG A 36 -2.20 14.94 -7.38
CA ARG A 36 -3.19 14.49 -8.37
C ARG A 36 -3.56 13.04 -8.12
N THR A 37 -4.67 12.60 -8.69
CA THR A 37 -5.13 11.22 -8.54
C THR A 37 -4.25 10.28 -9.38
N PHE A 38 -3.66 9.27 -8.72
CA PHE A 38 -2.80 8.30 -9.40
C PHE A 38 -3.55 6.99 -9.61
N ASP A 39 -3.51 6.50 -10.85
CA ASP A 39 -4.18 5.24 -11.18
C ASP A 39 -3.44 4.07 -10.57
N LEU A 40 -4.14 3.32 -9.72
CA LEU A 40 -3.55 2.16 -9.04
C LEU A 40 -4.46 0.94 -9.19
N ASP A 41 -3.89 -0.24 -9.01
CA ASP A 41 -4.65 -1.49 -9.14
C ASP A 41 -5.35 -1.80 -7.83
N ASP A 42 -6.36 -2.64 -7.90
CA ASP A 42 -7.12 -3.03 -6.73
C ASP A 42 -6.22 -3.73 -5.72
N ASN A 43 -5.34 -4.59 -6.23
CA ASN A 43 -4.44 -5.35 -5.37
C ASN A 43 -3.52 -4.40 -4.61
N ALA A 44 -3.07 -3.34 -5.27
CA ALA A 44 -2.18 -2.38 -4.64
C ALA A 44 -2.89 -1.61 -3.53
N VAL A 45 -4.13 -1.20 -3.79
CA VAL A 45 -4.91 -0.46 -2.80
C VAL A 45 -5.51 -1.41 -1.77
N ALA A 46 -5.74 -2.66 -2.18
CA ALA A 46 -6.32 -3.65 -1.28
C ALA A 46 -5.45 -3.80 -0.04
N VAL A 47 -4.14 -3.82 -0.23
CA VAL A 47 -3.21 -3.96 0.89
C VAL A 47 -3.39 -2.81 1.87
N LEU A 48 -3.43 -1.60 1.35
CA LEU A 48 -3.59 -0.41 2.18
C LEU A 48 -4.99 -0.35 2.77
N LYS A 49 -5.96 -0.86 2.02
CA LYS A 49 -7.35 -0.86 2.47
C LYS A 49 -7.60 -2.04 3.39
N LEU A 50 -6.81 -3.11 3.25
CA LEU A 50 -7.00 -4.29 4.08
C LEU A 50 -6.59 -3.98 5.53
N VAL A 51 -5.61 -3.11 5.68
CA VAL A 51 -5.13 -2.73 7.02
C VAL A 51 -6.11 -1.74 7.66
N ASP A 52 -6.51 -2.04 8.90
CA ASP A 52 -7.42 -1.18 9.62
C ASP A 52 -6.69 0.10 10.08
N GLY A 53 -5.48 -0.09 10.63
CA GLY A 53 -4.66 1.04 11.10
C GLY A 53 -3.19 0.81 10.76
N ARG A 54 -2.41 0.34 11.74
CA ARG A 54 -0.98 0.07 11.51
C ARG A 54 -0.70 -1.42 11.66
N ASN A 55 -0.51 -2.09 10.52
CA ASN A 55 -0.20 -3.52 10.48
C ASN A 55 1.19 -3.75 9.90
N THR A 56 1.89 -4.75 10.42
CA THR A 56 3.22 -5.08 9.92
C THR A 56 3.11 -5.88 8.63
N VAL A 57 4.00 -5.60 7.68
CA VAL A 57 3.98 -6.30 6.40
C VAL A 57 4.00 -7.80 6.62
N SER A 58 4.77 -8.23 7.62
CA SER A 58 4.88 -9.64 7.93
C SER A 58 3.50 -10.23 8.24
N GLN A 59 2.73 -9.51 9.05
CA GLN A 59 1.39 -9.98 9.42
C GLN A 59 0.49 -10.03 8.20
N ILE A 60 0.50 -8.97 7.41
CA ILE A 60 -0.32 -8.90 6.21
C ILE A 60 0.09 -10.01 5.25
N ALA A 61 1.39 -10.20 5.09
CA ALA A 61 1.90 -11.20 4.18
C ALA A 61 1.29 -12.57 4.48
N GLN A 62 1.12 -12.88 5.75
CA GLN A 62 0.54 -14.16 6.15
C GLN A 62 -0.89 -14.29 5.63
N ILE A 63 -1.72 -13.28 5.92
CA ILE A 63 -3.12 -13.31 5.49
C ILE A 63 -3.22 -13.28 3.98
N LEU A 64 -2.53 -12.32 3.36
CA LEU A 64 -2.56 -12.17 1.91
C LEU A 64 -1.83 -13.33 1.23
N GLY A 65 -0.73 -13.77 1.83
CA GLY A 65 0.06 -14.87 1.27
C GLY A 65 -0.81 -16.09 1.03
N GLN A 66 -1.68 -16.40 2.00
CA GLN A 66 -2.56 -17.56 1.89
C GLN A 66 -3.54 -17.37 0.72
N THR A 67 -3.91 -16.12 0.46
CA THR A 67 -4.84 -15.84 -0.63
C THR A 67 -4.25 -16.27 -1.97
N TYR A 68 -2.99 -15.89 -2.20
CA TYR A 68 -2.30 -16.24 -3.45
C TYR A 68 -1.56 -17.57 -3.29
N ASP A 69 -1.65 -18.16 -2.10
CA ASP A 69 -1.00 -19.44 -1.85
C ASP A 69 0.49 -19.35 -2.18
N ALA A 70 1.17 -18.34 -1.63
CA ALA A 70 2.60 -18.15 -1.87
C ALA A 70 3.30 -17.72 -0.59
N ASP A 71 4.60 -17.95 -0.52
CA ASP A 71 5.36 -17.60 0.67
C ASP A 71 5.20 -16.10 0.99
N PRO A 72 5.11 -15.71 2.25
CA PRO A 72 4.93 -14.27 2.64
C PRO A 72 6.15 -13.41 2.30
N ALA A 73 7.32 -14.02 2.28
CA ALA A 73 8.55 -13.30 1.99
C ALA A 73 8.44 -12.56 0.66
N ILE A 74 7.64 -13.13 -0.24
CA ILE A 74 7.45 -12.53 -1.57
C ILE A 74 6.46 -11.36 -1.50
N ILE A 75 5.36 -11.56 -0.78
CA ILE A 75 4.32 -10.52 -0.69
C ILE A 75 4.89 -9.26 -0.03
N GLU A 76 5.58 -9.44 1.08
CA GLU A 76 6.12 -8.29 1.79
C GLU A 76 7.09 -7.52 0.91
N ALA A 77 7.98 -8.25 0.25
CA ALA A 77 8.96 -7.65 -0.63
C ALA A 77 8.29 -7.04 -1.87
N ASP A 78 7.07 -7.49 -2.17
CA ASP A 78 6.33 -6.99 -3.34
C ASP A 78 5.65 -5.66 -3.03
N ILE A 79 4.95 -5.58 -1.89
CA ILE A 79 4.24 -4.36 -1.49
C ILE A 79 5.21 -3.26 -1.08
N LEU A 80 6.25 -3.64 -0.36
CA LEU A 80 7.27 -2.68 0.09
C LEU A 80 7.64 -1.69 -1.05
N PRO A 81 8.16 -2.17 -2.17
CA PRO A 81 8.50 -1.31 -3.33
C PRO A 81 7.45 -0.21 -3.57
N MET A 82 6.18 -0.58 -3.44
CA MET A 82 5.10 0.36 -3.65
C MET A 82 5.12 1.46 -2.59
N LEU A 83 5.40 1.08 -1.36
CA LEU A 83 5.43 2.05 -0.27
C LEU A 83 6.50 3.09 -0.53
N ALA A 84 7.65 2.65 -1.03
CA ALA A 84 8.74 3.56 -1.33
C ALA A 84 8.33 4.55 -2.42
N GLY A 85 7.61 4.04 -3.43
CA GLY A 85 7.16 4.88 -4.53
C GLY A 85 6.12 5.89 -4.07
N LEU A 86 5.22 5.46 -3.20
CA LEU A 86 4.17 6.32 -2.68
C LEU A 86 4.76 7.44 -1.82
N ALA A 87 5.79 7.11 -1.05
CA ALA A 87 6.43 8.09 -0.18
C ALA A 87 6.87 9.30 -1.00
N GLN A 88 7.32 9.05 -2.22
CA GLN A 88 7.76 10.13 -3.11
C GLN A 88 6.61 11.08 -3.42
N LYS A 89 5.37 10.59 -3.32
CA LYS A 89 4.19 11.40 -3.60
C LYS A 89 3.70 12.10 -2.35
N ARG A 90 4.37 11.80 -1.23
CA ARG A 90 4.01 12.41 0.05
C ARG A 90 2.61 11.99 0.48
N VAL A 91 2.36 10.69 0.47
CA VAL A 91 1.06 10.15 0.87
C VAL A 91 1.23 8.90 1.71
N LEU A 92 2.48 8.62 2.12
CA LEU A 92 2.75 7.43 2.92
C LEU A 92 3.81 7.76 4.00
N GLU A 93 3.44 7.53 5.26
CA GLU A 93 4.33 7.79 6.38
C GLU A 93 3.98 6.88 7.55
N ARG A 94 5.00 6.36 8.21
CA ARG A 94 4.80 5.47 9.34
C ARG A 94 4.20 6.24 10.52
N MET A 1 13.96 14.98 -3.98
CA MET A 1 14.98 13.92 -4.25
C MET A 1 15.45 13.35 -2.92
N GLU A 2 14.76 12.31 -2.45
CA GLU A 2 15.13 11.68 -1.18
C GLU A 2 14.38 10.35 -1.03
N PRO A 3 14.73 9.35 -1.79
CA PRO A 3 14.07 8.00 -1.71
C PRO A 3 14.09 7.45 -0.28
N THR A 4 13.27 6.42 -0.05
CA THR A 4 13.18 5.78 1.26
C THR A 4 12.82 4.32 1.12
N ALA A 5 12.75 3.63 2.24
CA ALA A 5 12.43 2.19 2.24
C ALA A 5 11.88 1.78 3.60
N PHE A 6 10.66 1.27 3.60
CA PHE A 6 10.01 0.82 4.83
C PHE A 6 10.55 -0.53 5.24
N SER A 7 10.78 -0.71 6.54
CA SER A 7 11.30 -1.97 7.06
C SER A 7 10.16 -2.87 7.52
N GLY A 8 10.50 -4.06 8.00
CA GLY A 8 9.49 -4.99 8.47
C GLY A 8 8.76 -4.44 9.69
N SER A 9 9.53 -3.85 10.61
CA SER A 9 8.97 -3.28 11.82
C SER A 9 8.22 -1.99 11.50
N ASP A 10 8.62 -1.33 10.42
CA ASP A 10 7.99 -0.08 10.02
C ASP A 10 6.56 -0.36 9.58
N VAL A 11 5.62 0.48 10.02
CA VAL A 11 4.19 0.30 9.67
C VAL A 11 3.66 1.50 8.85
N PRO A 12 3.01 1.29 7.72
CA PRO A 12 2.46 2.41 6.90
C PRO A 12 1.14 2.92 7.48
N ARG A 13 0.77 4.15 7.15
CA ARG A 13 -0.47 4.75 7.63
C ARG A 13 -0.88 5.90 6.72
N LEU A 14 -2.11 5.85 6.23
CA LEU A 14 -2.59 6.89 5.33
C LEU A 14 -2.72 8.24 6.07
N PRO A 15 -1.99 9.27 5.67
CA PRO A 15 -2.08 10.60 6.35
C PRO A 15 -3.34 11.36 5.96
N ARG A 16 -3.71 12.34 6.77
CA ARG A 16 -4.90 13.14 6.52
C ARG A 16 -4.83 13.75 5.12
N GLY A 17 -5.97 13.79 4.43
CA GLY A 17 -6.04 14.35 3.08
C GLY A 17 -5.84 13.26 2.03
N VAL A 18 -5.79 12.01 2.47
CA VAL A 18 -5.62 10.86 1.57
C VAL A 18 -6.65 9.79 1.88
N ARG A 19 -7.35 9.34 0.84
CA ARG A 19 -8.38 8.32 0.99
C ARG A 19 -8.36 7.37 -0.20
N LEU A 20 -8.86 6.15 -0.01
CA LEU A 20 -8.91 5.17 -1.08
C LEU A 20 -10.27 5.21 -1.78
N ARG A 21 -10.33 5.88 -2.93
CA ARG A 21 -11.57 6.00 -3.69
C ARG A 21 -11.65 4.90 -4.74
N PHE A 22 -12.83 4.32 -4.91
CA PHE A 22 -13.04 3.26 -5.89
C PHE A 22 -13.67 3.81 -7.15
N ASP A 23 -12.95 3.70 -8.27
CA ASP A 23 -13.45 4.20 -9.55
C ASP A 23 -14.22 3.09 -10.27
N GLU A 24 -15.55 3.14 -10.16
CA GLU A 24 -16.39 2.14 -10.79
C GLU A 24 -16.22 2.18 -12.31
N VAL A 25 -16.04 3.38 -12.84
CA VAL A 25 -15.87 3.56 -14.28
C VAL A 25 -14.61 2.85 -14.77
N ARG A 26 -13.52 2.97 -14.02
CA ARG A 26 -12.25 2.33 -14.40
C ARG A 26 -12.22 0.88 -13.92
N ASN A 27 -13.13 0.55 -13.01
CA ASN A 27 -13.24 -0.81 -12.45
C ASN A 27 -12.03 -1.14 -11.58
N LYS A 28 -11.35 -0.11 -11.11
CA LYS A 28 -10.17 -0.27 -10.24
C LYS A 28 -10.12 0.84 -9.20
N HIS A 29 -9.30 0.64 -8.17
CA HIS A 29 -9.16 1.62 -7.10
C HIS A 29 -8.01 2.55 -7.41
N VAL A 30 -8.09 3.78 -6.89
CA VAL A 30 -7.04 4.77 -7.11
C VAL A 30 -6.79 5.53 -5.81
N LEU A 31 -5.57 6.07 -5.68
CA LEU A 31 -5.20 6.84 -4.49
C LEU A 31 -5.32 8.32 -4.79
N LEU A 32 -6.24 9.00 -4.10
CA LEU A 32 -6.43 10.42 -4.30
C LEU A 32 -5.35 11.18 -3.55
N ALA A 33 -4.33 11.66 -4.28
CA ALA A 33 -3.22 12.41 -3.66
C ALA A 33 -3.47 13.91 -3.83
N PRO A 34 -3.15 14.74 -2.84
CA PRO A 34 -3.35 16.21 -2.95
C PRO A 34 -2.92 16.77 -4.30
N GLU A 35 -1.87 16.18 -4.87
CA GLU A 35 -1.35 16.64 -6.15
C GLU A 35 -2.24 16.20 -7.31
N ARG A 36 -2.54 14.90 -7.36
CA ARG A 36 -3.37 14.35 -8.43
C ARG A 36 -3.62 12.86 -8.19
N THR A 37 -4.74 12.36 -8.67
CA THR A 37 -5.07 10.95 -8.52
C THR A 37 -4.15 10.08 -9.38
N PHE A 38 -3.64 9.00 -8.79
CA PHE A 38 -2.74 8.07 -9.50
C PHE A 38 -3.46 6.76 -9.79
N ASP A 39 -3.25 6.24 -11.01
CA ASP A 39 -3.87 4.99 -11.43
C ASP A 39 -3.21 3.81 -10.72
N LEU A 40 -3.98 3.09 -9.92
CA LEU A 40 -3.47 1.93 -9.17
C LEU A 40 -4.43 0.76 -9.28
N ASP A 41 -3.91 -0.45 -9.08
CA ASP A 41 -4.71 -1.66 -9.17
C ASP A 41 -5.38 -1.94 -7.83
N ASP A 42 -6.50 -2.65 -7.87
CA ASP A 42 -7.23 -2.98 -6.66
C ASP A 42 -6.35 -3.75 -5.68
N ASN A 43 -5.52 -4.64 -6.22
CA ASN A 43 -4.63 -5.45 -5.40
C ASN A 43 -3.64 -4.56 -4.65
N ALA A 44 -3.14 -3.53 -5.33
CA ALA A 44 -2.17 -2.62 -4.71
C ALA A 44 -2.84 -1.78 -3.63
N VAL A 45 -4.05 -1.31 -3.91
CA VAL A 45 -4.78 -0.48 -2.95
C VAL A 45 -5.40 -1.36 -1.87
N ALA A 46 -5.68 -2.61 -2.22
CA ALA A 46 -6.28 -3.55 -1.29
C ALA A 46 -5.42 -3.66 -0.03
N VAL A 47 -4.10 -3.60 -0.22
CA VAL A 47 -3.17 -3.69 0.89
C VAL A 47 -3.41 -2.57 1.90
N LEU A 48 -3.53 -1.35 1.39
CA LEU A 48 -3.74 -0.19 2.26
C LEU A 48 -5.19 -0.11 2.72
N LYS A 49 -6.06 -0.84 2.05
CA LYS A 49 -7.48 -0.87 2.40
C LYS A 49 -7.76 -1.97 3.43
N LEU A 50 -6.99 -3.06 3.35
CA LEU A 50 -7.18 -4.19 4.25
C LEU A 50 -6.72 -3.83 5.67
N VAL A 51 -5.71 -2.98 5.76
CA VAL A 51 -5.18 -2.57 7.06
C VAL A 51 -6.15 -1.59 7.74
N ASP A 52 -6.53 -1.93 8.96
CA ASP A 52 -7.44 -1.07 9.72
C ASP A 52 -6.72 0.21 10.15
N GLY A 53 -5.47 0.07 10.58
CA GLY A 53 -4.66 1.23 11.02
C GLY A 53 -3.20 0.99 10.70
N ARG A 54 -2.43 0.53 11.70
CA ARG A 54 -0.99 0.28 11.50
C ARG A 54 -0.70 -1.22 11.65
N ASN A 55 -0.47 -1.89 10.51
CA ASN A 55 -0.15 -3.32 10.48
C ASN A 55 1.26 -3.53 9.91
N THR A 56 1.93 -4.58 10.39
CA THR A 56 3.27 -4.90 9.89
C THR A 56 3.16 -5.66 8.58
N VAL A 57 4.05 -5.35 7.65
CA VAL A 57 4.04 -6.00 6.35
C VAL A 57 4.11 -7.51 6.51
N SER A 58 4.92 -7.95 7.47
CA SER A 58 5.07 -9.39 7.72
C SER A 58 3.71 -10.02 8.03
N GLN A 59 2.93 -9.34 8.88
CA GLN A 59 1.61 -9.85 9.25
C GLN A 59 0.69 -9.89 8.03
N ILE A 60 0.64 -8.78 7.29
CA ILE A 60 -0.19 -8.71 6.10
C ILE A 60 0.21 -9.78 5.10
N ALA A 61 1.51 -9.99 4.96
CA ALA A 61 2.01 -10.99 4.02
C ALA A 61 1.38 -12.36 4.32
N GLN A 62 1.31 -12.70 5.60
CA GLN A 62 0.73 -13.97 6.03
C GLN A 62 -0.75 -14.05 5.67
N ILE A 63 -1.51 -13.07 6.15
CA ILE A 63 -2.95 -13.05 5.88
C ILE A 63 -3.23 -12.88 4.39
N LEU A 64 -2.57 -11.90 3.79
CA LEU A 64 -2.75 -11.62 2.37
C LEU A 64 -2.19 -12.76 1.53
N GLY A 65 -1.08 -13.34 1.98
CA GLY A 65 -0.46 -14.44 1.23
C GLY A 65 -1.44 -15.60 1.03
N GLN A 66 -2.21 -15.89 2.07
CA GLN A 66 -3.19 -16.97 1.99
C GLN A 66 -4.27 -16.65 0.94
N THR A 67 -4.56 -15.36 0.79
CA THR A 67 -5.57 -14.94 -0.18
C THR A 67 -5.14 -15.31 -1.60
N TYR A 68 -3.89 -15.00 -1.93
CA TYR A 68 -3.35 -15.30 -3.27
C TYR A 68 -2.69 -16.68 -3.27
N ASP A 69 -2.70 -17.34 -2.11
CA ASP A 69 -2.11 -18.68 -2.01
C ASP A 69 -0.68 -18.66 -2.53
N ALA A 70 0.14 -17.78 -1.98
CA ALA A 70 1.55 -17.65 -2.40
C ALA A 70 2.44 -17.40 -1.19
N ASP A 71 3.73 -17.64 -1.34
CA ASP A 71 4.67 -17.44 -0.24
C ASP A 71 4.57 -16.00 0.29
N PRO A 72 4.53 -15.79 1.59
CA PRO A 72 4.42 -14.41 2.19
C PRO A 72 5.66 -13.56 1.93
N ALA A 73 6.83 -14.20 1.85
CA ALA A 73 8.08 -13.49 1.61
C ALA A 73 7.99 -12.64 0.35
N ILE A 74 7.32 -13.16 -0.66
CA ILE A 74 7.16 -12.45 -1.92
C ILE A 74 6.21 -11.26 -1.75
N ILE A 75 5.15 -11.47 -0.97
CA ILE A 75 4.14 -10.44 -0.76
C ILE A 75 4.75 -9.20 -0.14
N GLU A 76 5.54 -9.38 0.93
CA GLU A 76 6.17 -8.26 1.60
C GLU A 76 7.12 -7.54 0.64
N ALA A 77 7.92 -8.32 -0.08
CA ALA A 77 8.88 -7.77 -1.04
C ALA A 77 8.16 -7.10 -2.20
N ASP A 78 6.89 -7.45 -2.39
CA ASP A 78 6.10 -6.88 -3.50
C ASP A 78 5.58 -5.48 -3.13
N ILE A 79 5.01 -5.35 -1.93
CA ILE A 79 4.45 -4.06 -1.47
C ILE A 79 5.55 -3.14 -0.96
N LEU A 80 6.58 -3.72 -0.37
CA LEU A 80 7.70 -2.95 0.16
C LEU A 80 8.18 -1.90 -0.89
N PRO A 81 8.61 -2.31 -2.06
CA PRO A 81 9.07 -1.36 -3.11
C PRO A 81 7.96 -0.40 -3.54
N MET A 82 6.70 -0.86 -3.46
CA MET A 82 5.57 -0.02 -3.84
C MET A 82 5.42 1.15 -2.88
N LEU A 83 5.63 0.91 -1.59
CA LEU A 83 5.51 1.95 -0.59
C LEU A 83 6.52 3.06 -0.84
N ALA A 84 7.74 2.67 -1.22
CA ALA A 84 8.79 3.65 -1.50
C ALA A 84 8.36 4.57 -2.64
N GLY A 85 7.69 4.01 -3.64
CA GLY A 85 7.24 4.80 -4.78
C GLY A 85 6.19 5.82 -4.36
N LEU A 86 5.29 5.40 -3.48
CA LEU A 86 4.23 6.27 -2.99
C LEU A 86 4.81 7.36 -2.09
N ALA A 87 5.83 7.02 -1.32
CA ALA A 87 6.46 7.99 -0.43
C ALA A 87 6.85 9.26 -1.19
N GLN A 88 7.31 9.08 -2.43
CA GLN A 88 7.71 10.19 -3.26
C GLN A 88 6.51 11.11 -3.53
N LYS A 89 5.30 10.56 -3.36
CA LYS A 89 4.07 11.33 -3.59
C LYS A 89 3.56 11.91 -2.28
N ARG A 90 4.26 11.60 -1.20
CA ARG A 90 3.88 12.10 0.12
C ARG A 90 2.44 11.69 0.45
N VAL A 91 2.23 10.39 0.64
CA VAL A 91 0.90 9.87 0.95
C VAL A 91 1.00 8.74 1.98
N LEU A 92 2.15 8.65 2.63
CA LEU A 92 2.39 7.61 3.65
C LEU A 92 2.93 8.24 4.92
N GLU A 93 2.72 7.53 6.04
CA GLU A 93 3.16 8.01 7.34
C GLU A 93 3.57 6.82 8.21
N ARG A 94 4.86 6.76 8.54
CA ARG A 94 5.37 5.69 9.38
C ARG A 94 4.79 5.81 10.79
N MET A 1 16.81 11.45 -4.38
CA MET A 1 17.51 10.28 -3.78
C MET A 1 16.93 10.01 -2.40
N GLU A 2 15.75 9.38 -2.39
CA GLU A 2 15.09 9.06 -1.13
C GLU A 2 13.94 8.06 -1.38
N PRO A 3 14.21 6.98 -2.06
CA PRO A 3 13.17 5.94 -2.36
C PRO A 3 12.70 5.24 -1.09
N THR A 4 13.50 5.32 -0.02
CA THR A 4 13.15 4.67 1.24
C THR A 4 12.75 3.21 1.00
N ALA A 5 13.73 2.31 1.15
CA ALA A 5 13.49 0.88 0.94
C ALA A 5 12.69 0.31 2.10
N PHE A 6 12.56 1.09 3.17
CA PHE A 6 11.83 0.64 4.35
C PHE A 6 12.34 -0.72 4.82
N SER A 7 11.80 -1.19 5.97
CA SER A 7 12.21 -2.48 6.54
C SER A 7 10.97 -3.28 6.96
N GLY A 8 11.20 -4.39 7.65
CA GLY A 8 10.11 -5.24 8.11
C GLY A 8 9.25 -4.52 9.14
N SER A 9 9.90 -3.76 10.02
CA SER A 9 9.19 -3.03 11.08
C SER A 9 8.41 -1.85 10.49
N ASP A 10 8.70 -1.51 9.24
CA ASP A 10 8.00 -0.39 8.60
C ASP A 10 6.54 -0.75 8.40
N VAL A 11 5.65 0.19 8.69
CA VAL A 11 4.19 -0.02 8.54
C VAL A 11 3.56 1.13 7.75
N PRO A 12 3.03 0.90 6.56
CA PRO A 12 2.41 1.99 5.76
C PRO A 12 1.00 2.32 6.26
N ARG A 13 0.65 3.60 6.21
CA ARG A 13 -0.66 4.06 6.64
C ARG A 13 -1.03 5.34 5.91
N LEU A 14 -2.29 5.44 5.50
CA LEU A 14 -2.77 6.59 4.77
C LEU A 14 -2.82 7.84 5.67
N PRO A 15 -2.17 8.95 5.32
CA PRO A 15 -2.21 10.19 6.16
C PRO A 15 -3.57 10.91 6.06
N ARG A 16 -3.85 11.74 7.05
CA ARG A 16 -5.10 12.49 7.07
C ARG A 16 -5.27 13.29 5.78
N GLY A 17 -6.52 13.50 5.37
CA GLY A 17 -6.81 14.24 4.15
C GLY A 17 -6.68 13.35 2.92
N VAL A 18 -6.73 12.04 3.15
CA VAL A 18 -6.62 11.06 2.06
C VAL A 18 -7.69 9.98 2.21
N ARG A 19 -8.36 9.67 1.11
CA ARG A 19 -9.42 8.65 1.09
C ARG A 19 -9.29 7.78 -0.13
N LEU A 20 -9.83 6.55 -0.03
CA LEU A 20 -9.78 5.60 -1.14
C LEU A 20 -11.03 5.74 -1.99
N ARG A 21 -10.86 5.69 -3.31
CA ARG A 21 -11.98 5.81 -4.24
C ARG A 21 -11.86 4.77 -5.34
N PHE A 22 -12.99 4.22 -5.76
CA PHE A 22 -13.02 3.21 -6.81
C PHE A 22 -13.46 3.84 -8.14
N ASP A 23 -12.55 3.84 -9.11
CA ASP A 23 -12.84 4.39 -10.43
C ASP A 23 -13.36 3.29 -11.34
N GLU A 24 -14.68 3.17 -11.42
CA GLU A 24 -15.30 2.15 -12.25
C GLU A 24 -14.89 2.34 -13.70
N VAL A 25 -14.74 3.59 -14.11
CA VAL A 25 -14.36 3.90 -15.48
C VAL A 25 -12.97 3.35 -15.79
N ARG A 26 -12.04 3.51 -14.84
CA ARG A 26 -10.66 3.01 -15.03
C ARG A 26 -10.57 1.54 -14.65
N ASN A 27 -11.61 1.05 -13.97
CA ASN A 27 -11.67 -0.35 -13.54
C ASN A 27 -10.58 -0.66 -12.50
N LYS A 28 -10.06 0.38 -11.85
CA LYS A 28 -9.04 0.22 -10.81
C LYS A 28 -9.22 1.25 -9.71
N HIS A 29 -8.61 1.01 -8.56
CA HIS A 29 -8.69 1.93 -7.43
C HIS A 29 -7.54 2.92 -7.50
N VAL A 30 -7.75 4.11 -6.93
CA VAL A 30 -6.73 5.17 -6.95
C VAL A 30 -6.72 5.89 -5.60
N LEU A 31 -5.58 6.51 -5.28
CA LEU A 31 -5.44 7.25 -4.03
C LEU A 31 -5.61 8.75 -4.29
N LEU A 32 -6.62 9.35 -3.68
CA LEU A 32 -6.86 10.77 -3.85
C LEU A 32 -5.88 11.55 -2.98
N ALA A 33 -4.78 12.01 -3.58
CA ALA A 33 -3.76 12.76 -2.84
C ALA A 33 -3.99 14.27 -3.01
N PRO A 34 -3.72 15.09 -2.01
CA PRO A 34 -3.92 16.57 -2.15
C PRO A 34 -3.33 17.11 -3.46
N GLU A 35 -2.20 16.57 -3.87
CA GLU A 35 -1.53 17.04 -5.10
C GLU A 35 -2.30 16.60 -6.34
N ARG A 36 -2.59 15.30 -6.44
CA ARG A 36 -3.31 14.76 -7.59
C ARG A 36 -3.58 13.28 -7.41
N THR A 37 -4.54 12.76 -8.17
CA THR A 37 -4.87 11.33 -8.10
C THR A 37 -3.80 10.51 -8.80
N PHE A 38 -3.28 9.49 -8.11
CA PHE A 38 -2.24 8.61 -8.68
C PHE A 38 -2.85 7.29 -9.17
N ASP A 39 -2.36 6.82 -10.31
CA ASP A 39 -2.85 5.57 -10.88
C ASP A 39 -2.33 4.38 -10.08
N LEU A 40 -3.26 3.65 -9.44
CA LEU A 40 -2.91 2.49 -8.61
C LEU A 40 -3.77 1.30 -8.97
N ASP A 41 -3.24 0.11 -8.77
CA ASP A 41 -3.96 -1.13 -9.07
C ASP A 41 -4.80 -1.56 -7.87
N ASP A 42 -5.71 -2.48 -8.11
CA ASP A 42 -6.58 -2.97 -7.05
C ASP A 42 -5.74 -3.63 -5.95
N ASN A 43 -4.75 -4.42 -6.35
CA ASN A 43 -3.90 -5.10 -5.40
C ASN A 43 -3.07 -4.09 -4.60
N ALA A 44 -2.71 -2.99 -5.24
CA ALA A 44 -1.92 -1.96 -4.57
C ALA A 44 -2.74 -1.24 -3.49
N VAL A 45 -3.99 -0.93 -3.81
CA VAL A 45 -4.87 -0.24 -2.86
C VAL A 45 -5.46 -1.23 -1.86
N ALA A 46 -5.71 -2.45 -2.31
CA ALA A 46 -6.29 -3.48 -1.45
C ALA A 46 -5.46 -3.62 -0.17
N VAL A 47 -4.15 -3.66 -0.33
CA VAL A 47 -3.25 -3.79 0.81
C VAL A 47 -3.41 -2.61 1.76
N LEU A 48 -3.46 -1.41 1.18
CA LEU A 48 -3.60 -0.19 1.99
C LEU A 48 -5.02 -0.08 2.52
N LYS A 49 -5.94 -0.82 1.91
CA LYS A 49 -7.34 -0.82 2.34
C LYS A 49 -7.59 -1.91 3.39
N LEU A 50 -6.79 -2.98 3.31
CA LEU A 50 -6.95 -4.10 4.25
C LEU A 50 -6.49 -3.69 5.65
N VAL A 51 -5.50 -2.81 5.71
CA VAL A 51 -4.98 -2.34 7.00
C VAL A 51 -5.96 -1.38 7.66
N ASP A 52 -6.43 -1.74 8.85
CA ASP A 52 -7.36 -0.89 9.59
C ASP A 52 -6.66 0.35 10.11
N GLY A 53 -5.46 0.18 10.67
CA GLY A 53 -4.67 1.29 11.21
C GLY A 53 -3.19 1.08 10.90
N ARG A 54 -2.43 0.56 11.87
CA ARG A 54 -1.00 0.30 11.68
C ARG A 54 -0.72 -1.19 11.75
N ASN A 55 -0.49 -1.80 10.57
CA ASN A 55 -0.16 -3.24 10.47
C ASN A 55 1.24 -3.42 9.89
N THR A 56 2.00 -4.35 10.45
CA THR A 56 3.34 -4.63 9.97
C THR A 56 3.27 -5.47 8.70
N VAL A 57 4.15 -5.19 7.74
CA VAL A 57 4.14 -5.94 6.48
C VAL A 57 4.17 -7.44 6.75
N SER A 58 4.94 -7.84 7.75
CA SER A 58 5.03 -9.25 8.10
C SER A 58 3.66 -9.80 8.46
N GLN A 59 2.90 -9.04 9.27
CA GLN A 59 1.57 -9.46 9.68
C GLN A 59 0.63 -9.54 8.49
N ILE A 60 0.65 -8.50 7.65
CA ILE A 60 -0.21 -8.47 6.48
C ILE A 60 0.13 -9.62 5.55
N ALA A 61 1.43 -9.87 5.38
CA ALA A 61 1.88 -10.94 4.50
C ALA A 61 1.22 -12.27 4.89
N GLN A 62 1.13 -12.53 6.18
CA GLN A 62 0.52 -13.76 6.67
C GLN A 62 -0.95 -13.83 6.28
N ILE A 63 -1.70 -12.78 6.63
CA ILE A 63 -3.14 -12.76 6.32
C ILE A 63 -3.37 -12.76 4.81
N LEU A 64 -2.69 -11.87 4.11
CA LEU A 64 -2.84 -11.77 2.66
C LEU A 64 -2.23 -12.99 1.97
N GLY A 65 -1.14 -13.48 2.52
CA GLY A 65 -0.46 -14.65 1.94
C GLY A 65 -1.42 -15.82 1.81
N GLN A 66 -2.26 -16.01 2.83
CA GLN A 66 -3.23 -17.10 2.81
C GLN A 66 -4.26 -16.89 1.69
N THR A 67 -4.55 -15.63 1.40
CA THR A 67 -5.52 -15.32 0.35
C THR A 67 -5.01 -15.82 -1.01
N TYR A 68 -3.74 -15.53 -1.30
CA TYR A 68 -3.12 -15.96 -2.57
C TYR A 68 -2.42 -17.30 -2.39
N ASP A 69 -2.43 -17.82 -1.16
CA ASP A 69 -1.79 -19.10 -0.87
C ASP A 69 -0.37 -19.14 -1.44
N ALA A 70 0.48 -18.25 -0.95
CA ALA A 70 1.87 -18.17 -1.40
C ALA A 70 2.79 -17.78 -0.23
N ASP A 71 4.08 -17.99 -0.42
CA ASP A 71 5.05 -17.66 0.63
C ASP A 71 4.91 -16.19 1.05
N PRO A 72 4.47 -15.89 2.27
CA PRO A 72 4.30 -14.48 2.74
C PRO A 72 5.53 -13.61 2.45
N ALA A 73 6.72 -14.19 2.56
CA ALA A 73 7.96 -13.45 2.32
C ALA A 73 7.90 -12.71 0.97
N ILE A 74 7.26 -13.33 0.00
CA ILE A 74 7.13 -12.73 -1.33
C ILE A 74 6.16 -11.55 -1.29
N ILE A 75 5.05 -11.72 -0.56
CA ILE A 75 4.04 -10.66 -0.48
C ILE A 75 4.63 -9.39 0.12
N GLU A 76 5.35 -9.51 1.23
CA GLU A 76 5.94 -8.33 1.86
C GLU A 76 6.92 -7.66 0.90
N ALA A 77 7.77 -8.47 0.29
CA ALA A 77 8.76 -7.96 -0.66
C ALA A 77 8.09 -7.40 -1.90
N ASP A 78 6.85 -7.80 -2.16
CA ASP A 78 6.11 -7.33 -3.34
C ASP A 78 5.50 -5.94 -3.09
N ILE A 79 4.83 -5.79 -1.96
CA ILE A 79 4.19 -4.52 -1.62
C ILE A 79 5.24 -3.46 -1.27
N LEU A 80 6.27 -3.86 -0.53
CA LEU A 80 7.35 -2.93 -0.12
C LEU A 80 7.75 -2.00 -1.30
N PRO A 81 8.23 -2.54 -2.40
CA PRO A 81 8.61 -1.72 -3.60
C PRO A 81 7.61 -0.59 -3.86
N MET A 82 6.32 -0.90 -3.72
CA MET A 82 5.28 0.09 -3.97
C MET A 82 5.36 1.21 -2.94
N LEU A 83 5.65 0.86 -1.70
CA LEU A 83 5.74 1.86 -0.65
C LEU A 83 6.85 2.85 -0.95
N ALA A 84 7.94 2.34 -1.53
CA ALA A 84 9.07 3.21 -1.87
C ALA A 84 8.63 4.27 -2.87
N GLY A 85 7.82 3.87 -3.86
CA GLY A 85 7.34 4.79 -4.87
C GLY A 85 6.31 5.77 -4.29
N LEU A 86 5.44 5.28 -3.41
CA LEU A 86 4.42 6.13 -2.82
C LEU A 86 5.05 7.17 -1.89
N ALA A 87 6.06 6.74 -1.14
CA ALA A 87 6.73 7.65 -0.22
C ALA A 87 7.22 8.90 -0.95
N GLN A 88 7.73 8.71 -2.15
CA GLN A 88 8.23 9.82 -2.95
C GLN A 88 7.11 10.81 -3.26
N LYS A 89 5.86 10.33 -3.19
CA LYS A 89 4.70 11.16 -3.48
C LYS A 89 4.15 11.75 -2.17
N ARG A 90 4.75 11.34 -1.06
CA ARG A 90 4.32 11.83 0.24
C ARG A 90 2.84 11.55 0.45
N VAL A 91 2.49 10.27 0.57
CA VAL A 91 1.10 9.86 0.76
C VAL A 91 1.02 8.72 1.77
N LEU A 92 2.10 8.52 2.53
CA LEU A 92 2.17 7.46 3.56
C LEU A 92 2.45 8.07 4.92
N GLU A 93 2.13 7.29 5.94
CA GLU A 93 2.33 7.70 7.32
C GLU A 93 2.81 6.52 8.16
N ARG A 94 3.67 6.81 9.12
CA ARG A 94 4.23 5.81 10.01
C ARG A 94 4.92 6.48 11.20
N MET A 1 20.67 2.14 -0.57
CA MET A 1 19.50 3.03 -0.29
C MET A 1 19.95 4.50 -0.33
N GLU A 2 18.96 5.38 -0.24
CA GLU A 2 19.21 6.81 -0.27
C GLU A 2 17.90 7.59 -0.08
N PRO A 3 16.91 7.39 -0.94
CA PRO A 3 15.60 8.11 -0.81
C PRO A 3 14.93 7.85 0.54
N THR A 4 14.17 6.77 0.62
CA THR A 4 13.46 6.42 1.85
C THR A 4 13.04 4.95 1.81
N ALA A 5 14.03 4.07 1.84
CA ALA A 5 13.76 2.64 1.80
C ALA A 5 13.18 2.17 3.13
N PHE A 6 11.91 1.79 3.11
CA PHE A 6 11.22 1.34 4.31
C PHE A 6 11.60 -0.10 4.64
N SER A 7 11.79 -0.37 5.93
CA SER A 7 12.17 -1.72 6.38
C SER A 7 10.92 -2.57 6.63
N GLY A 8 11.12 -3.84 6.95
CA GLY A 8 10.00 -4.73 7.20
C GLY A 8 9.23 -4.31 8.46
N SER A 9 9.95 -3.72 9.41
CA SER A 9 9.34 -3.28 10.66
C SER A 9 8.46 -2.06 10.45
N ASP A 10 8.49 -1.50 9.24
CA ASP A 10 7.67 -0.32 8.95
C ASP A 10 6.19 -0.71 8.95
N VAL A 11 5.32 0.26 9.25
CA VAL A 11 3.87 0.02 9.28
C VAL A 11 3.17 1.13 8.47
N PRO A 12 2.48 0.83 7.38
CA PRO A 12 1.80 1.88 6.57
C PRO A 12 0.51 2.36 7.22
N ARG A 13 0.16 3.62 6.96
CA ARG A 13 -1.06 4.23 7.51
C ARG A 13 -1.52 5.36 6.60
N LEU A 14 -2.81 5.39 6.31
CA LEU A 14 -3.37 6.41 5.44
C LEU A 14 -3.32 7.80 6.13
N PRO A 15 -2.57 8.76 5.62
CA PRO A 15 -2.49 10.11 6.26
C PRO A 15 -3.70 10.97 5.92
N ARG A 16 -3.93 12.00 6.74
CA ARG A 16 -5.06 12.88 6.52
C ARG A 16 -4.98 13.53 5.15
N GLY A 17 -6.15 13.81 4.58
CA GLY A 17 -6.22 14.44 3.26
C GLY A 17 -6.07 13.41 2.15
N VAL A 18 -6.16 12.13 2.50
CA VAL A 18 -6.04 11.03 1.53
C VAL A 18 -7.14 10.01 1.75
N ARG A 19 -7.80 9.62 0.66
CA ARG A 19 -8.89 8.64 0.71
C ARG A 19 -8.76 7.64 -0.42
N LEU A 20 -9.29 6.44 -0.22
CA LEU A 20 -9.22 5.38 -1.25
C LEU A 20 -10.54 5.32 -2.01
N ARG A 21 -10.57 5.96 -3.17
CA ARG A 21 -11.77 5.96 -4.02
C ARG A 21 -11.67 4.88 -5.08
N PHE A 22 -12.79 4.20 -5.33
CA PHE A 22 -12.82 3.13 -6.34
C PHE A 22 -13.37 3.66 -7.65
N ASP A 23 -12.53 3.67 -8.69
CA ASP A 23 -12.93 4.16 -10.01
C ASP A 23 -13.51 3.00 -10.83
N GLU A 24 -14.83 2.88 -10.82
CA GLU A 24 -15.50 1.83 -11.57
C GLU A 24 -15.21 1.96 -13.06
N VAL A 25 -15.08 3.21 -13.51
CA VAL A 25 -14.81 3.47 -14.92
C VAL A 25 -13.44 2.89 -15.31
N ARG A 26 -12.45 3.05 -14.43
CA ARG A 26 -11.09 2.55 -14.69
C ARG A 26 -10.99 1.08 -14.30
N ASN A 27 -11.96 0.60 -13.52
CA ASN A 27 -11.99 -0.80 -13.07
C ASN A 27 -10.90 -1.05 -12.03
N LYS A 28 -10.31 0.01 -11.51
CA LYS A 28 -9.25 -0.10 -10.49
C LYS A 28 -9.35 1.04 -9.50
N HIS A 29 -8.74 0.85 -8.35
CA HIS A 29 -8.76 1.86 -7.30
C HIS A 29 -7.62 2.84 -7.50
N VAL A 30 -7.81 4.05 -6.99
CA VAL A 30 -6.79 5.10 -7.12
C VAL A 30 -6.62 5.84 -5.81
N LEU A 31 -5.47 6.46 -5.63
CA LEU A 31 -5.18 7.22 -4.40
C LEU A 31 -5.42 8.71 -4.66
N LEU A 32 -6.48 9.25 -4.05
CA LEU A 32 -6.78 10.66 -4.20
C LEU A 32 -5.81 11.49 -3.38
N ALA A 33 -4.81 12.06 -4.05
CA ALA A 33 -3.80 12.87 -3.36
C ALA A 33 -4.19 14.36 -3.43
N PRO A 34 -3.92 15.15 -2.41
CA PRO A 34 -4.28 16.60 -2.43
C PRO A 34 -3.90 17.27 -3.75
N GLU A 35 -2.75 16.87 -4.31
CA GLU A 35 -2.28 17.46 -5.57
C GLU A 35 -3.13 16.99 -6.74
N ARG A 36 -3.43 15.69 -6.78
CA ARG A 36 -4.24 15.13 -7.86
C ARG A 36 -4.60 13.67 -7.54
N THR A 37 -4.22 12.75 -8.43
CA THR A 37 -4.51 11.33 -8.27
C THR A 37 -3.57 10.52 -9.15
N PHE A 38 -3.31 9.27 -8.74
CA PHE A 38 -2.42 8.38 -9.48
C PHE A 38 -3.11 7.06 -9.79
N ASP A 39 -2.90 6.54 -11.00
CA ASP A 39 -3.51 5.28 -11.39
C ASP A 39 -2.84 4.12 -10.67
N LEU A 40 -3.61 3.44 -9.82
CA LEU A 40 -3.09 2.30 -9.04
C LEU A 40 -4.00 1.09 -9.22
N ASP A 41 -3.44 -0.09 -8.98
CA ASP A 41 -4.19 -1.33 -9.12
C ASP A 41 -4.97 -1.62 -7.84
N ASP A 42 -6.06 -2.36 -7.97
CA ASP A 42 -6.89 -2.70 -6.82
C ASP A 42 -6.07 -3.46 -5.79
N ASN A 43 -5.17 -4.31 -6.27
CA ASN A 43 -4.32 -5.10 -5.39
C ASN A 43 -3.41 -4.18 -4.57
N ALA A 44 -2.91 -3.13 -5.20
CA ALA A 44 -2.03 -2.19 -4.52
C ALA A 44 -2.78 -1.42 -3.44
N VAL A 45 -4.02 -1.02 -3.74
CA VAL A 45 -4.83 -0.28 -2.78
C VAL A 45 -5.44 -1.24 -1.77
N ALA A 46 -5.67 -2.48 -2.19
CA ALA A 46 -6.25 -3.48 -1.31
C ALA A 46 -5.40 -3.64 -0.05
N VAL A 47 -4.09 -3.65 -0.22
CA VAL A 47 -3.19 -3.81 0.91
C VAL A 47 -3.36 -2.65 1.90
N LEU A 48 -3.39 -1.43 1.37
CA LEU A 48 -3.55 -0.24 2.20
C LEU A 48 -4.97 -0.19 2.77
N LYS A 49 -5.91 -0.74 2.02
CA LYS A 49 -7.31 -0.76 2.46
C LYS A 49 -7.57 -1.93 3.42
N LEU A 50 -6.81 -3.01 3.25
CA LEU A 50 -6.99 -4.18 4.10
C LEU A 50 -6.46 -3.92 5.50
N VAL A 51 -5.42 -3.11 5.61
CA VAL A 51 -4.83 -2.77 6.91
C VAL A 51 -5.67 -1.71 7.62
N ASP A 52 -6.03 -1.99 8.86
CA ASP A 52 -6.82 -1.04 9.65
C ASP A 52 -5.93 0.09 10.14
N GLY A 53 -5.28 -0.12 11.28
CA GLY A 53 -4.38 0.88 11.87
C GLY A 53 -2.96 0.68 11.33
N ARG A 54 -2.03 0.37 12.24
CA ARG A 54 -0.62 0.14 11.86
C ARG A 54 -0.26 -1.33 12.04
N ASN A 55 -0.15 -2.04 10.91
CA ASN A 55 0.23 -3.46 10.91
C ASN A 55 1.56 -3.66 10.19
N THR A 56 2.31 -4.67 10.60
CA THR A 56 3.59 -4.97 9.96
C THR A 56 3.35 -5.73 8.67
N VAL A 57 4.24 -5.54 7.70
CA VAL A 57 4.11 -6.23 6.42
C VAL A 57 4.04 -7.74 6.62
N SER A 58 4.80 -8.23 7.58
CA SER A 58 4.82 -9.65 7.88
C SER A 58 3.42 -10.14 8.24
N GLN A 59 2.73 -9.38 9.08
CA GLN A 59 1.38 -9.76 9.51
C GLN A 59 0.41 -9.75 8.32
N ILE A 60 0.44 -8.66 7.57
CA ILE A 60 -0.44 -8.52 6.41
C ILE A 60 -0.12 -9.62 5.40
N ALA A 61 1.17 -9.87 5.20
CA ALA A 61 1.61 -10.89 4.26
C ALA A 61 0.89 -12.22 4.51
N GLN A 62 0.72 -12.56 5.78
CA GLN A 62 0.04 -13.80 6.14
C GLN A 62 -1.40 -13.77 5.64
N ILE A 63 -2.10 -12.67 5.91
CA ILE A 63 -3.49 -12.54 5.49
C ILE A 63 -3.60 -12.53 3.97
N LEU A 64 -2.79 -11.71 3.33
CA LEU A 64 -2.81 -11.60 1.87
C LEU A 64 -2.28 -12.88 1.24
N GLY A 65 -1.26 -13.48 1.85
CA GLY A 65 -0.67 -14.70 1.33
C GLY A 65 -1.72 -15.79 1.16
N GLN A 66 -2.61 -15.91 2.14
CA GLN A 66 -3.66 -16.92 2.09
C GLN A 66 -4.64 -16.62 0.95
N THR A 67 -4.83 -15.34 0.67
CA THR A 67 -5.74 -14.95 -0.41
C THR A 67 -5.27 -15.49 -1.75
N TYR A 68 -3.98 -15.28 -2.05
CA TYR A 68 -3.39 -15.75 -3.31
C TYR A 68 -2.71 -17.10 -3.10
N ASP A 69 -2.74 -17.60 -1.87
CA ASP A 69 -2.12 -18.88 -1.56
C ASP A 69 -0.68 -18.92 -2.05
N ALA A 70 0.15 -18.03 -1.50
CA ALA A 70 1.57 -17.95 -1.87
C ALA A 70 2.43 -17.65 -0.65
N ASP A 71 3.73 -17.90 -0.77
CA ASP A 71 4.65 -17.67 0.34
C ASP A 71 4.53 -16.20 0.83
N PRO A 72 4.04 -15.95 2.04
CA PRO A 72 3.91 -14.55 2.56
C PRO A 72 5.20 -13.73 2.39
N ALA A 73 6.35 -14.38 2.56
CA ALA A 73 7.62 -13.69 2.43
C ALA A 73 7.71 -12.93 1.11
N ILE A 74 7.16 -13.52 0.05
CA ILE A 74 7.19 -12.89 -1.27
C ILE A 74 6.33 -11.63 -1.29
N ILE A 75 5.16 -11.70 -0.66
CA ILE A 75 4.25 -10.55 -0.65
C ILE A 75 4.98 -9.33 -0.09
N GLU A 76 5.92 -9.54 0.82
CA GLU A 76 6.65 -8.43 1.41
C GLU A 76 7.42 -7.67 0.34
N ALA A 77 8.30 -8.38 -0.35
CA ALA A 77 9.12 -7.77 -1.39
C ALA A 77 8.25 -7.12 -2.46
N ASP A 78 6.98 -7.52 -2.53
CA ASP A 78 6.06 -6.96 -3.52
C ASP A 78 5.54 -5.60 -3.06
N ILE A 79 4.96 -5.54 -1.87
CA ILE A 79 4.42 -4.28 -1.33
C ILE A 79 5.53 -3.37 -0.79
N LEU A 80 6.58 -3.98 -0.25
CA LEU A 80 7.70 -3.21 0.30
C LEU A 80 8.11 -2.05 -0.65
N PRO A 81 8.50 -2.34 -1.88
CA PRO A 81 8.90 -1.26 -2.85
C PRO A 81 7.74 -0.32 -3.19
N MET A 82 6.51 -0.82 -3.08
CA MET A 82 5.33 -0.01 -3.37
C MET A 82 5.21 1.13 -2.38
N LEU A 83 5.49 0.84 -1.11
CA LEU A 83 5.39 1.85 -0.07
C LEU A 83 6.38 2.98 -0.34
N ALA A 84 7.59 2.62 -0.77
CA ALA A 84 8.61 3.61 -1.07
C ALA A 84 8.17 4.49 -2.24
N GLY A 85 7.50 3.88 -3.22
CA GLY A 85 7.03 4.62 -4.39
C GLY A 85 6.01 5.69 -3.99
N LEU A 86 5.17 5.37 -3.02
CA LEU A 86 4.17 6.31 -2.55
C LEU A 86 4.82 7.49 -1.86
N ALA A 87 5.88 7.21 -1.09
CA ALA A 87 6.58 8.26 -0.37
C ALA A 87 7.03 9.36 -1.34
N GLN A 88 7.44 8.96 -2.53
CA GLN A 88 7.88 9.92 -3.54
C GLN A 88 6.77 10.89 -3.91
N LYS A 89 5.53 10.46 -3.68
CA LYS A 89 4.35 11.29 -3.99
C LYS A 89 3.92 12.09 -2.77
N ARG A 90 4.56 11.80 -1.63
CA ARG A 90 4.26 12.49 -0.39
C ARG A 90 2.80 12.24 0.02
N VAL A 91 2.46 10.97 0.19
CA VAL A 91 1.10 10.59 0.57
C VAL A 91 1.12 9.41 1.54
N LEU A 92 2.33 9.02 1.98
CA LEU A 92 2.50 7.91 2.92
C LEU A 92 3.04 8.41 4.25
N GLU A 93 2.61 7.77 5.32
CA GLU A 93 3.02 8.14 6.66
C GLU A 93 2.94 6.95 7.59
N ARG A 94 4.04 6.68 8.29
CA ARG A 94 4.08 5.55 9.21
C ARG A 94 3.11 5.77 10.36
N MET A 1 17.19 6.51 -7.78
CA MET A 1 17.93 5.28 -7.37
C MET A 1 18.50 5.48 -5.97
N GLU A 2 17.70 6.05 -5.09
CA GLU A 2 18.13 6.30 -3.71
C GLU A 2 16.93 6.69 -2.83
N PRO A 3 15.98 5.80 -2.68
CA PRO A 3 14.76 6.09 -1.86
C PRO A 3 15.07 6.01 -0.36
N THR A 4 14.02 6.04 0.46
CA THR A 4 14.17 5.98 1.91
C THR A 4 14.46 4.55 2.35
N ALA A 5 14.18 3.59 1.48
CA ALA A 5 14.42 2.19 1.78
C ALA A 5 13.75 1.81 3.10
N PHE A 6 12.49 1.40 3.01
CA PHE A 6 11.73 1.00 4.21
C PHE A 6 12.10 -0.42 4.62
N SER A 7 12.18 -0.66 5.93
CA SER A 7 12.53 -1.98 6.46
C SER A 7 11.27 -2.80 6.70
N GLY A 8 11.43 -4.01 7.24
CA GLY A 8 10.29 -4.87 7.51
C GLY A 8 9.40 -4.29 8.61
N SER A 9 10.02 -3.64 9.59
CA SER A 9 9.27 -3.05 10.70
C SER A 9 8.47 -1.83 10.23
N ASP A 10 8.63 -1.48 8.95
CA ASP A 10 7.91 -0.34 8.41
C ASP A 10 6.41 -0.63 8.38
N VAL A 11 5.60 0.34 8.81
CA VAL A 11 4.14 0.19 8.81
C VAL A 11 3.48 1.43 8.15
N PRO A 12 2.89 1.30 6.98
CA PRO A 12 2.26 2.47 6.30
C PRO A 12 0.89 2.79 6.90
N ARG A 13 0.47 4.05 6.73
CA ARG A 13 -0.82 4.51 7.25
C ARG A 13 -1.29 5.72 6.43
N LEU A 14 -2.55 5.68 6.01
CA LEU A 14 -3.11 6.77 5.22
C LEU A 14 -3.24 8.05 6.07
N PRO A 15 -2.52 9.13 5.76
CA PRO A 15 -2.61 10.38 6.57
C PRO A 15 -3.86 11.21 6.22
N ARG A 16 -4.15 12.19 7.06
CA ARG A 16 -5.31 13.05 6.83
C ARG A 16 -5.27 13.66 5.44
N GLY A 17 -6.43 13.73 4.79
CA GLY A 17 -6.52 14.29 3.43
C GLY A 17 -6.30 13.22 2.37
N VAL A 18 -6.15 11.96 2.82
CA VAL A 18 -5.94 10.83 1.91
C VAL A 18 -6.96 9.74 2.21
N ARG A 19 -7.67 9.30 1.17
CA ARG A 19 -8.68 8.25 1.29
C ARG A 19 -8.69 7.37 0.05
N LEU A 20 -9.27 6.18 0.18
CA LEU A 20 -9.34 5.23 -0.94
C LEU A 20 -10.65 5.38 -1.67
N ARG A 21 -10.60 5.38 -3.01
CA ARG A 21 -11.81 5.51 -3.83
C ARG A 21 -11.73 4.58 -5.03
N PHE A 22 -12.89 4.03 -5.43
CA PHE A 22 -12.94 3.12 -6.57
C PHE A 22 -13.41 3.87 -7.82
N ASP A 23 -12.55 3.92 -8.84
CA ASP A 23 -12.88 4.59 -10.09
C ASP A 23 -13.47 3.58 -11.07
N GLU A 24 -14.79 3.65 -11.24
CA GLU A 24 -15.48 2.75 -12.16
C GLU A 24 -15.03 2.99 -13.59
N VAL A 25 -14.80 4.25 -13.93
CA VAL A 25 -14.36 4.62 -15.26
C VAL A 25 -13.00 3.99 -15.57
N ARG A 26 -12.09 4.04 -14.59
CA ARG A 26 -10.75 3.47 -14.78
C ARG A 26 -10.77 1.97 -14.55
N ASN A 27 -11.84 1.47 -13.92
CA ASN A 27 -12.00 0.04 -13.65
C ASN A 27 -11.00 -0.43 -12.58
N LYS A 28 -10.36 0.52 -11.90
CA LYS A 28 -9.39 0.22 -10.85
C LYS A 28 -9.46 1.26 -9.74
N HIS A 29 -8.86 0.93 -8.60
CA HIS A 29 -8.85 1.84 -7.45
C HIS A 29 -7.66 2.78 -7.54
N VAL A 30 -7.84 3.98 -7.00
CA VAL A 30 -6.79 5.00 -7.01
C VAL A 30 -6.72 5.71 -5.66
N LEU A 31 -5.57 6.32 -5.37
CA LEU A 31 -5.39 7.03 -4.10
C LEU A 31 -5.63 8.52 -4.31
N LEU A 32 -6.59 9.07 -3.57
CA LEU A 32 -6.90 10.48 -3.68
C LEU A 32 -5.91 11.28 -2.85
N ALA A 33 -4.86 11.78 -3.49
CA ALA A 33 -3.83 12.57 -2.80
C ALA A 33 -4.17 14.05 -2.94
N PRO A 34 -3.75 14.88 -2.01
CA PRO A 34 -4.04 16.34 -2.07
C PRO A 34 -3.38 16.99 -3.30
N GLU A 35 -2.27 16.40 -3.74
CA GLU A 35 -1.55 16.93 -4.91
C GLU A 35 -2.24 16.51 -6.20
N ARG A 36 -2.49 15.21 -6.34
CA ARG A 36 -3.14 14.67 -7.54
C ARG A 36 -3.37 13.17 -7.38
N THR A 37 -4.45 12.67 -8.00
CA THR A 37 -4.76 11.25 -7.95
C THR A 37 -3.76 10.44 -8.75
N PHE A 38 -3.31 9.32 -8.20
CA PHE A 38 -2.33 8.44 -8.86
C PHE A 38 -2.97 7.14 -9.32
N ASP A 39 -2.59 6.67 -10.50
CA ASP A 39 -3.12 5.42 -11.05
C ASP A 39 -2.55 4.23 -10.30
N LEU A 40 -3.43 3.47 -9.64
CA LEU A 40 -3.01 2.29 -8.88
C LEU A 40 -3.94 1.12 -9.15
N ASP A 41 -3.44 -0.09 -8.94
CA ASP A 41 -4.22 -1.30 -9.18
C ASP A 41 -5.03 -1.65 -7.95
N ASP A 42 -6.03 -2.50 -8.13
CA ASP A 42 -6.88 -2.92 -7.03
C ASP A 42 -6.04 -3.63 -5.97
N ASN A 43 -5.11 -4.46 -6.43
CA ASN A 43 -4.25 -5.20 -5.53
C ASN A 43 -3.38 -4.26 -4.72
N ALA A 44 -2.91 -3.19 -5.35
CA ALA A 44 -2.06 -2.23 -4.67
C ALA A 44 -2.85 -1.47 -3.60
N VAL A 45 -4.08 -1.11 -3.92
CA VAL A 45 -4.93 -0.39 -2.97
C VAL A 45 -5.55 -1.37 -1.97
N ALA A 46 -5.70 -2.62 -2.38
CA ALA A 46 -6.27 -3.63 -1.51
C ALA A 46 -5.47 -3.72 -0.22
N VAL A 47 -4.15 -3.63 -0.36
CA VAL A 47 -3.26 -3.68 0.80
C VAL A 47 -3.54 -2.53 1.76
N LEU A 48 -3.68 -1.33 1.21
CA LEU A 48 -3.94 -0.14 2.02
C LEU A 48 -5.40 -0.11 2.47
N LYS A 49 -6.24 -0.91 1.81
CA LYS A 49 -7.66 -0.98 2.16
C LYS A 49 -7.89 -2.07 3.22
N LEU A 50 -7.12 -3.15 3.13
CA LEU A 50 -7.27 -4.27 4.07
C LEU A 50 -6.77 -3.88 5.46
N VAL A 51 -5.76 -3.01 5.53
CA VAL A 51 -5.22 -2.57 6.81
C VAL A 51 -6.21 -1.66 7.54
N ASP A 52 -6.60 -2.06 8.74
CA ASP A 52 -7.53 -1.27 9.54
C ASP A 52 -6.86 0.02 10.03
N GLY A 53 -5.61 -0.12 10.51
CA GLY A 53 -4.84 1.03 11.02
C GLY A 53 -3.37 0.87 10.69
N ARG A 54 -2.58 0.39 11.66
CA ARG A 54 -1.14 0.17 11.45
C ARG A 54 -0.80 -1.32 11.53
N ASN A 55 -0.57 -1.94 10.37
CA ASN A 55 -0.20 -3.36 10.29
C ASN A 55 1.19 -3.51 9.67
N THR A 56 2.02 -4.34 10.28
CA THR A 56 3.38 -4.55 9.75
C THR A 56 3.30 -5.43 8.52
N VAL A 57 4.14 -5.13 7.52
CA VAL A 57 4.14 -5.90 6.28
C VAL A 57 4.16 -7.40 6.57
N SER A 58 4.94 -7.78 7.58
CA SER A 58 5.04 -9.18 7.96
C SER A 58 3.66 -9.72 8.34
N GLN A 59 2.92 -8.94 9.13
CA GLN A 59 1.59 -9.35 9.56
C GLN A 59 0.64 -9.42 8.37
N ILE A 60 0.66 -8.38 7.54
CA ILE A 60 -0.21 -8.34 6.37
C ILE A 60 0.10 -9.51 5.44
N ALA A 61 1.38 -9.77 5.24
CA ALA A 61 1.81 -10.85 4.37
C ALA A 61 1.13 -12.17 4.76
N GLN A 62 1.03 -12.41 6.07
CA GLN A 62 0.40 -13.64 6.56
C GLN A 62 -1.07 -13.70 6.15
N ILE A 63 -1.82 -12.66 6.50
CA ILE A 63 -3.25 -12.63 6.19
C ILE A 63 -3.47 -12.58 4.68
N LEU A 64 -2.76 -11.68 4.01
CA LEU A 64 -2.90 -11.52 2.57
C LEU A 64 -2.33 -12.73 1.84
N GLY A 65 -1.23 -13.27 2.35
CA GLY A 65 -0.59 -14.44 1.73
C GLY A 65 -1.59 -15.59 1.59
N GLN A 66 -2.38 -15.80 2.63
CA GLN A 66 -3.37 -16.88 2.61
C GLN A 66 -4.44 -16.60 1.55
N THR A 67 -4.72 -15.32 1.31
CA THR A 67 -5.74 -14.95 0.33
C THR A 67 -5.32 -15.42 -1.07
N TYR A 68 -4.06 -15.17 -1.44
CA TYR A 68 -3.53 -15.59 -2.74
C TYR A 68 -2.90 -16.96 -2.65
N ASP A 69 -2.94 -17.56 -1.47
CA ASP A 69 -2.37 -18.90 -1.27
C ASP A 69 -0.94 -18.96 -1.78
N ALA A 70 -0.11 -18.02 -1.30
CA ALA A 70 1.31 -17.95 -1.71
C ALA A 70 2.19 -17.62 -0.51
N ASP A 71 3.49 -17.87 -0.65
CA ASP A 71 4.43 -17.61 0.44
C ASP A 71 4.35 -16.13 0.89
N PRO A 72 4.31 -15.85 2.19
CA PRO A 72 4.23 -14.44 2.70
C PRO A 72 5.50 -13.63 2.43
N ALA A 73 6.64 -14.32 2.37
CA ALA A 73 7.92 -13.66 2.14
C ALA A 73 7.88 -12.83 0.85
N ILE A 74 7.22 -13.38 -0.16
CA ILE A 74 7.11 -12.71 -1.45
C ILE A 74 6.17 -11.50 -1.34
N ILE A 75 5.11 -11.66 -0.57
CA ILE A 75 4.11 -10.60 -0.41
C ILE A 75 4.73 -9.33 0.17
N GLU A 76 5.53 -9.49 1.23
CA GLU A 76 6.17 -8.33 1.85
C GLU A 76 7.09 -7.66 0.85
N ALA A 77 7.89 -8.47 0.16
CA ALA A 77 8.82 -7.96 -0.84
C ALA A 77 8.08 -7.33 -2.02
N ASP A 78 6.80 -7.68 -2.17
CA ASP A 78 5.99 -7.16 -3.28
C ASP A 78 5.51 -5.73 -2.97
N ILE A 79 4.92 -5.56 -1.78
CA ILE A 79 4.41 -4.26 -1.36
C ILE A 79 5.53 -3.31 -0.92
N LEU A 80 6.55 -3.87 -0.25
CA LEU A 80 7.69 -3.05 0.23
C LEU A 80 8.14 -2.05 -0.86
N PRO A 81 8.57 -2.49 -2.02
CA PRO A 81 9.03 -1.57 -3.11
C PRO A 81 7.90 -0.62 -3.54
N MET A 82 6.66 -1.10 -3.48
CA MET A 82 5.51 -0.28 -3.87
C MET A 82 5.34 0.89 -2.90
N LEU A 83 5.46 0.59 -1.60
CA LEU A 83 5.31 1.61 -0.58
C LEU A 83 6.38 2.68 -0.72
N ALA A 84 7.60 2.27 -1.04
CA ALA A 84 8.69 3.21 -1.21
C ALA A 84 8.38 4.19 -2.35
N GLY A 85 7.76 3.67 -3.41
CA GLY A 85 7.40 4.51 -4.55
C GLY A 85 6.35 5.53 -4.15
N LEU A 86 5.39 5.11 -3.32
CA LEU A 86 4.34 6.00 -2.87
C LEU A 86 4.90 7.08 -1.95
N ALA A 87 5.85 6.71 -1.11
CA ALA A 87 6.45 7.66 -0.18
C ALA A 87 6.97 8.89 -0.92
N GLN A 88 7.47 8.66 -2.12
CA GLN A 88 8.01 9.75 -2.94
C GLN A 88 6.91 10.76 -3.29
N LYS A 89 5.65 10.32 -3.18
CA LYS A 89 4.50 11.18 -3.49
C LYS A 89 3.99 11.87 -2.22
N ARG A 90 4.64 11.57 -1.11
CA ARG A 90 4.26 12.15 0.18
C ARG A 90 2.82 11.80 0.52
N VAL A 91 2.57 10.52 0.79
CA VAL A 91 1.22 10.05 1.12
C VAL A 91 1.29 9.00 2.24
N LEU A 92 2.48 8.80 2.80
CA LEU A 92 2.68 7.83 3.87
C LEU A 92 3.59 8.41 4.95
N GLU A 93 3.27 8.11 6.20
CA GLU A 93 4.07 8.57 7.33
C GLU A 93 3.94 7.60 8.51
N ARG A 94 5.04 6.93 8.83
CA ARG A 94 5.04 5.99 9.94
C ARG A 94 4.79 6.72 11.26
N MET A 1 15.02 9.72 6.49
CA MET A 1 14.77 10.90 5.61
C MET A 1 14.80 10.45 4.16
N GLU A 2 13.79 10.84 3.39
CA GLU A 2 13.71 10.47 1.98
C GLU A 2 13.98 8.97 1.80
N PRO A 3 13.23 8.13 2.48
CA PRO A 3 13.41 6.65 2.39
C PRO A 3 12.97 6.10 1.03
N THR A 4 13.57 4.97 0.65
CA THR A 4 13.24 4.34 -0.64
C THR A 4 13.49 2.84 -0.56
N ALA A 5 13.23 2.27 0.61
CA ALA A 5 13.42 0.83 0.83
C ALA A 5 12.69 0.38 2.08
N PHE A 6 12.65 1.24 3.10
CA PHE A 6 11.98 0.90 4.36
C PHE A 6 12.47 -0.45 4.87
N SER A 7 11.83 -0.94 5.93
CA SER A 7 12.18 -2.23 6.53
C SER A 7 10.94 -3.06 6.79
N GLY A 8 11.06 -4.06 7.66
CA GLY A 8 9.94 -4.94 8.00
C GLY A 8 9.11 -4.36 9.15
N SER A 9 9.76 -3.57 10.00
CA SER A 9 9.07 -2.96 11.14
C SER A 9 8.25 -1.76 10.70
N ASP A 10 8.40 -1.39 9.42
CA ASP A 10 7.64 -0.25 8.89
C ASP A 10 6.17 -0.60 8.83
N VAL A 11 5.31 0.41 9.06
CA VAL A 11 3.86 0.20 9.01
C VAL A 11 3.18 1.27 8.13
N PRO A 12 2.35 0.89 7.16
CA PRO A 12 1.66 1.88 6.27
C PRO A 12 0.48 2.55 6.98
N ARG A 13 0.25 3.83 6.67
CA ARG A 13 -0.87 4.56 7.26
C ARG A 13 -1.24 5.74 6.38
N LEU A 14 -2.49 5.81 5.97
CA LEU A 14 -2.95 6.89 5.11
C LEU A 14 -2.96 8.24 5.87
N PRO A 15 -2.21 9.24 5.43
CA PRO A 15 -2.18 10.56 6.13
C PRO A 15 -3.42 11.39 5.82
N ARG A 16 -3.67 12.39 6.65
CA ARG A 16 -4.82 13.26 6.46
C ARG A 16 -4.80 13.87 5.06
N GLY A 17 -5.98 14.01 4.46
CA GLY A 17 -6.09 14.58 3.13
C GLY A 17 -5.91 13.52 2.05
N VAL A 18 -5.87 12.25 2.48
CA VAL A 18 -5.70 11.12 1.55
C VAL A 18 -6.68 10.01 1.90
N ARG A 19 -7.49 9.60 0.92
CA ARG A 19 -8.47 8.54 1.10
C ARG A 19 -8.52 7.65 -0.13
N LEU A 20 -9.00 6.42 0.05
CA LEU A 20 -9.09 5.46 -1.05
C LEU A 20 -10.47 5.56 -1.71
N ARG A 21 -10.48 5.49 -3.03
CA ARG A 21 -11.73 5.58 -3.80
C ARG A 21 -11.69 4.65 -4.99
N PHE A 22 -12.87 4.18 -5.39
CA PHE A 22 -13.00 3.27 -6.53
C PHE A 22 -13.45 4.04 -7.77
N ASP A 23 -12.58 4.10 -8.77
CA ASP A 23 -12.89 4.79 -10.03
C ASP A 23 -13.53 3.81 -11.00
N GLU A 24 -14.85 3.87 -11.09
CA GLU A 24 -15.59 2.98 -11.98
C GLU A 24 -15.11 3.18 -13.41
N VAL A 25 -14.70 4.40 -13.72
CA VAL A 25 -14.24 4.73 -15.06
C VAL A 25 -12.96 3.98 -15.38
N ARG A 26 -12.04 3.95 -14.41
CA ARG A 26 -10.75 3.29 -14.61
C ARG A 26 -10.88 1.79 -14.30
N ASN A 27 -11.97 1.44 -13.61
CA ASN A 27 -12.24 0.05 -13.25
C ASN A 27 -11.25 -0.45 -12.20
N LYS A 28 -10.55 0.49 -11.56
CA LYS A 28 -9.57 0.17 -10.53
C LYS A 28 -9.58 1.24 -9.45
N HIS A 29 -8.89 0.97 -8.35
CA HIS A 29 -8.81 1.91 -7.25
C HIS A 29 -7.63 2.85 -7.45
N VAL A 30 -7.73 4.05 -6.88
CA VAL A 30 -6.67 5.06 -7.00
C VAL A 30 -6.52 5.81 -5.68
N LEU A 31 -5.39 6.50 -5.51
CA LEU A 31 -5.14 7.25 -4.28
C LEU A 31 -5.51 8.72 -4.51
N LEU A 32 -6.50 9.20 -3.78
CA LEU A 32 -6.91 10.59 -3.89
C LEU A 32 -5.96 11.47 -3.10
N ALA A 33 -4.93 11.98 -3.77
CA ALA A 33 -3.94 12.83 -3.11
C ALA A 33 -4.28 14.32 -3.35
N PRO A 34 -3.85 15.21 -2.48
CA PRO A 34 -4.12 16.67 -2.62
C PRO A 34 -3.46 17.25 -3.88
N GLU A 35 -2.34 16.66 -4.29
CA GLU A 35 -1.63 17.13 -5.48
C GLU A 35 -2.28 16.59 -6.75
N ARG A 36 -2.49 15.29 -6.81
CA ARG A 36 -3.09 14.66 -7.98
C ARG A 36 -3.36 13.20 -7.72
N THR A 37 -4.41 12.67 -8.34
CA THR A 37 -4.76 11.27 -8.19
C THR A 37 -3.76 10.38 -8.92
N PHE A 38 -3.26 9.35 -8.23
CA PHE A 38 -2.29 8.42 -8.82
C PHE A 38 -2.97 7.13 -9.27
N ASP A 39 -2.58 6.65 -10.45
CA ASP A 39 -3.14 5.41 -10.99
C ASP A 39 -2.57 4.20 -10.26
N LEU A 40 -3.44 3.46 -9.56
CA LEU A 40 -3.02 2.27 -8.81
C LEU A 40 -3.94 1.10 -9.10
N ASP A 41 -3.41 -0.11 -8.90
CA ASP A 41 -4.17 -1.33 -9.15
C ASP A 41 -5.01 -1.69 -7.92
N ASP A 42 -6.11 -2.39 -8.15
CA ASP A 42 -6.99 -2.77 -7.05
C ASP A 42 -6.24 -3.60 -6.02
N ASN A 43 -5.40 -4.51 -6.50
CA ASN A 43 -4.63 -5.36 -5.60
C ASN A 43 -3.66 -4.53 -4.76
N ALA A 44 -3.10 -3.48 -5.36
CA ALA A 44 -2.16 -2.62 -4.67
C ALA A 44 -2.86 -1.81 -3.58
N VAL A 45 -4.06 -1.31 -3.89
CA VAL A 45 -4.81 -0.52 -2.91
C VAL A 45 -5.46 -1.43 -1.89
N ALA A 46 -5.74 -2.66 -2.30
CA ALA A 46 -6.38 -3.61 -1.41
C ALA A 46 -5.55 -3.79 -0.13
N VAL A 47 -4.23 -3.79 -0.30
CA VAL A 47 -3.34 -3.94 0.84
C VAL A 47 -3.55 -2.79 1.83
N LEU A 48 -3.64 -1.57 1.29
CA LEU A 48 -3.83 -0.39 2.12
C LEU A 48 -5.23 -0.38 2.72
N LYS A 49 -6.18 -0.93 1.98
CA LYS A 49 -7.56 -1.00 2.45
C LYS A 49 -7.75 -2.19 3.38
N LEU A 50 -6.93 -3.23 3.20
CA LEU A 50 -7.07 -4.42 4.04
C LEU A 50 -6.59 -4.15 5.44
N VAL A 51 -5.58 -3.26 5.57
CA VAL A 51 -5.04 -2.91 6.88
C VAL A 51 -5.93 -1.88 7.57
N ASP A 52 -6.25 -2.12 8.84
CA ASP A 52 -7.10 -1.21 9.59
C ASP A 52 -6.31 0.06 9.94
N GLY A 53 -5.33 -0.09 10.85
CA GLY A 53 -4.47 1.03 11.28
C GLY A 53 -3.04 0.81 10.85
N ARG A 54 -2.16 0.54 11.83
CA ARG A 54 -0.74 0.29 11.55
C ARG A 54 -0.41 -1.19 11.79
N ASN A 55 -0.24 -1.93 10.70
CA ASN A 55 0.10 -3.37 10.76
C ASN A 55 1.46 -3.59 10.12
N THR A 56 2.18 -4.61 10.60
CA THR A 56 3.49 -4.93 10.05
C THR A 56 3.32 -5.68 8.74
N VAL A 57 4.17 -5.38 7.77
CA VAL A 57 4.10 -6.02 6.47
C VAL A 57 4.15 -7.54 6.63
N SER A 58 4.97 -7.99 7.57
CA SER A 58 5.10 -9.42 7.83
C SER A 58 3.75 -10.02 8.22
N GLN A 59 3.01 -9.32 9.07
CA GLN A 59 1.70 -9.81 9.50
C GLN A 59 0.73 -9.87 8.33
N ILE A 60 0.70 -8.81 7.55
CA ILE A 60 -0.19 -8.74 6.39
C ILE A 60 0.16 -9.84 5.40
N ALA A 61 1.45 -10.04 5.18
CA ALA A 61 1.90 -11.05 4.24
C ALA A 61 1.30 -12.42 4.57
N GLN A 62 1.21 -12.72 5.86
CA GLN A 62 0.64 -13.99 6.30
C GLN A 62 -0.82 -14.09 5.89
N ILE A 63 -1.60 -13.09 6.24
CA ILE A 63 -3.02 -13.09 5.91
C ILE A 63 -3.24 -13.05 4.41
N LEU A 64 -2.55 -12.12 3.75
CA LEU A 64 -2.69 -11.96 2.30
C LEU A 64 -2.04 -13.14 1.59
N GLY A 65 -0.97 -13.66 2.17
CA GLY A 65 -0.25 -14.78 1.55
C GLY A 65 -1.18 -15.98 1.37
N GLN A 66 -2.04 -16.21 2.34
CA GLN A 66 -2.99 -17.33 2.27
C GLN A 66 -3.97 -17.11 1.12
N THR A 67 -4.29 -15.84 0.85
CA THR A 67 -5.24 -15.53 -0.22
C THR A 67 -4.68 -15.99 -1.56
N TYR A 68 -3.42 -15.67 -1.83
CA TYR A 68 -2.77 -16.04 -3.09
C TYR A 68 -2.03 -17.37 -2.93
N ASP A 69 -2.05 -17.92 -1.72
CA ASP A 69 -1.39 -19.19 -1.46
C ASP A 69 0.05 -19.17 -1.96
N ALA A 70 0.87 -18.26 -1.42
CA ALA A 70 2.27 -18.13 -1.84
C ALA A 70 3.14 -17.76 -0.66
N ASP A 71 4.44 -17.93 -0.81
CA ASP A 71 5.38 -17.62 0.27
C ASP A 71 5.20 -16.16 0.72
N PRO A 72 4.72 -15.89 1.92
CA PRO A 72 4.52 -14.48 2.41
C PRO A 72 5.73 -13.59 2.17
N ALA A 73 6.93 -14.17 2.27
CA ALA A 73 8.16 -13.41 2.06
C ALA A 73 8.12 -12.64 0.75
N ILE A 74 7.50 -13.24 -0.26
CA ILE A 74 7.37 -12.60 -1.56
C ILE A 74 6.37 -11.46 -1.51
N ILE A 75 5.27 -11.66 -0.79
CA ILE A 75 4.23 -10.65 -0.70
C ILE A 75 4.76 -9.36 -0.06
N GLU A 76 5.46 -9.50 1.06
CA GLU A 76 5.98 -8.33 1.75
C GLU A 76 6.93 -7.56 0.83
N ALA A 77 7.81 -8.28 0.17
CA ALA A 77 8.77 -7.68 -0.74
C ALA A 77 8.07 -7.09 -1.97
N ASP A 78 6.86 -7.57 -2.24
CA ASP A 78 6.09 -7.10 -3.40
C ASP A 78 5.41 -5.76 -3.09
N ILE A 79 4.75 -5.68 -1.93
CA ILE A 79 4.04 -4.46 -1.51
C ILE A 79 5.02 -3.36 -1.10
N LEU A 80 6.08 -3.74 -0.38
CA LEU A 80 7.09 -2.78 0.06
C LEU A 80 7.42 -1.78 -1.08
N PRO A 81 7.91 -2.25 -2.22
CA PRO A 81 8.21 -1.36 -3.37
C PRO A 81 7.11 -0.30 -3.58
N MET A 82 5.85 -0.75 -3.51
CA MET A 82 4.73 0.16 -3.70
C MET A 82 4.64 1.17 -2.57
N LEU A 83 4.83 0.69 -1.34
CA LEU A 83 4.75 1.58 -0.18
C LEU A 83 5.85 2.63 -0.24
N ALA A 84 7.06 2.20 -0.59
CA ALA A 84 8.17 3.12 -0.69
C ALA A 84 7.94 4.13 -1.80
N GLY A 85 7.32 3.67 -2.89
CA GLY A 85 7.04 4.56 -4.02
C GLY A 85 6.12 5.71 -3.60
N LEU A 86 5.16 5.40 -2.75
CA LEU A 86 4.21 6.41 -2.28
C LEU A 86 4.94 7.44 -1.42
N ALA A 87 5.86 6.96 -0.59
CA ALA A 87 6.62 7.85 0.28
C ALA A 87 7.30 8.94 -0.54
N GLN A 88 7.81 8.57 -1.72
CA GLN A 88 8.47 9.52 -2.59
C GLN A 88 7.51 10.60 -3.06
N LYS A 89 6.21 10.31 -3.02
CA LYS A 89 5.19 11.27 -3.45
C LYS A 89 4.70 12.09 -2.26
N ARG A 90 5.21 11.76 -1.08
CA ARG A 90 4.85 12.46 0.15
C ARG A 90 3.35 12.30 0.44
N VAL A 91 2.90 11.06 0.50
CA VAL A 91 1.48 10.78 0.77
C VAL A 91 1.35 9.57 1.68
N LEU A 92 2.48 9.06 2.16
CA LEU A 92 2.50 7.89 3.05
C LEU A 92 3.54 8.09 4.15
N GLU A 93 3.12 7.84 5.38
CA GLU A 93 4.00 7.96 6.54
C GLU A 93 3.51 7.10 7.69
N ARG A 94 4.43 6.38 8.33
CA ARG A 94 4.09 5.52 9.44
C ARG A 94 3.58 6.34 10.62
N MET A 1 18.28 4.67 -9.09
CA MET A 1 18.66 5.96 -8.45
C MET A 1 19.04 5.69 -6.99
N GLU A 2 18.12 5.92 -6.06
CA GLU A 2 18.39 5.69 -4.64
C GLU A 2 17.08 5.79 -3.85
N PRO A 3 16.22 4.80 -3.97
CA PRO A 3 14.91 4.79 -3.24
C PRO A 3 15.10 4.91 -1.72
N THR A 4 14.00 5.11 -1.01
CA THR A 4 14.05 5.25 0.44
C THR A 4 14.26 3.88 1.10
N ALA A 5 13.95 2.83 0.35
CA ALA A 5 14.12 1.47 0.86
C ALA A 5 13.43 1.30 2.20
N PHE A 6 12.17 0.88 2.17
CA PHE A 6 11.39 0.67 3.39
C PHE A 6 11.79 -0.66 4.03
N SER A 7 11.83 -0.66 5.37
CA SER A 7 12.18 -1.86 6.13
C SER A 7 10.94 -2.69 6.42
N GLY A 8 11.12 -3.79 7.13
CA GLY A 8 10.00 -4.67 7.49
C GLY A 8 9.21 -4.10 8.67
N SER A 9 9.88 -3.29 9.48
CA SER A 9 9.24 -2.70 10.66
C SER A 9 8.34 -1.55 10.25
N ASP A 10 8.35 -1.21 8.96
CA ASP A 10 7.52 -0.11 8.47
C ASP A 10 6.05 -0.48 8.59
N VAL A 11 5.22 0.51 8.91
CA VAL A 11 3.76 0.28 9.04
C VAL A 11 2.99 1.34 8.24
N PRO A 12 2.46 1.00 7.07
CA PRO A 12 1.71 1.99 6.25
C PRO A 12 0.32 2.25 6.81
N ARG A 13 -0.15 3.49 6.68
CA ARG A 13 -1.46 3.89 7.16
C ARG A 13 -1.96 5.10 6.36
N LEU A 14 -3.27 5.13 6.12
CA LEU A 14 -3.86 6.21 5.36
C LEU A 14 -3.71 7.55 6.11
N PRO A 15 -2.96 8.52 5.59
CA PRO A 15 -2.78 9.82 6.29
C PRO A 15 -3.98 10.75 6.08
N ARG A 16 -4.16 11.68 7.01
CA ARG A 16 -5.26 12.63 6.92
C ARG A 16 -5.19 13.40 5.60
N GLY A 17 -6.34 13.61 4.97
CA GLY A 17 -6.40 14.36 3.71
C GLY A 17 -6.28 13.41 2.52
N VAL A 18 -6.20 12.10 2.81
CA VAL A 18 -6.08 11.08 1.75
C VAL A 18 -7.09 9.97 2.00
N ARG A 19 -7.85 9.63 0.97
CA ARG A 19 -8.86 8.57 1.04
C ARG A 19 -8.80 7.70 -0.19
N LEU A 20 -9.28 6.46 -0.05
CA LEU A 20 -9.27 5.51 -1.16
C LEU A 20 -10.58 5.61 -1.94
N ARG A 21 -10.49 5.54 -3.26
CA ARG A 21 -11.67 5.63 -4.13
C ARG A 21 -11.57 4.60 -5.24
N PHE A 22 -12.70 3.95 -5.54
CA PHE A 22 -12.75 2.93 -6.58
C PHE A 22 -13.28 3.53 -7.88
N ASP A 23 -12.45 3.51 -8.91
CA ASP A 23 -12.84 4.06 -10.21
C ASP A 23 -13.49 2.96 -11.06
N GLU A 24 -14.81 3.04 -11.18
CA GLU A 24 -15.55 2.05 -11.96
C GLU A 24 -15.16 2.15 -13.44
N VAL A 25 -14.92 3.37 -13.89
CA VAL A 25 -14.55 3.61 -15.29
C VAL A 25 -13.21 2.93 -15.61
N ARG A 26 -12.25 3.05 -14.70
CA ARG A 26 -10.93 2.44 -14.91
C ARG A 26 -10.95 0.97 -14.51
N ASN A 27 -11.95 0.60 -13.72
CA ASN A 27 -12.10 -0.79 -13.25
C ASN A 27 -11.01 -1.15 -12.24
N LYS A 28 -10.40 -0.14 -11.65
CA LYS A 28 -9.34 -0.34 -10.65
C LYS A 28 -9.40 0.73 -9.58
N HIS A 29 -8.69 0.50 -8.48
CA HIS A 29 -8.66 1.45 -7.36
C HIS A 29 -7.51 2.42 -7.54
N VAL A 30 -7.69 3.63 -7.01
CA VAL A 30 -6.66 4.66 -7.11
C VAL A 30 -6.57 5.43 -5.81
N LEU A 31 -5.43 6.11 -5.60
CA LEU A 31 -5.22 6.91 -4.39
C LEU A 31 -5.42 8.38 -4.71
N LEU A 32 -6.35 9.02 -4.01
CA LEU A 32 -6.62 10.44 -4.22
C LEU A 32 -5.56 11.24 -3.47
N ALA A 33 -4.55 11.73 -4.20
CA ALA A 33 -3.48 12.51 -3.57
C ALA A 33 -3.78 14.03 -3.73
N PRO A 34 -3.41 14.86 -2.78
CA PRO A 34 -3.65 16.34 -2.89
C PRO A 34 -3.23 16.90 -4.25
N GLU A 35 -2.13 16.39 -4.78
CA GLU A 35 -1.61 16.89 -6.07
C GLU A 35 -2.46 16.37 -7.22
N ARG A 36 -2.67 15.06 -7.27
CA ARG A 36 -3.47 14.46 -8.34
C ARG A 36 -3.65 12.96 -8.09
N THR A 37 -4.74 12.40 -8.60
CA THR A 37 -5.02 10.98 -8.44
C THR A 37 -4.02 10.16 -9.24
N PHE A 38 -3.48 9.11 -8.62
CA PHE A 38 -2.49 8.23 -9.26
C PHE A 38 -3.12 6.87 -9.59
N ASP A 39 -2.78 6.35 -10.76
CA ASP A 39 -3.30 5.05 -11.19
C ASP A 39 -2.63 3.93 -10.42
N LEU A 40 -3.43 3.13 -9.71
CA LEU A 40 -2.91 2.00 -8.93
C LEU A 40 -3.78 0.77 -9.14
N ASP A 41 -3.21 -0.41 -8.88
CA ASP A 41 -3.93 -1.67 -9.05
C ASP A 41 -4.74 -1.99 -7.81
N ASP A 42 -5.69 -2.89 -7.95
CA ASP A 42 -6.54 -3.29 -6.83
C ASP A 42 -5.70 -3.87 -5.70
N ASN A 43 -4.76 -4.75 -6.06
CA ASN A 43 -3.91 -5.39 -5.08
C ASN A 43 -3.02 -4.36 -4.39
N ALA A 44 -2.71 -3.28 -5.10
CA ALA A 44 -1.85 -2.23 -4.54
C ALA A 44 -2.60 -1.43 -3.48
N VAL A 45 -3.85 -1.08 -3.78
CA VAL A 45 -4.67 -0.31 -2.85
C VAL A 45 -5.25 -1.21 -1.76
N ALA A 46 -5.59 -2.44 -2.14
CA ALA A 46 -6.17 -3.39 -1.21
C ALA A 46 -5.31 -3.50 0.05
N VAL A 47 -4.00 -3.43 -0.12
CA VAL A 47 -3.07 -3.51 1.00
C VAL A 47 -3.32 -2.38 1.98
N LEU A 48 -3.43 -1.16 1.46
CA LEU A 48 -3.64 0.01 2.29
C LEU A 48 -5.07 0.04 2.83
N LYS A 49 -5.97 -0.65 2.13
CA LYS A 49 -7.38 -0.71 2.54
C LYS A 49 -7.59 -1.82 3.56
N LEU A 50 -6.84 -2.91 3.42
CA LEU A 50 -7.00 -4.06 4.33
C LEU A 50 -6.44 -3.73 5.71
N VAL A 51 -5.40 -2.91 5.75
CA VAL A 51 -4.78 -2.51 7.01
C VAL A 51 -5.63 -1.45 7.72
N ASP A 52 -5.98 -1.74 8.97
CA ASP A 52 -6.78 -0.80 9.76
C ASP A 52 -5.89 0.33 10.28
N GLY A 53 -5.27 0.09 11.44
CA GLY A 53 -4.37 1.07 12.05
C GLY A 53 -2.97 0.94 11.48
N ARG A 54 -2.01 0.57 12.33
CA ARG A 54 -0.62 0.40 11.90
C ARG A 54 -0.22 -1.07 12.02
N ASN A 55 -0.12 -1.76 10.88
CA ASN A 55 0.27 -3.17 10.84
C ASN A 55 1.58 -3.32 10.08
N THR A 56 2.33 -4.37 10.41
CA THR A 56 3.60 -4.63 9.73
C THR A 56 3.34 -5.35 8.40
N VAL A 57 4.25 -5.17 7.46
CA VAL A 57 4.11 -5.81 6.15
C VAL A 57 4.06 -7.32 6.31
N SER A 58 4.94 -7.85 7.17
CA SER A 58 4.98 -9.28 7.41
C SER A 58 3.64 -9.79 7.90
N GLN A 59 3.02 -9.06 8.82
CA GLN A 59 1.73 -9.45 9.36
C GLN A 59 0.65 -9.42 8.28
N ILE A 60 0.64 -8.34 7.51
CA ILE A 60 -0.34 -8.20 6.43
C ILE A 60 -0.16 -9.31 5.41
N ALA A 61 1.10 -9.59 5.08
CA ALA A 61 1.42 -10.62 4.10
C ALA A 61 0.76 -11.95 4.46
N GLN A 62 0.72 -12.26 5.76
CA GLN A 62 0.10 -13.51 6.20
C GLN A 62 -1.38 -13.53 5.86
N ILE A 63 -2.10 -12.49 6.27
CA ILE A 63 -3.54 -12.43 6.01
C ILE A 63 -3.80 -12.29 4.51
N LEU A 64 -3.07 -11.39 3.86
CA LEU A 64 -3.24 -11.16 2.44
C LEU A 64 -2.75 -12.37 1.64
N GLY A 65 -1.67 -12.99 2.11
CA GLY A 65 -1.12 -14.15 1.42
C GLY A 65 -2.15 -15.27 1.32
N GLN A 66 -2.92 -15.47 2.38
CA GLN A 66 -3.94 -16.51 2.39
C GLN A 66 -5.05 -16.16 1.40
N THR A 67 -5.29 -14.88 1.19
CA THR A 67 -6.33 -14.45 0.26
C THR A 67 -6.01 -14.92 -1.15
N TYR A 68 -4.78 -14.68 -1.60
CA TYR A 68 -4.33 -15.09 -2.94
C TYR A 68 -3.63 -16.44 -2.88
N ASP A 69 -3.47 -16.98 -1.66
CA ASP A 69 -2.82 -18.27 -1.49
C ASP A 69 -1.43 -18.26 -2.15
N ALA A 70 -0.56 -17.39 -1.65
CA ALA A 70 0.81 -17.28 -2.19
C ALA A 70 1.81 -17.12 -1.06
N ASP A 71 3.08 -17.41 -1.34
CA ASP A 71 4.12 -17.32 -0.33
C ASP A 71 4.15 -15.90 0.30
N PRO A 72 3.82 -15.73 1.57
CA PRO A 72 3.83 -14.39 2.22
C PRO A 72 5.12 -13.60 1.95
N ALA A 73 6.24 -14.32 1.93
CA ALA A 73 7.55 -13.69 1.69
C ALA A 73 7.53 -12.81 0.44
N ILE A 74 6.85 -13.29 -0.60
CA ILE A 74 6.74 -12.54 -1.85
C ILE A 74 5.83 -11.33 -1.67
N ILE A 75 4.73 -11.54 -0.94
CA ILE A 75 3.75 -10.47 -0.74
C ILE A 75 4.38 -9.27 -0.05
N GLU A 76 5.12 -9.51 1.03
CA GLU A 76 5.76 -8.41 1.76
C GLU A 76 6.79 -7.73 0.86
N ALA A 77 7.57 -8.54 0.14
CA ALA A 77 8.59 -8.04 -0.76
C ALA A 77 7.96 -7.29 -1.93
N ASP A 78 6.68 -7.56 -2.19
CA ASP A 78 5.98 -6.90 -3.30
C ASP A 78 5.53 -5.49 -2.91
N ILE A 79 4.90 -5.36 -1.74
CA ILE A 79 4.41 -4.06 -1.26
C ILE A 79 5.54 -3.22 -0.69
N LEU A 80 6.51 -3.86 -0.06
CA LEU A 80 7.64 -3.14 0.53
C LEU A 80 8.20 -2.11 -0.48
N PRO A 81 8.65 -2.51 -1.64
CA PRO A 81 9.21 -1.56 -2.65
C PRO A 81 8.15 -0.54 -3.11
N MET A 82 6.87 -0.94 -3.08
CA MET A 82 5.79 -0.06 -3.50
C MET A 82 5.68 1.13 -2.54
N LEU A 83 5.85 0.88 -1.26
CA LEU A 83 5.76 1.94 -0.25
C LEU A 83 6.84 2.99 -0.48
N ALA A 84 8.03 2.53 -0.84
CA ALA A 84 9.12 3.45 -1.09
C ALA A 84 8.78 4.39 -2.25
N GLY A 85 8.11 3.85 -3.27
CA GLY A 85 7.72 4.65 -4.42
C GLY A 85 6.69 5.71 -4.03
N LEU A 86 5.75 5.34 -3.18
CA LEU A 86 4.72 6.26 -2.73
C LEU A 86 5.31 7.33 -1.81
N ALA A 87 6.29 6.92 -1.02
CA ALA A 87 6.95 7.85 -0.08
C ALA A 87 7.47 9.07 -0.82
N GLN A 88 7.92 8.87 -2.05
CA GLN A 88 8.46 9.96 -2.86
C GLN A 88 7.42 11.07 -2.98
N LYS A 89 6.14 10.69 -2.93
CA LYS A 89 5.03 11.65 -3.03
C LYS A 89 4.54 12.03 -1.63
N ARG A 90 5.05 11.34 -0.62
CA ARG A 90 4.66 11.61 0.76
C ARG A 90 3.15 11.46 0.93
N VAL A 91 2.61 10.33 0.49
CA VAL A 91 1.17 10.06 0.58
C VAL A 91 0.88 9.00 1.64
N LEU A 92 1.90 8.68 2.43
CA LEU A 92 1.78 7.67 3.48
C LEU A 92 2.49 8.13 4.76
N GLU A 93 2.45 7.29 5.79
CA GLU A 93 3.08 7.61 7.07
C GLU A 93 3.48 6.33 7.81
N ARG A 94 4.18 6.49 8.92
CA ARG A 94 4.62 5.34 9.71
C ARG A 94 5.24 5.80 11.02
N MET A 1 19.49 10.35 1.10
CA MET A 1 20.13 9.67 -0.05
C MET A 1 19.23 8.55 -0.55
N GLU A 2 18.96 7.58 0.32
CA GLU A 2 18.12 6.44 -0.05
C GLU A 2 16.64 6.87 -0.18
N PRO A 3 15.87 6.24 -1.06
CA PRO A 3 14.44 6.58 -1.25
C PRO A 3 13.58 6.13 -0.06
N THR A 4 14.10 6.35 1.15
CA THR A 4 13.38 5.96 2.36
C THR A 4 12.96 4.50 2.29
N ALA A 5 13.96 3.61 2.34
CA ALA A 5 13.69 2.18 2.28
C ALA A 5 13.07 1.70 3.59
N PHE A 6 11.78 1.39 3.55
CA PHE A 6 11.06 0.92 4.73
C PHE A 6 11.35 -0.54 4.98
N SER A 7 11.57 -0.90 6.25
CA SER A 7 11.86 -2.29 6.62
C SER A 7 10.58 -3.04 7.01
N GLY A 8 10.74 -4.26 7.48
CA GLY A 8 9.60 -5.08 7.89
C GLY A 8 8.90 -4.49 9.11
N SER A 9 9.68 -3.92 10.01
CA SER A 9 9.14 -3.32 11.24
C SER A 9 8.33 -2.08 10.92
N ASP A 10 8.52 -1.54 9.72
CA ASP A 10 7.80 -0.34 9.31
C ASP A 10 6.34 -0.68 9.12
N VAL A 11 5.46 0.30 9.35
CA VAL A 11 4.00 0.09 9.20
C VAL A 11 3.38 1.21 8.35
N PRO A 12 2.60 0.88 7.33
CA PRO A 12 1.95 1.93 6.47
C PRO A 12 0.74 2.54 7.17
N ARG A 13 0.43 3.80 6.83
CA ARG A 13 -0.71 4.50 7.42
C ARG A 13 -1.13 5.64 6.49
N LEU A 14 -2.38 5.60 6.06
CA LEU A 14 -2.88 6.64 5.15
C LEU A 14 -3.02 7.98 5.89
N PRO A 15 -2.37 9.05 5.44
CA PRO A 15 -2.46 10.38 6.11
C PRO A 15 -3.80 11.07 5.82
N ARG A 16 -4.17 11.99 6.69
CA ARG A 16 -5.41 12.73 6.54
C ARG A 16 -5.41 13.50 5.22
N GLY A 17 -6.60 13.74 4.68
CA GLY A 17 -6.74 14.46 3.43
C GLY A 17 -6.63 13.53 2.24
N VAL A 18 -6.67 12.22 2.49
CA VAL A 18 -6.56 11.20 1.44
C VAL A 18 -7.72 10.21 1.56
N ARG A 19 -8.35 9.91 0.43
CA ARG A 19 -9.48 8.97 0.39
C ARG A 19 -9.31 8.01 -0.77
N LEU A 20 -9.92 6.83 -0.62
CA LEU A 20 -9.84 5.78 -1.65
C LEU A 20 -11.10 5.82 -2.52
N ARG A 21 -10.91 5.62 -3.82
CA ARG A 21 -12.03 5.62 -4.76
C ARG A 21 -11.84 4.53 -5.80
N PHE A 22 -12.95 3.93 -6.22
CA PHE A 22 -12.90 2.86 -7.23
C PHE A 22 -13.17 3.43 -8.60
N ASP A 23 -12.17 3.37 -9.47
CA ASP A 23 -12.29 3.88 -10.83
C ASP A 23 -12.79 2.76 -11.76
N GLU A 24 -14.08 2.78 -12.04
CA GLU A 24 -14.68 1.76 -12.92
C GLU A 24 -14.11 1.91 -14.33
N VAL A 25 -13.83 3.14 -14.72
CA VAL A 25 -13.28 3.42 -16.04
C VAL A 25 -11.93 2.73 -16.19
N ARG A 26 -11.12 2.79 -15.13
CA ARG A 26 -9.78 2.17 -15.15
C ARG A 26 -9.87 0.71 -14.72
N ASN A 27 -10.96 0.36 -14.03
CA ASN A 27 -11.18 -1.01 -13.56
C ASN A 27 -10.23 -1.34 -12.41
N LYS A 28 -9.69 -0.31 -11.78
CA LYS A 28 -8.76 -0.48 -10.65
C LYS A 28 -8.97 0.64 -9.62
N HIS A 29 -8.33 0.49 -8.46
CA HIS A 29 -8.45 1.48 -7.40
C HIS A 29 -7.39 2.55 -7.60
N VAL A 30 -7.64 3.73 -7.05
CA VAL A 30 -6.71 4.85 -7.16
C VAL A 30 -6.65 5.61 -5.85
N LEU A 31 -5.56 6.34 -5.65
CA LEU A 31 -5.38 7.12 -4.42
C LEU A 31 -5.66 8.59 -4.71
N LEU A 32 -6.78 9.09 -4.22
CA LEU A 32 -7.12 10.50 -4.42
C LEU A 32 -6.30 11.36 -3.48
N ALA A 33 -5.16 11.87 -3.96
CA ALA A 33 -4.29 12.71 -3.13
C ALA A 33 -4.59 14.21 -3.40
N PRO A 34 -4.46 15.07 -2.41
CA PRO A 34 -4.70 16.54 -2.60
C PRO A 34 -4.06 17.06 -3.89
N GLU A 35 -2.92 16.49 -4.26
CA GLU A 35 -2.20 16.92 -5.45
C GLU A 35 -2.93 16.48 -6.71
N ARG A 36 -3.31 15.20 -6.76
CA ARG A 36 -4.01 14.67 -7.92
C ARG A 36 -4.50 13.23 -7.64
N THR A 37 -4.09 12.28 -8.48
CA THR A 37 -4.49 10.89 -8.32
C THR A 37 -3.56 9.99 -9.12
N PHE A 38 -2.96 9.02 -8.44
CA PHE A 38 -2.03 8.08 -9.09
C PHE A 38 -2.71 6.75 -9.37
N ASP A 39 -2.47 6.21 -10.55
CA ASP A 39 -3.06 4.94 -10.94
C ASP A 39 -2.41 3.79 -10.18
N LEU A 40 -3.21 3.05 -9.42
CA LEU A 40 -2.70 1.91 -8.63
C LEU A 40 -3.60 0.71 -8.83
N ASP A 41 -3.05 -0.48 -8.55
CA ASP A 41 -3.80 -1.72 -8.72
C ASP A 41 -4.67 -1.97 -7.49
N ASP A 42 -5.68 -2.81 -7.66
CA ASP A 42 -6.59 -3.13 -6.57
C ASP A 42 -5.83 -3.76 -5.41
N ASN A 43 -4.92 -4.66 -5.73
CA ASN A 43 -4.13 -5.34 -4.70
C ASN A 43 -3.21 -4.35 -3.99
N ALA A 44 -2.81 -3.30 -4.70
CA ALA A 44 -1.93 -2.29 -4.13
C ALA A 44 -2.67 -1.43 -3.12
N VAL A 45 -3.90 -1.03 -3.47
CA VAL A 45 -4.72 -0.20 -2.58
C VAL A 45 -5.37 -1.05 -1.50
N ALA A 46 -5.72 -2.28 -1.85
CA ALA A 46 -6.36 -3.18 -0.89
C ALA A 46 -5.52 -3.29 0.37
N VAL A 47 -4.21 -3.40 0.21
CA VAL A 47 -3.30 -3.52 1.35
C VAL A 47 -3.42 -2.29 2.24
N LEU A 48 -3.43 -1.11 1.62
CA LEU A 48 -3.52 0.14 2.36
C LEU A 48 -4.91 0.31 2.95
N LYS A 49 -5.88 -0.39 2.37
CA LYS A 49 -7.26 -0.33 2.85
C LYS A 49 -7.53 -1.42 3.88
N LEU A 50 -6.82 -2.54 3.76
CA LEU A 50 -7.01 -3.66 4.68
C LEU A 50 -6.49 -3.32 6.07
N VAL A 51 -5.43 -2.51 6.11
CA VAL A 51 -4.84 -2.11 7.38
C VAL A 51 -5.75 -1.13 8.12
N ASP A 52 -6.16 -1.51 9.32
CA ASP A 52 -7.03 -0.65 10.12
C ASP A 52 -6.25 0.55 10.65
N GLY A 53 -5.03 0.29 11.15
CA GLY A 53 -4.16 1.34 11.69
C GLY A 53 -2.70 1.06 11.33
N ARG A 54 -1.97 0.46 12.28
CA ARG A 54 -0.56 0.12 12.05
C ARG A 54 -0.38 -1.39 12.06
N ASN A 55 -0.22 -1.97 10.86
CA ASN A 55 -0.01 -3.40 10.70
C ASN A 55 1.36 -3.67 10.08
N THR A 56 1.99 -4.76 10.47
CA THR A 56 3.30 -5.11 9.92
C THR A 56 3.12 -5.79 8.56
N VAL A 57 3.96 -5.41 7.61
CA VAL A 57 3.87 -5.99 6.28
C VAL A 57 3.97 -7.51 6.35
N SER A 58 4.85 -8.00 7.22
CA SER A 58 5.02 -9.43 7.39
C SER A 58 3.70 -10.09 7.78
N GLN A 59 2.98 -9.46 8.71
CA GLN A 59 1.71 -9.99 9.16
C GLN A 59 0.67 -9.97 8.04
N ILE A 60 0.61 -8.86 7.31
CA ILE A 60 -0.34 -8.73 6.22
C ILE A 60 -0.08 -9.80 5.16
N ALA A 61 1.19 -10.00 4.85
CA ALA A 61 1.57 -10.98 3.84
C ALA A 61 0.90 -12.32 4.11
N GLN A 62 0.78 -12.67 5.38
CA GLN A 62 0.15 -13.93 5.75
C GLN A 62 -1.31 -13.94 5.33
N ILE A 63 -2.03 -12.89 5.68
CA ILE A 63 -3.45 -12.81 5.34
C ILE A 63 -3.63 -12.72 3.83
N LEU A 64 -2.88 -11.82 3.19
CA LEU A 64 -2.97 -11.64 1.75
C LEU A 64 -2.41 -12.86 1.03
N GLY A 65 -1.35 -13.43 1.60
CA GLY A 65 -0.71 -14.60 0.98
C GLY A 65 -1.73 -15.71 0.74
N GLN A 66 -2.64 -15.90 1.68
CA GLN A 66 -3.65 -16.94 1.55
C GLN A 66 -4.59 -16.63 0.38
N THR A 67 -4.81 -15.34 0.12
CA THR A 67 -5.69 -14.94 -0.97
C THR A 67 -5.14 -15.43 -2.30
N TYR A 68 -3.86 -15.18 -2.54
CA TYR A 68 -3.20 -15.59 -3.78
C TYR A 68 -2.54 -16.96 -3.60
N ASP A 69 -2.62 -17.49 -2.39
CA ASP A 69 -2.04 -18.80 -2.10
C ASP A 69 -0.58 -18.85 -2.55
N ALA A 70 0.25 -18.01 -1.96
CA ALA A 70 1.68 -17.96 -2.32
C ALA A 70 2.53 -17.66 -1.09
N ASP A 71 3.83 -17.91 -1.20
CA ASP A 71 4.72 -17.68 -0.07
C ASP A 71 4.60 -16.21 0.41
N PRO A 72 4.11 -15.95 1.61
CA PRO A 72 3.96 -14.56 2.12
C PRO A 72 5.25 -13.74 1.96
N ALA A 73 6.39 -14.38 2.14
CA ALA A 73 7.67 -13.68 2.03
C ALA A 73 7.76 -12.92 0.71
N ILE A 74 7.24 -13.52 -0.36
CA ILE A 74 7.28 -12.89 -1.68
C ILE A 74 6.41 -11.64 -1.70
N ILE A 75 5.23 -11.73 -1.10
CA ILE A 75 4.30 -10.61 -1.09
C ILE A 75 4.99 -9.37 -0.53
N GLU A 76 5.91 -9.57 0.41
CA GLU A 76 6.62 -8.45 1.00
C GLU A 76 7.40 -7.69 -0.07
N ALA A 77 8.30 -8.40 -0.74
CA ALA A 77 9.13 -7.79 -1.77
C ALA A 77 8.27 -7.12 -2.84
N ASP A 78 7.00 -7.51 -2.93
CA ASP A 78 6.10 -6.93 -3.92
C ASP A 78 5.58 -5.56 -3.46
N ILE A 79 5.01 -5.51 -2.25
CA ILE A 79 4.47 -4.25 -1.70
C ILE A 79 5.57 -3.37 -1.12
N LEU A 80 6.63 -4.00 -0.63
CA LEU A 80 7.75 -3.26 -0.04
C LEU A 80 8.17 -2.11 -0.98
N PRO A 81 8.56 -2.39 -2.21
CA PRO A 81 8.97 -1.31 -3.17
C PRO A 81 7.80 -0.37 -3.46
N MET A 82 6.58 -0.90 -3.40
CA MET A 82 5.40 -0.09 -3.66
C MET A 82 5.25 0.98 -2.59
N LEU A 83 5.52 0.61 -1.35
CA LEU A 83 5.41 1.56 -0.24
C LEU A 83 6.42 2.70 -0.41
N ALA A 84 7.62 2.36 -0.84
CA ALA A 84 8.65 3.37 -1.06
C ALA A 84 8.25 4.34 -2.17
N GLY A 85 7.61 3.79 -3.20
CA GLY A 85 7.17 4.62 -4.33
C GLY A 85 6.15 5.65 -3.89
N LEU A 86 5.28 5.25 -2.98
CA LEU A 86 4.24 6.16 -2.47
C LEU A 86 4.87 7.29 -1.66
N ALA A 87 5.89 6.95 -0.88
CA ALA A 87 6.56 7.95 -0.05
C ALA A 87 7.02 9.13 -0.91
N GLN A 88 7.50 8.82 -2.11
CA GLN A 88 7.97 9.85 -3.02
C GLN A 88 6.83 10.78 -3.44
N LYS A 89 5.59 10.31 -3.28
CA LYS A 89 4.41 11.11 -3.66
C LYS A 89 3.91 11.90 -2.47
N ARG A 90 4.54 11.71 -1.32
CA ARG A 90 4.16 12.41 -0.10
C ARG A 90 2.72 12.06 0.29
N VAL A 91 2.46 10.78 0.48
CA VAL A 91 1.11 10.32 0.85
C VAL A 91 1.19 9.20 1.87
N LEU A 92 2.41 8.91 2.35
CA LEU A 92 2.64 7.85 3.35
C LEU A 92 3.03 8.47 4.68
N GLU A 93 2.61 7.80 5.75
CA GLU A 93 2.89 8.26 7.10
C GLU A 93 3.06 7.08 8.05
N ARG A 94 3.66 7.34 9.21
CA ARG A 94 3.90 6.31 10.20
C ARG A 94 4.38 6.93 11.51
N MET A 1 12.71 12.47 4.51
CA MET A 1 14.20 12.49 4.42
C MET A 1 14.68 11.17 3.86
N GLU A 2 14.79 11.08 2.54
CA GLU A 2 15.25 9.86 1.88
C GLU A 2 14.48 8.64 2.40
N PRO A 3 13.17 8.62 2.19
CA PRO A 3 12.32 7.47 2.65
C PRO A 3 12.47 6.25 1.76
N THR A 4 13.47 6.28 0.88
CA THR A 4 13.71 5.16 -0.03
C THR A 4 14.38 4.01 0.71
N ALA A 5 13.60 3.35 1.57
CA ALA A 5 14.12 2.22 2.33
C ALA A 5 12.98 1.41 2.95
N PHE A 6 12.50 1.86 4.11
CA PHE A 6 11.41 1.18 4.81
C PHE A 6 11.78 -0.29 5.04
N SER A 7 12.00 -0.64 6.31
CA SER A 7 12.35 -2.01 6.68
C SER A 7 11.09 -2.83 6.92
N GLY A 8 11.27 -4.08 7.30
CA GLY A 8 10.13 -4.97 7.55
C GLY A 8 9.27 -4.46 8.70
N SER A 9 9.90 -3.83 9.68
CA SER A 9 9.19 -3.31 10.84
C SER A 9 8.35 -2.08 10.47
N ASP A 10 8.46 -1.65 9.21
CA ASP A 10 7.70 -0.49 8.76
C ASP A 10 6.21 -0.81 8.75
N VAL A 11 5.37 0.20 9.01
CA VAL A 11 3.91 0.03 9.03
C VAL A 11 3.24 1.12 8.19
N PRO A 12 2.49 0.81 7.14
CA PRO A 12 1.83 1.86 6.33
C PRO A 12 0.59 2.45 7.01
N ARG A 13 0.35 3.72 6.75
CA ARG A 13 -0.79 4.42 7.33
C ARG A 13 -1.20 5.58 6.43
N LEU A 14 -2.44 5.57 5.97
CA LEU A 14 -2.94 6.62 5.08
C LEU A 14 -3.09 7.95 5.84
N PRO A 15 -2.43 9.03 5.43
CA PRO A 15 -2.55 10.34 6.14
C PRO A 15 -3.87 11.04 5.84
N ARG A 16 -4.25 11.97 6.71
CA ARG A 16 -5.49 12.71 6.53
C ARG A 16 -5.51 13.43 5.18
N GLY A 17 -6.71 13.67 4.67
CA GLY A 17 -6.87 14.34 3.39
C GLY A 17 -6.66 13.38 2.23
N VAL A 18 -6.71 12.07 2.53
CA VAL A 18 -6.52 11.03 1.51
C VAL A 18 -7.60 9.96 1.66
N ARG A 19 -8.22 9.59 0.53
CA ARG A 19 -9.26 8.57 0.53
C ARG A 19 -9.05 7.60 -0.62
N LEU A 20 -9.59 6.39 -0.48
CA LEU A 20 -9.45 5.36 -1.51
C LEU A 20 -10.68 5.36 -2.41
N ARG A 21 -10.55 5.96 -3.59
CA ARG A 21 -11.65 6.02 -4.55
C ARG A 21 -11.57 4.83 -5.51
N PHE A 22 -12.73 4.25 -5.83
CA PHE A 22 -12.81 3.10 -6.74
C PHE A 22 -13.33 3.55 -8.11
N ASP A 23 -12.51 3.39 -9.14
CA ASP A 23 -12.89 3.79 -10.50
C ASP A 23 -13.59 2.62 -11.20
N GLU A 24 -14.91 2.66 -11.24
CA GLU A 24 -15.69 1.61 -11.87
C GLU A 24 -15.39 1.56 -13.37
N VAL A 25 -15.21 2.72 -13.97
CA VAL A 25 -14.93 2.79 -15.40
C VAL A 25 -13.60 2.10 -15.73
N ARG A 26 -12.58 2.34 -14.91
CA ARG A 26 -11.27 1.72 -15.10
C ARG A 26 -11.18 0.39 -14.36
N ASN A 27 -12.20 0.10 -13.55
CA ASN A 27 -12.24 -1.14 -12.79
C ASN A 27 -10.98 -1.31 -11.94
N LYS A 28 -10.47 -0.20 -11.40
CA LYS A 28 -9.26 -0.23 -10.56
C LYS A 28 -9.37 0.82 -9.46
N HIS A 29 -8.61 0.63 -8.38
CA HIS A 29 -8.62 1.57 -7.26
C HIS A 29 -7.51 2.59 -7.44
N VAL A 30 -7.74 3.80 -6.93
CA VAL A 30 -6.76 4.88 -7.02
C VAL A 30 -6.67 5.62 -5.69
N LEU A 31 -5.54 6.28 -5.47
CA LEU A 31 -5.32 7.03 -4.23
C LEU A 31 -5.51 8.53 -4.48
N LEU A 32 -6.44 9.13 -3.76
CA LEU A 32 -6.71 10.56 -3.90
C LEU A 32 -5.62 11.35 -3.19
N ALA A 33 -4.65 11.84 -3.94
CA ALA A 33 -3.54 12.60 -3.36
C ALA A 33 -3.82 14.12 -3.47
N PRO A 34 -3.41 14.93 -2.50
CA PRO A 34 -3.65 16.40 -2.58
C PRO A 34 -3.29 16.99 -3.95
N GLU A 35 -2.21 16.47 -4.55
CA GLU A 35 -1.76 16.96 -5.84
C GLU A 35 -2.72 16.55 -6.96
N ARG A 36 -3.17 15.29 -6.91
CA ARG A 36 -4.09 14.78 -7.91
C ARG A 36 -4.56 13.36 -7.55
N THR A 37 -4.27 12.39 -8.43
CA THR A 37 -4.64 11.01 -8.21
C THR A 37 -3.70 10.11 -9.01
N PHE A 38 -3.11 9.12 -8.33
CA PHE A 38 -2.17 8.19 -8.95
C PHE A 38 -2.87 6.87 -9.28
N ASP A 39 -2.66 6.39 -10.50
CA ASP A 39 -3.26 5.13 -10.93
C ASP A 39 -2.60 3.96 -10.23
N LEU A 40 -3.40 3.18 -9.48
CA LEU A 40 -2.90 2.02 -8.74
C LEU A 40 -3.81 0.82 -8.95
N ASP A 41 -3.28 -0.37 -8.71
CA ASP A 41 -4.04 -1.61 -8.88
C ASP A 41 -4.85 -1.91 -7.62
N ASP A 42 -5.94 -2.66 -7.80
CA ASP A 42 -6.80 -3.02 -6.67
C ASP A 42 -5.99 -3.76 -5.61
N ASN A 43 -5.11 -4.65 -6.06
CA ASN A 43 -4.29 -5.42 -5.15
C ASN A 43 -3.36 -4.51 -4.35
N ALA A 44 -2.81 -3.49 -5.01
CA ALA A 44 -1.90 -2.56 -4.36
C ALA A 44 -2.63 -1.70 -3.33
N VAL A 45 -3.84 -1.26 -3.66
CA VAL A 45 -4.63 -0.41 -2.75
C VAL A 45 -5.29 -1.27 -1.67
N ALA A 46 -5.60 -2.51 -2.01
CA ALA A 46 -6.25 -3.41 -1.07
C ALA A 46 -5.42 -3.52 0.21
N VAL A 47 -4.11 -3.48 0.06
CA VAL A 47 -3.20 -3.58 1.20
C VAL A 47 -3.43 -2.42 2.16
N LEU A 48 -3.53 -1.21 1.61
CA LEU A 48 -3.72 -0.01 2.43
C LEU A 48 -5.17 0.06 2.93
N LYS A 49 -6.05 -0.69 2.29
CA LYS A 49 -7.47 -0.71 2.69
C LYS A 49 -7.72 -1.82 3.70
N LEU A 50 -7.00 -2.93 3.57
CA LEU A 50 -7.15 -4.07 4.48
C LEU A 50 -6.62 -3.74 5.87
N VAL A 51 -5.58 -2.90 5.93
CA VAL A 51 -4.99 -2.53 7.20
C VAL A 51 -5.90 -1.56 7.96
N ASP A 52 -6.23 -1.90 9.20
CA ASP A 52 -7.09 -1.05 10.03
C ASP A 52 -6.34 0.22 10.46
N GLY A 53 -5.10 0.04 10.90
CA GLY A 53 -4.26 1.17 11.35
C GLY A 53 -2.81 0.94 10.94
N ARG A 54 -1.96 0.53 11.89
CA ARG A 54 -0.55 0.26 11.61
C ARG A 54 -0.24 -1.22 11.79
N ASN A 55 -0.09 -1.94 10.68
CA ASN A 55 0.22 -3.37 10.71
C ASN A 55 1.58 -3.64 10.06
N THR A 56 2.27 -4.67 10.53
CA THR A 56 3.57 -5.03 9.98
C THR A 56 3.37 -5.81 8.68
N VAL A 57 4.24 -5.54 7.70
CA VAL A 57 4.14 -6.21 6.41
C VAL A 57 4.14 -7.73 6.61
N SER A 58 4.94 -8.21 7.54
CA SER A 58 5.01 -9.64 7.82
C SER A 58 3.63 -10.19 8.18
N GLN A 59 2.91 -9.46 9.04
CA GLN A 59 1.58 -9.90 9.46
C GLN A 59 0.62 -9.90 8.28
N ILE A 60 0.62 -8.81 7.52
CA ILE A 60 -0.26 -8.70 6.36
C ILE A 60 0.05 -9.81 5.37
N ALA A 61 1.34 -10.05 5.17
CA ALA A 61 1.78 -11.07 4.22
C ALA A 61 1.13 -12.42 4.53
N GLN A 62 1.05 -12.76 5.81
CA GLN A 62 0.45 -14.03 6.20
C GLN A 62 -1.03 -14.09 5.82
N ILE A 63 -1.79 -13.09 6.26
CA ILE A 63 -3.22 -13.06 5.97
C ILE A 63 -3.49 -12.86 4.47
N LEU A 64 -2.82 -11.88 3.88
CA LEU A 64 -3.00 -11.58 2.46
C LEU A 64 -2.40 -12.69 1.59
N GLY A 65 -1.27 -13.24 2.02
CA GLY A 65 -0.62 -14.30 1.26
C GLY A 65 -1.59 -15.47 1.01
N GLN A 66 -2.35 -15.82 2.05
CA GLN A 66 -3.32 -16.92 1.94
C GLN A 66 -4.43 -16.56 0.96
N THR A 67 -4.74 -15.26 0.86
CA THR A 67 -5.80 -14.81 -0.04
C THR A 67 -5.45 -15.15 -1.49
N TYR A 68 -4.20 -14.86 -1.88
CA TYR A 68 -3.74 -15.14 -3.24
C TYR A 68 -3.13 -16.54 -3.32
N ASP A 69 -3.17 -17.26 -2.21
CA ASP A 69 -2.64 -18.62 -2.18
C ASP A 69 -1.18 -18.64 -2.66
N ALA A 70 -0.36 -17.76 -2.10
CA ALA A 70 1.06 -17.67 -2.47
C ALA A 70 1.92 -17.41 -1.22
N ASP A 71 3.21 -17.66 -1.35
CA ASP A 71 4.13 -17.47 -0.23
C ASP A 71 4.04 -16.02 0.29
N PRO A 72 4.15 -15.80 1.60
CA PRO A 72 4.06 -14.42 2.19
C PRO A 72 5.28 -13.57 1.84
N ALA A 73 6.44 -14.21 1.69
CA ALA A 73 7.66 -13.48 1.37
C ALA A 73 7.46 -12.61 0.13
N ILE A 74 6.64 -13.11 -0.80
CA ILE A 74 6.37 -12.40 -2.04
C ILE A 74 5.56 -11.13 -1.78
N ILE A 75 4.53 -11.25 -0.94
CA ILE A 75 3.66 -10.10 -0.66
C ILE A 75 4.45 -8.95 -0.01
N GLU A 76 5.20 -9.27 1.04
CA GLU A 76 5.96 -8.24 1.72
C GLU A 76 6.97 -7.60 0.79
N ALA A 77 7.68 -8.44 0.04
CA ALA A 77 8.67 -7.96 -0.91
C ALA A 77 8.03 -7.16 -2.03
N ASP A 78 6.74 -7.41 -2.29
CA ASP A 78 6.02 -6.72 -3.37
C ASP A 78 5.61 -5.31 -2.93
N ILE A 79 4.99 -5.22 -1.75
CA ILE A 79 4.53 -3.92 -1.24
C ILE A 79 5.71 -3.08 -0.72
N LEU A 80 6.68 -3.72 -0.05
CA LEU A 80 7.85 -3.01 0.49
C LEU A 80 8.37 -1.95 -0.52
N PRO A 81 8.78 -2.33 -1.71
CA PRO A 81 9.29 -1.35 -2.72
C PRO A 81 8.19 -0.36 -3.13
N MET A 82 6.95 -0.80 -3.09
CA MET A 82 5.82 0.06 -3.47
C MET A 82 5.66 1.21 -2.48
N LEU A 83 5.83 0.90 -1.19
CA LEU A 83 5.69 1.92 -0.16
C LEU A 83 6.72 3.01 -0.34
N ALA A 84 7.95 2.61 -0.67
CA ALA A 84 9.01 3.59 -0.88
C ALA A 84 8.64 4.52 -2.03
N GLY A 85 8.02 3.95 -3.06
CA GLY A 85 7.60 4.72 -4.23
C GLY A 85 6.52 5.74 -3.86
N LEU A 86 5.59 5.32 -3.01
CA LEU A 86 4.51 6.20 -2.59
C LEU A 86 5.05 7.34 -1.74
N ALA A 87 6.03 7.05 -0.90
CA ALA A 87 6.62 8.07 -0.04
C ALA A 87 7.08 9.28 -0.86
N GLN A 88 7.58 9.01 -2.06
CA GLN A 88 8.05 10.07 -2.94
C GLN A 88 6.91 11.02 -3.30
N LYS A 89 5.68 10.53 -3.17
CA LYS A 89 4.49 11.33 -3.49
C LYS A 89 3.98 12.03 -2.24
N ARG A 90 4.60 11.73 -1.11
CA ARG A 90 4.23 12.34 0.18
C ARG A 90 2.81 11.91 0.58
N VAL A 91 2.35 10.78 0.04
CA VAL A 91 1.00 10.28 0.34
C VAL A 91 1.06 9.23 1.46
N LEU A 92 2.27 8.73 1.73
CA LEU A 92 2.48 7.73 2.79
C LEU A 92 3.05 8.39 4.03
N GLU A 93 2.70 7.83 5.18
CA GLU A 93 3.15 8.37 6.46
C GLU A 93 3.44 7.22 7.42
N ARG A 94 4.42 7.43 8.29
CA ARG A 94 4.80 6.41 9.25
C ARG A 94 5.83 6.97 10.23
N MET A 1 15.24 -6.67 -2.23
CA MET A 1 14.42 -5.53 -1.74
C MET A 1 15.35 -4.41 -1.28
N GLU A 2 14.84 -3.19 -1.32
CA GLU A 2 15.63 -2.04 -0.90
C GLU A 2 14.74 -0.78 -0.81
N PRO A 3 13.88 -0.71 0.17
CA PRO A 3 12.96 0.47 0.36
C PRO A 3 13.75 1.77 0.55
N THR A 4 13.10 2.88 0.22
CA THR A 4 13.73 4.20 0.34
C THR A 4 13.76 4.63 1.80
N ALA A 5 12.78 4.14 2.58
CA ALA A 5 12.70 4.48 4.00
C ALA A 5 11.82 3.50 4.76
N PHE A 6 10.81 2.95 4.09
CA PHE A 6 9.89 2.00 4.72
C PHE A 6 10.50 0.60 4.76
N SER A 7 10.95 0.21 5.96
CA SER A 7 11.56 -1.11 6.15
C SER A 7 10.50 -2.13 6.58
N GLY A 8 10.94 -3.33 6.93
CA GLY A 8 10.02 -4.38 7.36
C GLY A 8 9.36 -4.02 8.68
N SER A 9 10.15 -3.49 9.61
CA SER A 9 9.63 -3.11 10.92
C SER A 9 8.74 -1.88 10.82
N ASP A 10 8.92 -1.11 9.74
CA ASP A 10 8.13 0.11 9.55
C ASP A 10 6.69 -0.29 9.23
N VAL A 11 5.74 0.61 9.53
CA VAL A 11 4.32 0.36 9.30
C VAL A 11 3.67 1.51 8.50
N PRO A 12 2.96 1.25 7.41
CA PRO A 12 2.31 2.34 6.62
C PRO A 12 1.01 2.80 7.26
N ARG A 13 0.64 4.06 7.00
CA ARG A 13 -0.59 4.64 7.53
C ARG A 13 -1.06 5.77 6.62
N LEU A 14 -2.33 5.70 6.21
CA LEU A 14 -2.90 6.71 5.32
C LEU A 14 -3.06 8.07 6.03
N PRO A 15 -2.42 9.14 5.57
CA PRO A 15 -2.55 10.48 6.22
C PRO A 15 -3.88 11.16 5.89
N ARG A 16 -4.27 12.13 6.71
CA ARG A 16 -5.50 12.86 6.49
C ARG A 16 -5.48 13.51 5.11
N GLY A 17 -6.67 13.71 4.54
CA GLY A 17 -6.79 14.32 3.22
C GLY A 17 -6.57 13.31 2.11
N VAL A 18 -6.60 12.02 2.47
CA VAL A 18 -6.39 10.93 1.50
C VAL A 18 -7.47 9.87 1.68
N ARG A 19 -8.09 9.47 0.57
CA ARG A 19 -9.15 8.45 0.60
C ARG A 19 -8.98 7.48 -0.56
N LEU A 20 -9.56 6.30 -0.43
CA LEU A 20 -9.46 5.28 -1.49
C LEU A 20 -10.66 5.37 -2.41
N ARG A 21 -10.49 6.05 -3.54
CA ARG A 21 -11.57 6.20 -4.51
C ARG A 21 -11.51 5.06 -5.54
N PHE A 22 -12.69 4.59 -5.95
CA PHE A 22 -12.78 3.51 -6.94
C PHE A 22 -13.14 4.08 -8.30
N ASP A 23 -12.26 3.88 -9.28
CA ASP A 23 -12.49 4.37 -10.64
C ASP A 23 -13.30 3.35 -11.43
N GLU A 24 -14.60 3.56 -11.47
CA GLU A 24 -15.49 2.64 -12.20
C GLU A 24 -15.14 2.63 -13.68
N VAL A 25 -14.75 3.78 -14.19
CA VAL A 25 -14.40 3.90 -15.61
C VAL A 25 -13.24 2.97 -15.96
N ARG A 26 -12.22 2.98 -15.13
CA ARG A 26 -11.05 2.16 -15.34
C ARG A 26 -11.16 0.85 -14.55
N ASN A 27 -12.20 0.75 -13.72
CA ASN A 27 -12.41 -0.45 -12.91
C ASN A 27 -11.19 -0.77 -12.05
N LYS A 28 -10.62 0.26 -11.42
CA LYS A 28 -9.44 0.06 -10.54
C LYS A 28 -9.50 1.04 -9.36
N HIS A 29 -8.74 0.72 -8.31
CA HIS A 29 -8.68 1.59 -7.13
C HIS A 29 -7.48 2.51 -7.27
N VAL A 30 -7.65 3.75 -6.79
CA VAL A 30 -6.59 4.75 -6.87
C VAL A 30 -6.50 5.51 -5.55
N LEU A 31 -5.35 6.14 -5.31
CA LEU A 31 -5.14 6.90 -4.08
C LEU A 31 -5.26 8.39 -4.38
N LEU A 32 -6.17 9.06 -3.67
CA LEU A 32 -6.35 10.51 -3.86
C LEU A 32 -5.24 11.24 -3.13
N ALA A 33 -4.21 11.67 -3.86
CA ALA A 33 -3.08 12.39 -3.24
C ALA A 33 -3.28 13.90 -3.39
N PRO A 34 -2.85 14.73 -2.45
CA PRO A 34 -3.01 16.21 -2.57
C PRO A 34 -2.56 16.74 -3.94
N GLU A 35 -1.48 16.18 -4.48
CA GLU A 35 -0.95 16.64 -5.75
C GLU A 35 -1.83 16.18 -6.92
N ARG A 36 -2.11 14.89 -6.97
CA ARG A 36 -2.95 14.33 -8.05
C ARG A 36 -3.20 12.85 -7.81
N THR A 37 -4.34 12.36 -8.31
CA THR A 37 -4.68 10.95 -8.17
C THR A 37 -3.74 10.09 -9.01
N PHE A 38 -3.23 9.01 -8.40
CA PHE A 38 -2.29 8.10 -9.08
C PHE A 38 -3.00 6.78 -9.42
N ASP A 39 -2.74 6.28 -10.64
CA ASP A 39 -3.34 5.03 -11.08
C ASP A 39 -2.70 3.85 -10.36
N LEU A 40 -3.51 3.09 -9.62
CA LEU A 40 -3.02 1.94 -8.86
C LEU A 40 -3.95 0.75 -9.06
N ASP A 41 -3.42 -0.46 -8.85
CA ASP A 41 -4.22 -1.68 -9.02
C ASP A 41 -5.01 -1.98 -7.76
N ASP A 42 -6.03 -2.80 -7.90
CA ASP A 42 -6.87 -3.17 -6.76
C ASP A 42 -6.03 -3.87 -5.69
N ASN A 43 -5.18 -4.79 -6.13
CA ASN A 43 -4.34 -5.53 -5.21
C ASN A 43 -3.37 -4.60 -4.49
N ALA A 44 -2.89 -3.58 -5.21
CA ALA A 44 -1.95 -2.63 -4.64
C ALA A 44 -2.61 -1.76 -3.57
N VAL A 45 -3.82 -1.27 -3.87
CA VAL A 45 -4.54 -0.42 -2.92
C VAL A 45 -5.18 -1.28 -1.83
N ALA A 46 -5.45 -2.53 -2.16
CA ALA A 46 -6.07 -3.44 -1.20
C ALA A 46 -5.22 -3.53 0.07
N VAL A 47 -3.92 -3.39 -0.10
CA VAL A 47 -2.99 -3.46 1.02
C VAL A 47 -3.29 -2.37 2.05
N LEU A 48 -3.48 -1.15 1.55
CA LEU A 48 -3.75 0.00 2.42
C LEU A 48 -5.19 -0.04 2.91
N LYS A 49 -6.05 -0.78 2.21
CA LYS A 49 -7.46 -0.90 2.59
C LYS A 49 -7.65 -2.05 3.59
N LEU A 50 -6.86 -3.11 3.44
CA LEU A 50 -6.97 -4.26 4.33
C LEU A 50 -6.47 -3.93 5.73
N VAL A 51 -5.47 -3.04 5.81
CA VAL A 51 -4.91 -2.65 7.10
C VAL A 51 -5.85 -1.67 7.82
N ASP A 52 -6.23 -2.02 9.04
CA ASP A 52 -7.12 -1.17 9.84
C ASP A 52 -6.38 0.09 10.28
N GLY A 53 -5.16 -0.08 10.78
CA GLY A 53 -4.34 1.05 11.25
C GLY A 53 -2.88 0.86 10.82
N ARG A 54 -2.03 0.43 11.76
CA ARG A 54 -0.62 0.19 11.48
C ARG A 54 -0.27 -1.29 11.62
N ASN A 55 -0.11 -1.97 10.48
CA ASN A 55 0.26 -3.39 10.46
C ASN A 55 1.62 -3.56 9.79
N THR A 56 2.38 -4.55 10.25
CA THR A 56 3.70 -4.81 9.65
C THR A 56 3.52 -5.59 8.36
N VAL A 57 4.44 -5.40 7.42
CA VAL A 57 4.34 -6.09 6.14
C VAL A 57 4.21 -7.60 6.36
N SER A 58 4.96 -8.12 7.33
CA SER A 58 4.91 -9.54 7.62
C SER A 58 3.50 -9.97 8.00
N GLN A 59 2.85 -9.18 8.87
CA GLN A 59 1.49 -9.51 9.31
C GLN A 59 0.51 -9.46 8.15
N ILE A 60 0.58 -8.39 7.36
CA ILE A 60 -0.31 -8.23 6.23
C ILE A 60 -0.09 -9.37 5.23
N ALA A 61 1.17 -9.69 5.00
CA ALA A 61 1.53 -10.73 4.06
C ALA A 61 0.80 -12.04 4.38
N GLN A 62 0.69 -12.36 5.67
CA GLN A 62 0.02 -13.59 6.08
C GLN A 62 -1.45 -13.57 5.68
N ILE A 63 -2.17 -12.54 6.11
CA ILE A 63 -3.60 -12.44 5.79
C ILE A 63 -3.80 -12.22 4.29
N LEU A 64 -3.01 -11.32 3.72
CA LEU A 64 -3.11 -11.02 2.30
C LEU A 64 -2.69 -12.23 1.46
N GLY A 65 -1.65 -12.92 1.92
CA GLY A 65 -1.15 -14.09 1.21
C GLY A 65 -2.25 -15.13 1.02
N GLN A 66 -3.08 -15.31 2.05
CA GLN A 66 -4.16 -16.28 1.97
C GLN A 66 -5.19 -15.84 0.92
N THR A 67 -5.36 -14.54 0.76
CA THR A 67 -6.32 -14.03 -0.22
C THR A 67 -5.92 -14.45 -1.63
N TYR A 68 -4.64 -14.26 -1.96
CA TYR A 68 -4.12 -14.64 -3.27
C TYR A 68 -3.51 -16.03 -3.24
N ASP A 69 -3.48 -16.64 -2.06
CA ASP A 69 -2.93 -17.97 -1.90
C ASP A 69 -1.54 -18.07 -2.52
N ALA A 70 -0.60 -17.29 -1.98
CA ALA A 70 0.78 -17.27 -2.48
C ALA A 70 1.76 -17.15 -1.32
N ASP A 71 3.01 -17.51 -1.57
CA ASP A 71 4.04 -17.46 -0.53
C ASP A 71 4.12 -16.03 0.07
N PRO A 72 3.76 -15.81 1.33
CA PRO A 72 3.84 -14.44 1.95
C PRO A 72 5.20 -13.76 1.71
N ALA A 73 6.25 -14.56 1.65
CA ALA A 73 7.60 -14.02 1.44
C ALA A 73 7.66 -13.09 0.24
N ILE A 74 6.93 -13.44 -0.81
CA ILE A 74 6.90 -12.63 -2.03
C ILE A 74 5.96 -11.44 -1.86
N ILE A 75 4.88 -11.66 -1.11
CA ILE A 75 3.88 -10.62 -0.87
C ILE A 75 4.49 -9.43 -0.13
N GLU A 76 5.26 -9.72 0.92
CA GLU A 76 5.89 -8.65 1.70
C GLU A 76 6.87 -7.88 0.81
N ALA A 77 7.66 -8.63 0.05
CA ALA A 77 8.64 -8.04 -0.86
C ALA A 77 7.96 -7.28 -1.99
N ASP A 78 6.68 -7.58 -2.23
CA ASP A 78 5.92 -6.93 -3.30
C ASP A 78 5.43 -5.55 -2.86
N ILE A 79 4.85 -5.48 -1.66
CA ILE A 79 4.32 -4.22 -1.12
C ILE A 79 5.45 -3.34 -0.58
N LEU A 80 6.48 -3.97 -0.02
CA LEU A 80 7.61 -3.22 0.52
C LEU A 80 8.08 -2.13 -0.47
N PRO A 81 8.49 -2.47 -1.67
CA PRO A 81 8.94 -1.47 -2.69
C PRO A 81 7.82 -0.50 -3.07
N MET A 82 6.58 -0.97 -2.98
CA MET A 82 5.43 -0.13 -3.33
C MET A 82 5.32 1.03 -2.34
N LEU A 83 5.50 0.73 -1.05
CA LEU A 83 5.40 1.75 -0.02
C LEU A 83 6.48 2.81 -0.21
N ALA A 84 7.69 2.37 -0.53
CA ALA A 84 8.80 3.29 -0.75
C ALA A 84 8.51 4.18 -1.95
N GLY A 85 7.88 3.60 -2.97
CA GLY A 85 7.55 4.35 -4.19
C GLY A 85 6.53 5.45 -3.89
N LEU A 86 5.54 5.12 -3.06
CA LEU A 86 4.51 6.09 -2.70
C LEU A 86 5.11 7.20 -1.84
N ALA A 87 6.04 6.83 -0.98
CA ALA A 87 6.69 7.80 -0.10
C ALA A 87 7.25 8.97 -0.91
N GLN A 88 7.76 8.66 -2.09
CA GLN A 88 8.32 9.69 -2.97
C GLN A 88 7.25 10.71 -3.35
N LYS A 89 5.98 10.29 -3.28
CA LYS A 89 4.86 11.16 -3.63
C LYS A 89 4.33 11.85 -2.37
N ARG A 90 4.90 11.49 -1.23
CA ARG A 90 4.48 12.08 0.04
C ARG A 90 3.00 11.87 0.27
N VAL A 91 2.61 10.60 0.48
CA VAL A 91 1.21 10.26 0.72
C VAL A 91 1.07 9.26 1.86
N LEU A 92 2.22 8.86 2.43
CA LEU A 92 2.24 7.91 3.55
C LEU A 92 2.56 8.62 4.84
N GLU A 93 2.48 7.87 5.92
CA GLU A 93 2.76 8.39 7.25
C GLU A 93 3.33 7.31 8.15
N ARG A 94 4.23 7.72 9.03
CA ARG A 94 4.86 6.80 9.98
C ARG A 94 5.59 7.60 11.06
N MET A 1 18.20 8.18 -5.11
CA MET A 1 18.74 9.36 -4.39
C MET A 1 18.38 9.25 -2.92
N GLU A 2 18.97 8.27 -2.23
CA GLU A 2 18.69 8.07 -0.80
C GLU A 2 17.18 8.03 -0.55
N PRO A 3 16.49 7.05 -1.10
CA PRO A 3 15.01 6.91 -0.92
C PRO A 3 14.64 6.41 0.48
N THR A 4 13.35 6.47 0.80
CA THR A 4 12.87 6.01 2.11
C THR A 4 12.77 4.50 2.15
N ALA A 5 13.89 3.85 2.48
CA ALA A 5 13.94 2.39 2.54
C ALA A 5 13.23 1.90 3.80
N PHE A 6 11.99 1.44 3.64
CA PHE A 6 11.21 0.94 4.77
C PHE A 6 11.63 -0.49 5.11
N SER A 7 11.72 -0.77 6.41
CA SER A 7 12.11 -2.10 6.89
C SER A 7 10.89 -2.98 7.14
N GLY A 8 11.12 -4.17 7.68
CA GLY A 8 10.02 -5.09 7.96
C GLY A 8 9.15 -4.57 9.10
N SER A 9 9.79 -3.99 10.10
CA SER A 9 9.07 -3.45 11.27
C SER A 9 8.29 -2.20 10.89
N ASP A 10 8.64 -1.60 9.75
CA ASP A 10 7.95 -0.41 9.29
C ASP A 10 6.51 -0.76 8.94
N VAL A 11 5.58 0.15 9.24
CA VAL A 11 4.16 -0.07 8.93
C VAL A 11 3.57 1.14 8.18
N PRO A 12 3.05 0.98 6.97
CA PRO A 12 2.47 2.13 6.22
C PRO A 12 1.07 2.49 6.75
N ARG A 13 0.71 3.77 6.64
CA ARG A 13 -0.60 4.26 7.09
C ARG A 13 -1.03 5.43 6.23
N LEU A 14 -2.32 5.46 5.88
CA LEU A 14 -2.86 6.54 5.06
C LEU A 14 -2.93 7.85 5.86
N PRO A 15 -2.22 8.90 5.45
CA PRO A 15 -2.25 10.20 6.19
C PRO A 15 -3.54 10.98 5.91
N ARG A 16 -3.85 11.92 6.80
CA ARG A 16 -5.04 12.74 6.63
C ARG A 16 -5.06 13.41 5.26
N GLY A 17 -6.25 13.62 4.72
CA GLY A 17 -6.39 14.26 3.40
C GLY A 17 -6.20 13.25 2.29
N VAL A 18 -6.12 11.96 2.65
CA VAL A 18 -5.96 10.88 1.68
C VAL A 18 -6.93 9.75 1.96
N ARG A 19 -7.73 9.40 0.96
CA ARG A 19 -8.73 8.33 1.08
C ARG A 19 -8.73 7.47 -0.17
N LEU A 20 -9.22 6.25 -0.04
CA LEU A 20 -9.27 5.32 -1.16
C LEU A 20 -10.65 5.38 -1.83
N ARG A 21 -10.68 5.95 -3.03
CA ARG A 21 -11.93 6.08 -3.78
C ARG A 21 -12.13 4.86 -4.67
N PHE A 22 -13.36 4.35 -4.72
CA PHE A 22 -13.67 3.18 -5.53
C PHE A 22 -14.24 3.62 -6.87
N ASP A 23 -13.38 3.62 -7.89
CA ASP A 23 -13.78 4.02 -9.24
C ASP A 23 -14.32 2.81 -10.01
N GLU A 24 -15.61 2.58 -9.91
CA GLU A 24 -16.24 1.46 -10.60
C GLU A 24 -16.07 1.61 -12.11
N VAL A 25 -16.10 2.86 -12.57
CA VAL A 25 -15.96 3.13 -14.01
C VAL A 25 -14.59 2.69 -14.49
N ARG A 26 -13.55 2.96 -13.68
CA ARG A 26 -12.19 2.60 -14.05
C ARG A 26 -11.94 1.12 -13.76
N ASN A 27 -12.80 0.53 -12.93
CA ASN A 27 -12.70 -0.88 -12.56
C ASN A 27 -11.50 -1.12 -11.65
N LYS A 28 -10.92 -0.05 -11.13
CA LYS A 28 -9.77 -0.14 -10.22
C LYS A 28 -9.84 0.96 -9.18
N HIS A 29 -9.07 0.79 -8.11
CA HIS A 29 -9.03 1.77 -7.02
C HIS A 29 -7.97 2.81 -7.31
N VAL A 30 -8.08 3.96 -6.64
CA VAL A 30 -7.13 5.05 -6.81
C VAL A 30 -6.86 5.73 -5.48
N LEU A 31 -5.71 6.38 -5.37
CA LEU A 31 -5.34 7.09 -4.13
C LEU A 31 -5.60 8.58 -4.31
N LEU A 32 -6.40 9.14 -3.41
CA LEU A 32 -6.70 10.57 -3.47
C LEU A 32 -5.54 11.36 -2.88
N ALA A 33 -4.64 11.84 -3.75
CA ALA A 33 -3.48 12.60 -3.28
C ALA A 33 -3.80 14.11 -3.31
N PRO A 34 -3.25 14.91 -2.41
CA PRO A 34 -3.51 16.39 -2.42
C PRO A 34 -3.30 17.02 -3.80
N GLU A 35 -2.27 16.54 -4.52
CA GLU A 35 -1.95 17.10 -5.82
C GLU A 35 -2.97 16.65 -6.87
N ARG A 36 -3.19 15.33 -6.96
CA ARG A 36 -4.13 14.78 -7.94
C ARG A 36 -4.28 13.28 -7.76
N THR A 37 -5.42 12.75 -8.16
CA THR A 37 -5.67 11.33 -8.06
C THR A 37 -4.76 10.56 -9.02
N PHE A 38 -4.09 9.53 -8.49
CA PHE A 38 -3.17 8.72 -9.30
C PHE A 38 -3.80 7.36 -9.62
N ASP A 39 -3.54 6.87 -10.82
CA ASP A 39 -4.06 5.58 -11.25
C ASP A 39 -3.31 4.46 -10.55
N LEU A 40 -4.02 3.67 -9.74
CA LEU A 40 -3.41 2.56 -9.00
C LEU A 40 -4.25 1.30 -9.16
N ASP A 41 -3.60 0.16 -8.98
CA ASP A 41 -4.27 -1.13 -9.12
C ASP A 41 -4.98 -1.49 -7.82
N ASP A 42 -6.10 -2.19 -7.95
CA ASP A 42 -6.87 -2.60 -6.79
C ASP A 42 -6.03 -3.49 -5.87
N ASN A 43 -5.18 -4.32 -6.46
CA ASN A 43 -4.34 -5.22 -5.69
C ASN A 43 -3.36 -4.43 -4.82
N ALA A 44 -2.80 -3.36 -5.38
CA ALA A 44 -1.85 -2.53 -4.65
C ALA A 44 -2.56 -1.73 -3.56
N VAL A 45 -3.76 -1.24 -3.87
CA VAL A 45 -4.54 -0.46 -2.92
C VAL A 45 -5.21 -1.39 -1.90
N ALA A 46 -5.50 -2.60 -2.33
CA ALA A 46 -6.15 -3.57 -1.45
C ALA A 46 -5.34 -3.76 -0.18
N VAL A 47 -4.02 -3.73 -0.32
CA VAL A 47 -3.13 -3.90 0.82
C VAL A 47 -3.38 -2.81 1.86
N LEU A 48 -3.46 -1.57 1.39
CA LEU A 48 -3.68 -0.43 2.29
C LEU A 48 -5.11 -0.44 2.82
N LYS A 49 -6.03 -1.00 2.03
CA LYS A 49 -7.44 -1.06 2.42
C LYS A 49 -7.70 -2.24 3.35
N LEU A 50 -6.90 -3.29 3.22
CA LEU A 50 -7.08 -4.48 4.05
C LEU A 50 -6.71 -4.18 5.50
N VAL A 51 -5.73 -3.30 5.67
CA VAL A 51 -5.29 -2.92 7.01
C VAL A 51 -6.30 -1.95 7.65
N ASP A 52 -6.72 -2.27 8.87
CA ASP A 52 -7.66 -1.42 9.59
C ASP A 52 -7.00 -0.10 9.99
N GLY A 53 -5.76 -0.19 10.50
CA GLY A 53 -5.00 1.00 10.91
C GLY A 53 -3.51 0.80 10.64
N ARG A 54 -2.77 0.35 11.65
CA ARG A 54 -1.32 0.11 11.50
C ARG A 54 -1.01 -1.37 11.64
N ASN A 55 -0.75 -2.03 10.51
CA ASN A 55 -0.38 -3.45 10.49
C ASN A 55 1.03 -3.62 9.92
N THR A 56 1.79 -4.55 10.47
CA THR A 56 3.14 -4.82 9.99
C THR A 56 3.08 -5.66 8.72
N VAL A 57 3.96 -5.37 7.77
CA VAL A 57 3.97 -6.10 6.51
C VAL A 57 4.01 -7.61 6.76
N SER A 58 4.76 -8.01 7.77
CA SER A 58 4.85 -9.42 8.12
C SER A 58 3.47 -10.00 8.42
N GLN A 59 2.69 -9.26 9.21
CA GLN A 59 1.35 -9.72 9.57
C GLN A 59 0.44 -9.76 8.35
N ILE A 60 0.47 -8.69 7.57
CA ILE A 60 -0.35 -8.63 6.36
C ILE A 60 0.01 -9.76 5.41
N ALA A 61 1.31 -9.98 5.25
CA ALA A 61 1.79 -11.02 4.36
C ALA A 61 1.15 -12.36 4.68
N GLN A 62 0.98 -12.65 5.96
CA GLN A 62 0.37 -13.90 6.37
C GLN A 62 -1.08 -14.00 5.87
N ILE A 63 -1.87 -12.99 6.18
CA ILE A 63 -3.27 -12.98 5.77
C ILE A 63 -3.40 -12.92 4.25
N LEU A 64 -2.69 -11.97 3.64
CA LEU A 64 -2.74 -11.80 2.19
C LEU A 64 -2.07 -12.97 1.48
N GLY A 65 -0.97 -13.46 2.06
CA GLY A 65 -0.25 -14.58 1.47
C GLY A 65 -1.16 -15.77 1.24
N GLN A 66 -2.02 -16.05 2.21
CA GLN A 66 -2.95 -17.17 2.10
C GLN A 66 -3.95 -16.92 0.96
N THR A 67 -4.27 -15.66 0.73
CA THR A 67 -5.22 -15.31 -0.32
C THR A 67 -4.71 -15.75 -1.69
N TYR A 68 -3.43 -15.44 -1.95
CA TYR A 68 -2.80 -15.81 -3.23
C TYR A 68 -2.12 -17.17 -3.13
N ASP A 69 -2.24 -17.80 -1.95
CA ASP A 69 -1.64 -19.11 -1.75
C ASP A 69 -0.15 -19.09 -2.08
N ALA A 70 0.56 -18.14 -1.50
CA ALA A 70 2.01 -18.00 -1.74
C ALA A 70 2.72 -17.59 -0.47
N ASP A 71 4.03 -17.85 -0.42
CA ASP A 71 4.82 -17.52 0.76
C ASP A 71 4.67 -16.03 1.10
N PRO A 72 4.66 -15.67 2.37
CA PRO A 72 4.51 -14.23 2.80
C PRO A 72 5.72 -13.38 2.40
N ALA A 73 6.88 -14.02 2.34
CA ALA A 73 8.11 -13.31 1.99
C ALA A 73 7.96 -12.59 0.67
N ILE A 74 7.24 -13.20 -0.24
CA ILE A 74 7.03 -12.61 -1.55
C ILE A 74 6.11 -11.39 -1.48
N ILE A 75 5.03 -11.51 -0.70
CA ILE A 75 4.07 -10.42 -0.57
C ILE A 75 4.71 -9.18 0.04
N GLU A 76 5.37 -9.36 1.18
CA GLU A 76 5.98 -8.23 1.87
C GLU A 76 7.00 -7.56 0.96
N ALA A 77 7.81 -8.37 0.30
CA ALA A 77 8.84 -7.86 -0.60
C ALA A 77 8.20 -7.21 -1.83
N ASP A 78 6.96 -7.61 -2.14
CA ASP A 78 6.24 -7.07 -3.31
C ASP A 78 5.64 -5.69 -3.01
N ILE A 79 4.96 -5.57 -1.86
CA ILE A 79 4.32 -4.31 -1.48
C ILE A 79 5.35 -3.26 -1.10
N LEU A 80 6.39 -3.67 -0.37
CA LEU A 80 7.45 -2.75 0.05
C LEU A 80 7.84 -1.79 -1.12
N PRO A 81 8.32 -2.32 -2.23
CA PRO A 81 8.67 -1.48 -3.42
C PRO A 81 7.65 -0.36 -3.66
N MET A 82 6.38 -0.69 -3.50
CA MET A 82 5.31 0.27 -3.72
C MET A 82 5.38 1.40 -2.70
N LEU A 83 5.68 1.05 -1.46
CA LEU A 83 5.77 2.04 -0.39
C LEU A 83 6.85 3.06 -0.72
N ALA A 84 7.97 2.57 -1.26
CA ALA A 84 9.07 3.46 -1.61
C ALA A 84 8.62 4.43 -2.70
N GLY A 85 7.82 3.94 -3.64
CA GLY A 85 7.33 4.76 -4.74
C GLY A 85 6.33 5.81 -4.24
N LEU A 86 5.49 5.41 -3.30
CA LEU A 86 4.48 6.33 -2.75
C LEU A 86 5.14 7.47 -1.97
N ALA A 87 6.18 7.14 -1.23
CA ALA A 87 6.89 8.14 -0.44
C ALA A 87 7.33 9.31 -1.32
N GLN A 88 7.57 9.02 -2.59
CA GLN A 88 7.99 10.05 -3.54
C GLN A 88 6.92 11.13 -3.68
N LYS A 89 5.66 10.76 -3.44
CA LYS A 89 4.53 11.69 -3.56
C LYS A 89 4.22 12.32 -2.22
N ARG A 90 4.94 11.89 -1.19
CA ARG A 90 4.75 12.41 0.16
C ARG A 90 3.37 12.02 0.69
N VAL A 91 2.80 10.96 0.14
CA VAL A 91 1.48 10.50 0.56
C VAL A 91 1.62 9.41 1.61
N LEU A 92 2.86 8.99 1.88
CA LEU A 92 3.13 7.94 2.85
C LEU A 92 3.78 8.53 4.11
N GLU A 93 3.14 8.33 5.25
CA GLU A 93 3.63 8.82 6.54
C GLU A 93 4.28 7.69 7.32
N ARG A 94 4.86 8.03 8.46
CA ARG A 94 5.52 7.05 9.30
C ARG A 94 5.80 7.68 10.67
#